data_5YAW
# 
_entry.id   5YAW 
# 
_audit_conform.dict_name       mmcif_pdbx.dic 
_audit_conform.dict_version    5.387 
_audit_conform.dict_location   http://mmcif.pdb.org/dictionaries/ascii/mmcif_pdbx.dic 
# 
loop_
_database_2.database_id 
_database_2.database_code 
_database_2.pdbx_database_accession 
_database_2.pdbx_DOI 
PDB   5YAW         pdb_00005yaw 10.2210/pdb5yaw/pdb 
WWPDB D_1300004900 ?            ?                   
# 
loop_
_pdbx_audit_revision_history.ordinal 
_pdbx_audit_revision_history.data_content_type 
_pdbx_audit_revision_history.major_revision 
_pdbx_audit_revision_history.minor_revision 
_pdbx_audit_revision_history.revision_date 
1 'Structure model' 1 0 2018-09-05 
2 'Structure model' 1 1 2024-03-27 
# 
_pdbx_audit_revision_details.ordinal             1 
_pdbx_audit_revision_details.revision_ordinal    1 
_pdbx_audit_revision_details.data_content_type   'Structure model' 
_pdbx_audit_revision_details.provider            repository 
_pdbx_audit_revision_details.type                'Initial release' 
_pdbx_audit_revision_details.description         ? 
_pdbx_audit_revision_details.details             ? 
# 
loop_
_pdbx_audit_revision_group.ordinal 
_pdbx_audit_revision_group.revision_ordinal 
_pdbx_audit_revision_group.data_content_type 
_pdbx_audit_revision_group.group 
1 2 'Structure model' 'Data collection'     
2 2 'Structure model' 'Database references' 
# 
loop_
_pdbx_audit_revision_category.ordinal 
_pdbx_audit_revision_category.revision_ordinal 
_pdbx_audit_revision_category.data_content_type 
_pdbx_audit_revision_category.category 
1 2 'Structure model' chem_comp_atom 
2 2 'Structure model' chem_comp_bond 
3 2 'Structure model' database_2     
# 
loop_
_pdbx_audit_revision_item.ordinal 
_pdbx_audit_revision_item.revision_ordinal 
_pdbx_audit_revision_item.data_content_type 
_pdbx_audit_revision_item.item 
1 2 'Structure model' '_database_2.pdbx_DOI'                
2 2 'Structure model' '_database_2.pdbx_database_accession' 
# 
_pdbx_database_status.status_code                     REL 
_pdbx_database_status.status_code_sf                  REL 
_pdbx_database_status.status_code_mr                  ? 
_pdbx_database_status.entry_id                        5YAW 
_pdbx_database_status.recvd_initial_deposition_date   2017-09-01 
_pdbx_database_status.SG_entry                        N 
_pdbx_database_status.deposit_site                    PDBJ 
_pdbx_database_status.process_site                    PDBJ 
_pdbx_database_status.status_code_cs                  ? 
_pdbx_database_status.methods_development_category    ? 
_pdbx_database_status.pdb_format_compatible           Y 
_pdbx_database_status.status_code_nmr_data            ? 
# 
loop_
_audit_author.name 
_audit_author.pdbx_ordinal 
_audit_author.identifier_ORCID 
'Bing, X.'    1 ? 
'Yanlian, L.' 2 ? 
'Danyan, C.'  3 ? 
# 
_citation.abstract                  ? 
_citation.abstract_id_CAS           ? 
_citation.book_id_ISBN              ? 
_citation.book_publisher            ? 
_citation.book_publisher_city       ? 
_citation.book_title                ? 
_citation.coordinate_linkage        ? 
_citation.country                   ? 
_citation.database_id_Medline       ? 
_citation.details                   ? 
_citation.id                        primary 
_citation.journal_abbrev            'To Be Published' 
_citation.journal_id_ASTM           ? 
_citation.journal_id_CSD            0353 
_citation.journal_id_ISSN           ? 
_citation.journal_full              ? 
_citation.journal_issue             ? 
_citation.journal_volume            ? 
_citation.language                  ? 
_citation.page_first                ? 
_citation.page_last                 ? 
_citation.title                     'Fragment-based Drug Discovery of inhibitors to block PDEdelta-RAS protein-protein interaction' 
_citation.year                      ? 
_citation.database_id_CSD           ? 
_citation.pdbx_database_id_DOI      ? 
_citation.pdbx_database_id_PubMed   ? 
_citation.unpublished_flag          ? 
# 
loop_
_citation_author.citation_id 
_citation_author.name 
_citation_author.ordinal 
_citation_author.identifier_ORCID 
primary 'Bing, X.'    1 ? 
primary 'Yanlian, L.' 2 ? 
primary 'Danyan, C.'  3 ? 
# 
loop_
_entity.id 
_entity.type 
_entity.src_method 
_entity.pdbx_description 
_entity.formula_weight 
_entity.pdbx_number_of_molecules 
_entity.pdbx_ec 
_entity.pdbx_mutation 
_entity.pdbx_fragment 
_entity.details 
1 polymer     man 
;Retinal rod rhodopsin-sensitive cGMP 3',5'-cyclic phosphodiesterase subunit delta
;
17440.990 1   ? ? ? ? 
2 non-polymer syn '3-[(4-methoxyphenyl)methylsulfanyl]-5-(2-methylpropyl)-4-(phenylmethyl)-1,2,4-triazole' 367.508   1   ? ? ? ? 
3 water       nat water                                                                                    18.015    125 ? ? ? ? 
# 
_entity_name_com.entity_id   1 
_entity_name_com.name        'GMP-PDE delta,Protein p17' 
# 
_entity_poly.entity_id                      1 
_entity_poly.type                           'polypeptide(L)' 
_entity_poly.nstd_linkage                   no 
_entity_poly.nstd_monomer                   no 
_entity_poly.pdbx_seq_one_letter_code       
;MSAKDERAREILRGFKLNWMNLRDAETGKILWQGTEDLSVPGVEHEARVPKKILKCKAVSRELNFSSTEQMEKFRLEQKV
YFKGQCLEEWFFEFGFVIPNSTNTWQSLIEAAPESQMMPASVLTGNVIIETKFFDDDLLVSTSRVRLFYV
;
_entity_poly.pdbx_seq_one_letter_code_can   
;MSAKDERAREILRGFKLNWMNLRDAETGKILWQGTEDLSVPGVEHEARVPKKILKCKAVSRELNFSSTEQMEKFRLEQKV
YFKGQCLEEWFFEFGFVIPNSTNTWQSLIEAAPESQMMPASVLTGNVIIETKFFDDDLLVSTSRVRLFYV
;
_entity_poly.pdbx_strand_id                 B 
_entity_poly.pdbx_target_identifier         ? 
# 
loop_
_pdbx_entity_nonpoly.entity_id 
_pdbx_entity_nonpoly.name 
_pdbx_entity_nonpoly.comp_id 
2 '3-[(4-methoxyphenyl)methylsulfanyl]-5-(2-methylpropyl)-4-(phenylmethyl)-1,2,4-triazole' 8SL 
3 water                                                                                    HOH 
# 
loop_
_entity_poly_seq.entity_id 
_entity_poly_seq.num 
_entity_poly_seq.mon_id 
_entity_poly_seq.hetero 
1 1   MET n 
1 2   SER n 
1 3   ALA n 
1 4   LYS n 
1 5   ASP n 
1 6   GLU n 
1 7   ARG n 
1 8   ALA n 
1 9   ARG n 
1 10  GLU n 
1 11  ILE n 
1 12  LEU n 
1 13  ARG n 
1 14  GLY n 
1 15  PHE n 
1 16  LYS n 
1 17  LEU n 
1 18  ASN n 
1 19  TRP n 
1 20  MET n 
1 21  ASN n 
1 22  LEU n 
1 23  ARG n 
1 24  ASP n 
1 25  ALA n 
1 26  GLU n 
1 27  THR n 
1 28  GLY n 
1 29  LYS n 
1 30  ILE n 
1 31  LEU n 
1 32  TRP n 
1 33  GLN n 
1 34  GLY n 
1 35  THR n 
1 36  GLU n 
1 37  ASP n 
1 38  LEU n 
1 39  SER n 
1 40  VAL n 
1 41  PRO n 
1 42  GLY n 
1 43  VAL n 
1 44  GLU n 
1 45  HIS n 
1 46  GLU n 
1 47  ALA n 
1 48  ARG n 
1 49  VAL n 
1 50  PRO n 
1 51  LYS n 
1 52  LYS n 
1 53  ILE n 
1 54  LEU n 
1 55  LYS n 
1 56  CYS n 
1 57  LYS n 
1 58  ALA n 
1 59  VAL n 
1 60  SER n 
1 61  ARG n 
1 62  GLU n 
1 63  LEU n 
1 64  ASN n 
1 65  PHE n 
1 66  SER n 
1 67  SER n 
1 68  THR n 
1 69  GLU n 
1 70  GLN n 
1 71  MET n 
1 72  GLU n 
1 73  LYS n 
1 74  PHE n 
1 75  ARG n 
1 76  LEU n 
1 77  GLU n 
1 78  GLN n 
1 79  LYS n 
1 80  VAL n 
1 81  TYR n 
1 82  PHE n 
1 83  LYS n 
1 84  GLY n 
1 85  GLN n 
1 86  CYS n 
1 87  LEU n 
1 88  GLU n 
1 89  GLU n 
1 90  TRP n 
1 91  PHE n 
1 92  PHE n 
1 93  GLU n 
1 94  PHE n 
1 95  GLY n 
1 96  PHE n 
1 97  VAL n 
1 98  ILE n 
1 99  PRO n 
1 100 ASN n 
1 101 SER n 
1 102 THR n 
1 103 ASN n 
1 104 THR n 
1 105 TRP n 
1 106 GLN n 
1 107 SER n 
1 108 LEU n 
1 109 ILE n 
1 110 GLU n 
1 111 ALA n 
1 112 ALA n 
1 113 PRO n 
1 114 GLU n 
1 115 SER n 
1 116 GLN n 
1 117 MET n 
1 118 MET n 
1 119 PRO n 
1 120 ALA n 
1 121 SER n 
1 122 VAL n 
1 123 LEU n 
1 124 THR n 
1 125 GLY n 
1 126 ASN n 
1 127 VAL n 
1 128 ILE n 
1 129 ILE n 
1 130 GLU n 
1 131 THR n 
1 132 LYS n 
1 133 PHE n 
1 134 PHE n 
1 135 ASP n 
1 136 ASP n 
1 137 ASP n 
1 138 LEU n 
1 139 LEU n 
1 140 VAL n 
1 141 SER n 
1 142 THR n 
1 143 SER n 
1 144 ARG n 
1 145 VAL n 
1 146 ARG n 
1 147 LEU n 
1 148 PHE n 
1 149 TYR n 
1 150 VAL n 
# 
_entity_src_gen.entity_id                          1 
_entity_src_gen.pdbx_src_id                        1 
_entity_src_gen.pdbx_alt_source_flag               sample 
_entity_src_gen.pdbx_seq_type                      'Biological sequence' 
_entity_src_gen.pdbx_beg_seq_num                   1 
_entity_src_gen.pdbx_end_seq_num                   150 
_entity_src_gen.gene_src_common_name               Human 
_entity_src_gen.gene_src_genus                     ? 
_entity_src_gen.pdbx_gene_src_gene                 'PDE6D, PDED' 
_entity_src_gen.gene_src_species                   ? 
_entity_src_gen.gene_src_strain                    ? 
_entity_src_gen.gene_src_tissue                    ? 
_entity_src_gen.gene_src_tissue_fraction           ? 
_entity_src_gen.gene_src_details                   ? 
_entity_src_gen.pdbx_gene_src_fragment             ? 
_entity_src_gen.pdbx_gene_src_scientific_name      'Homo sapiens' 
_entity_src_gen.pdbx_gene_src_ncbi_taxonomy_id     9606 
_entity_src_gen.pdbx_gene_src_variant              ? 
_entity_src_gen.pdbx_gene_src_cell_line            ? 
_entity_src_gen.pdbx_gene_src_atcc                 ? 
_entity_src_gen.pdbx_gene_src_organ                ? 
_entity_src_gen.pdbx_gene_src_organelle            ? 
_entity_src_gen.pdbx_gene_src_cell                 ? 
_entity_src_gen.pdbx_gene_src_cellular_location    ? 
_entity_src_gen.host_org_common_name               ? 
_entity_src_gen.pdbx_host_org_scientific_name      'Escherichia coli' 
_entity_src_gen.pdbx_host_org_ncbi_taxonomy_id     562 
_entity_src_gen.host_org_genus                     ? 
_entity_src_gen.pdbx_host_org_gene                 ? 
_entity_src_gen.pdbx_host_org_organ                ? 
_entity_src_gen.host_org_species                   ? 
_entity_src_gen.pdbx_host_org_tissue               ? 
_entity_src_gen.pdbx_host_org_tissue_fraction      ? 
_entity_src_gen.pdbx_host_org_strain               ? 
_entity_src_gen.pdbx_host_org_variant              ? 
_entity_src_gen.pdbx_host_org_cell_line            ? 
_entity_src_gen.pdbx_host_org_atcc                 ? 
_entity_src_gen.pdbx_host_org_culture_collection   ? 
_entity_src_gen.pdbx_host_org_cell                 ? 
_entity_src_gen.pdbx_host_org_organelle            ? 
_entity_src_gen.pdbx_host_org_cellular_location    ? 
_entity_src_gen.pdbx_host_org_vector_type          ? 
_entity_src_gen.pdbx_host_org_vector               ? 
_entity_src_gen.host_org_details                   ? 
_entity_src_gen.expression_system_id               ? 
_entity_src_gen.plasmid_name                       ? 
_entity_src_gen.plasmid_details                    ? 
_entity_src_gen.pdbx_description                   ? 
# 
loop_
_chem_comp.id 
_chem_comp.type 
_chem_comp.mon_nstd_flag 
_chem_comp.name 
_chem_comp.pdbx_synonyms 
_chem_comp.formula 
_chem_comp.formula_weight 
8SL non-polymer         . '3-[(4-methoxyphenyl)methylsulfanyl]-5-(2-methylpropyl)-4-(phenylmethyl)-1,2,4-triazole' ? 
'C21 H25 N3 O S' 367.508 
ALA 'L-peptide linking' y ALANINE                                                                                  ? 'C3 H7 N O2' 
89.093  
ARG 'L-peptide linking' y ARGININE                                                                                 ? 
'C6 H15 N4 O2 1' 175.209 
ASN 'L-peptide linking' y ASPARAGINE                                                                               ? 'C4 H8 N2 O3' 
132.118 
ASP 'L-peptide linking' y 'ASPARTIC ACID'                                                                          ? 'C4 H7 N O4' 
133.103 
CYS 'L-peptide linking' y CYSTEINE                                                                                 ? 
'C3 H7 N O2 S'   121.158 
GLN 'L-peptide linking' y GLUTAMINE                                                                                ? 
'C5 H10 N2 O3'   146.144 
GLU 'L-peptide linking' y 'GLUTAMIC ACID'                                                                          ? 'C5 H9 N O4' 
147.129 
GLY 'peptide linking'   y GLYCINE                                                                                  ? 'C2 H5 N O2' 
75.067  
HIS 'L-peptide linking' y HISTIDINE                                                                                ? 
'C6 H10 N3 O2 1' 156.162 
HOH non-polymer         . WATER                                                                                    ? 'H2 O' 18.015 
ILE 'L-peptide linking' y ISOLEUCINE                                                                               ? 'C6 H13 N O2' 
131.173 
LEU 'L-peptide linking' y LEUCINE                                                                                  ? 'C6 H13 N O2' 
131.173 
LYS 'L-peptide linking' y LYSINE                                                                                   ? 
'C6 H15 N2 O2 1' 147.195 
MET 'L-peptide linking' y METHIONINE                                                                               ? 
'C5 H11 N O2 S'  149.211 
PHE 'L-peptide linking' y PHENYLALANINE                                                                            ? 'C9 H11 N O2' 
165.189 
PRO 'L-peptide linking' y PROLINE                                                                                  ? 'C5 H9 N O2' 
115.130 
SER 'L-peptide linking' y SERINE                                                                                   ? 'C3 H7 N O3' 
105.093 
THR 'L-peptide linking' y THREONINE                                                                                ? 'C4 H9 N O3' 
119.119 
TRP 'L-peptide linking' y TRYPTOPHAN                                                                               ? 
'C11 H12 N2 O2'  204.225 
TYR 'L-peptide linking' y TYROSINE                                                                                 ? 'C9 H11 N O3' 
181.189 
VAL 'L-peptide linking' y VALINE                                                                                   ? 'C5 H11 N O2' 
117.146 
# 
loop_
_pdbx_poly_seq_scheme.asym_id 
_pdbx_poly_seq_scheme.entity_id 
_pdbx_poly_seq_scheme.seq_id 
_pdbx_poly_seq_scheme.mon_id 
_pdbx_poly_seq_scheme.ndb_seq_num 
_pdbx_poly_seq_scheme.pdb_seq_num 
_pdbx_poly_seq_scheme.auth_seq_num 
_pdbx_poly_seq_scheme.pdb_mon_id 
_pdbx_poly_seq_scheme.auth_mon_id 
_pdbx_poly_seq_scheme.pdb_strand_id 
_pdbx_poly_seq_scheme.pdb_ins_code 
_pdbx_poly_seq_scheme.hetero 
A 1 1   MET 1   1   ?   ?   ?   B . n 
A 1 2   SER 2   2   2   SER SER B . n 
A 1 3   ALA 3   3   3   ALA ALA B . n 
A 1 4   LYS 4   4   4   LYS LYS B . n 
A 1 5   ASP 5   5   5   ASP ASP B . n 
A 1 6   GLU 6   6   6   GLU GLU B . n 
A 1 7   ARG 7   7   7   ARG ARG B . n 
A 1 8   ALA 8   8   8   ALA ALA B . n 
A 1 9   ARG 9   9   9   ARG ARG B . n 
A 1 10  GLU 10  10  10  GLU GLU B . n 
A 1 11  ILE 11  11  11  ILE ILE B . n 
A 1 12  LEU 12  12  12  LEU LEU B . n 
A 1 13  ARG 13  13  13  ARG ARG B . n 
A 1 14  GLY 14  14  14  GLY GLY B . n 
A 1 15  PHE 15  15  15  PHE PHE B . n 
A 1 16  LYS 16  16  16  LYS LYS B . n 
A 1 17  LEU 17  17  17  LEU LEU B . n 
A 1 18  ASN 18  18  18  ASN ASN B . n 
A 1 19  TRP 19  19  19  TRP TRP B . n 
A 1 20  MET 20  20  20  MET MET B . n 
A 1 21  ASN 21  21  21  ASN ASN B . n 
A 1 22  LEU 22  22  22  LEU LEU B . n 
A 1 23  ARG 23  23  23  ARG ARG B . n 
A 1 24  ASP 24  24  24  ASP ASP B . n 
A 1 25  ALA 25  25  25  ALA ALA B . n 
A 1 26  GLU 26  26  ?   ?   ?   B . n 
A 1 27  THR 27  27  27  THR THR B . n 
A 1 28  GLY 28  28  28  GLY GLY B . n 
A 1 29  LYS 29  29  29  LYS LYS B . n 
A 1 30  ILE 30  30  30  ILE ILE B . n 
A 1 31  LEU 31  31  31  LEU LEU B . n 
A 1 32  TRP 32  32  32  TRP TRP B . n 
A 1 33  GLN 33  33  33  GLN GLN B . n 
A 1 34  GLY 34  34  34  GLY GLY B . n 
A 1 35  THR 35  35  35  THR THR B . n 
A 1 36  GLU 36  36  36  GLU GLU B . n 
A 1 37  ASP 37  37  37  ASP ASP B . n 
A 1 38  LEU 38  38  38  LEU LEU B . n 
A 1 39  SER 39  39  39  SER SER B . n 
A 1 40  VAL 40  40  40  VAL VAL B . n 
A 1 41  PRO 41  41  41  PRO PRO B . n 
A 1 42  GLY 42  42  42  GLY GLY B . n 
A 1 43  VAL 43  43  43  VAL VAL B . n 
A 1 44  GLU 44  44  44  GLU GLU B . n 
A 1 45  HIS 45  45  45  HIS HIS B . n 
A 1 46  GLU 46  46  46  GLU GLU B . n 
A 1 47  ALA 47  47  47  ALA ALA B . n 
A 1 48  ARG 48  48  48  ARG ARG B . n 
A 1 49  VAL 49  49  49  VAL VAL B . n 
A 1 50  PRO 50  50  50  PRO PRO B . n 
A 1 51  LYS 51  51  51  LYS LYS B . n 
A 1 52  LYS 52  52  52  LYS LYS B . n 
A 1 53  ILE 53  53  53  ILE ILE B . n 
A 1 54  LEU 54  54  54  LEU LEU B . n 
A 1 55  LYS 55  55  55  LYS LYS B . n 
A 1 56  CYS 56  56  56  CYS CYS B . n 
A 1 57  LYS 57  57  57  LYS LYS B . n 
A 1 58  ALA 58  58  58  ALA ALA B . n 
A 1 59  VAL 59  59  59  VAL VAL B . n 
A 1 60  SER 60  60  60  SER SER B . n 
A 1 61  ARG 61  61  61  ARG ARG B . n 
A 1 62  GLU 62  62  62  GLU GLU B . n 
A 1 63  LEU 63  63  63  LEU LEU B . n 
A 1 64  ASN 64  64  64  ASN ASN B . n 
A 1 65  PHE 65  65  65  PHE PHE B . n 
A 1 66  SER 66  66  66  SER SER B . n 
A 1 67  SER 67  67  67  SER SER B . n 
A 1 68  THR 68  68  68  THR THR B . n 
A 1 69  GLU 69  69  69  GLU GLU B . n 
A 1 70  GLN 70  70  70  GLN GLN B . n 
A 1 71  MET 71  71  71  MET MET B . n 
A 1 72  GLU 72  72  72  GLU GLU B . n 
A 1 73  LYS 73  73  73  LYS LYS B . n 
A 1 74  PHE 74  74  74  PHE PHE B . n 
A 1 75  ARG 75  75  75  ARG ARG B . n 
A 1 76  LEU 76  76  76  LEU LEU B . n 
A 1 77  GLU 77  77  77  GLU GLU B . n 
A 1 78  GLN 78  78  78  GLN GLN B . n 
A 1 79  LYS 79  79  79  LYS LYS B . n 
A 1 80  VAL 80  80  80  VAL VAL B . n 
A 1 81  TYR 81  81  81  TYR TYR B . n 
A 1 82  PHE 82  82  82  PHE PHE B . n 
A 1 83  LYS 83  83  83  LYS LYS B . n 
A 1 84  GLY 84  84  84  GLY GLY B . n 
A 1 85  GLN 85  85  85  GLN GLN B . n 
A 1 86  CYS 86  86  86  CYS CYS B . n 
A 1 87  LEU 87  87  87  LEU LEU B . n 
A 1 88  GLU 88  88  88  GLU GLU B . n 
A 1 89  GLU 89  89  89  GLU GLU B . n 
A 1 90  TRP 90  90  90  TRP TRP B . n 
A 1 91  PHE 91  91  91  PHE PHE B . n 
A 1 92  PHE 92  92  92  PHE PHE B . n 
A 1 93  GLU 93  93  93  GLU GLU B . n 
A 1 94  PHE 94  94  94  PHE PHE B . n 
A 1 95  GLY 95  95  95  GLY GLY B . n 
A 1 96  PHE 96  96  96  PHE PHE B . n 
A 1 97  VAL 97  97  97  VAL VAL B . n 
A 1 98  ILE 98  98  98  ILE ILE B . n 
A 1 99  PRO 99  99  99  PRO PRO B . n 
A 1 100 ASN 100 100 100 ASN ASN B . n 
A 1 101 SER 101 101 101 SER SER B . n 
A 1 102 THR 102 102 102 THR THR B . n 
A 1 103 ASN 103 103 103 ASN ASN B . n 
A 1 104 THR 104 104 104 THR THR B . n 
A 1 105 TRP 105 105 105 TRP TRP B . n 
A 1 106 GLN 106 106 106 GLN GLN B . n 
A 1 107 SER 107 107 107 SER SER B . n 
A 1 108 LEU 108 108 108 LEU LEU B . n 
A 1 109 ILE 109 109 109 ILE ILE B . n 
A 1 110 GLU 110 110 110 GLU GLU B . n 
A 1 111 ALA 111 111 111 ALA ALA B . n 
A 1 112 ALA 112 112 112 ALA ALA B . n 
A 1 113 PRO 113 113 ?   ?   ?   B . n 
A 1 114 GLU 114 114 ?   ?   ?   B . n 
A 1 115 SER 115 115 115 SER SER B . n 
A 1 116 GLN 116 116 116 GLN GLN B . n 
A 1 117 MET 117 117 117 MET MET B . n 
A 1 118 MET 118 118 118 MET MET B . n 
A 1 119 PRO 119 119 119 PRO PRO B . n 
A 1 120 ALA 120 120 120 ALA ALA B . n 
A 1 121 SER 121 121 121 SER SER B . n 
A 1 122 VAL 122 122 122 VAL VAL B . n 
A 1 123 LEU 123 123 123 LEU LEU B . n 
A 1 124 THR 124 124 124 THR THR B . n 
A 1 125 GLY 125 125 125 GLY GLY B . n 
A 1 126 ASN 126 126 126 ASN ASN B . n 
A 1 127 VAL 127 127 127 VAL VAL B . n 
A 1 128 ILE 128 128 128 ILE ILE B . n 
A 1 129 ILE 129 129 129 ILE ILE B . n 
A 1 130 GLU 130 130 130 GLU GLU B . n 
A 1 131 THR 131 131 131 THR THR B . n 
A 1 132 LYS 132 132 132 LYS LYS B . n 
A 1 133 PHE 133 133 133 PHE PHE B . n 
A 1 134 PHE 134 134 134 PHE PHE B . n 
A 1 135 ASP 135 135 135 ASP ASP B . n 
A 1 136 ASP 136 136 136 ASP ASP B . n 
A 1 137 ASP 137 137 137 ASP ASP B . n 
A 1 138 LEU 138 138 138 LEU LEU B . n 
A 1 139 LEU 139 139 139 LEU LEU B . n 
A 1 140 VAL 140 140 140 VAL VAL B . n 
A 1 141 SER 141 141 141 SER SER B . n 
A 1 142 THR 142 142 142 THR THR B . n 
A 1 143 SER 143 143 143 SER SER B . n 
A 1 144 ARG 144 144 144 ARG ARG B . n 
A 1 145 VAL 145 145 145 VAL VAL B . n 
A 1 146 ARG 146 146 146 ARG ARG B . n 
A 1 147 LEU 147 147 147 LEU LEU B . n 
A 1 148 PHE 148 148 148 PHE PHE B . n 
A 1 149 TYR 149 149 149 TYR TYR B . n 
A 1 150 VAL 150 150 150 VAL VAL B . n 
# 
loop_
_pdbx_nonpoly_scheme.asym_id 
_pdbx_nonpoly_scheme.entity_id 
_pdbx_nonpoly_scheme.mon_id 
_pdbx_nonpoly_scheme.ndb_seq_num 
_pdbx_nonpoly_scheme.pdb_seq_num 
_pdbx_nonpoly_scheme.auth_seq_num 
_pdbx_nonpoly_scheme.pdb_mon_id 
_pdbx_nonpoly_scheme.auth_mon_id 
_pdbx_nonpoly_scheme.pdb_strand_id 
_pdbx_nonpoly_scheme.pdb_ins_code 
B 2 8SL 1   201 1   8SL LIG B . 
C 3 HOH 1   301 92  HOH HOH B . 
C 3 HOH 2   302 93  HOH HOH B . 
C 3 HOH 3   303 47  HOH HOH B . 
C 3 HOH 4   304 112 HOH HOH B . 
C 3 HOH 5   305 91  HOH HOH B . 
C 3 HOH 6   306 94  HOH HOH B . 
C 3 HOH 7   307 76  HOH HOH B . 
C 3 HOH 8   308 1   HOH HOH B . 
C 3 HOH 9   309 79  HOH HOH B . 
C 3 HOH 10  310 120 HOH HOH B . 
C 3 HOH 11  311 97  HOH HOH B . 
C 3 HOH 12  312 56  HOH HOH B . 
C 3 HOH 13  313 32  HOH HOH B . 
C 3 HOH 14  314 25  HOH HOH B . 
C 3 HOH 15  315 118 HOH HOH B . 
C 3 HOH 16  316 75  HOH HOH B . 
C 3 HOH 17  317 17  HOH HOH B . 
C 3 HOH 18  318 20  HOH HOH B . 
C 3 HOH 19  319 115 HOH HOH B . 
C 3 HOH 20  320 44  HOH HOH B . 
C 3 HOH 21  321 5   HOH HOH B . 
C 3 HOH 22  322 83  HOH HOH B . 
C 3 HOH 23  323 11  HOH HOH B . 
C 3 HOH 24  324 74  HOH HOH B . 
C 3 HOH 25  325 55  HOH HOH B . 
C 3 HOH 26  326 45  HOH HOH B . 
C 3 HOH 27  327 122 HOH HOH B . 
C 3 HOH 28  328 38  HOH HOH B . 
C 3 HOH 29  329 37  HOH HOH B . 
C 3 HOH 30  330 57  HOH HOH B . 
C 3 HOH 31  331 67  HOH HOH B . 
C 3 HOH 32  332 61  HOH HOH B . 
C 3 HOH 33  333 3   HOH HOH B . 
C 3 HOH 34  334 41  HOH HOH B . 
C 3 HOH 35  335 116 HOH HOH B . 
C 3 HOH 36  336 21  HOH HOH B . 
C 3 HOH 37  337 86  HOH HOH B . 
C 3 HOH 38  338 113 HOH HOH B . 
C 3 HOH 39  339 22  HOH HOH B . 
C 3 HOH 40  340 36  HOH HOH B . 
C 3 HOH 41  341 63  HOH HOH B . 
C 3 HOH 42  342 82  HOH HOH B . 
C 3 HOH 43  343 69  HOH HOH B . 
C 3 HOH 44  344 111 HOH HOH B . 
C 3 HOH 45  345 49  HOH HOH B . 
C 3 HOH 46  346 7   HOH HOH B . 
C 3 HOH 47  347 66  HOH HOH B . 
C 3 HOH 48  348 58  HOH HOH B . 
C 3 HOH 49  349 33  HOH HOH B . 
C 3 HOH 50  350 15  HOH HOH B . 
C 3 HOH 51  351 14  HOH HOH B . 
C 3 HOH 52  352 27  HOH HOH B . 
C 3 HOH 53  353 10  HOH HOH B . 
C 3 HOH 54  354 28  HOH HOH B . 
C 3 HOH 55  355 12  HOH HOH B . 
C 3 HOH 56  356 125 HOH HOH B . 
C 3 HOH 57  357 95  HOH HOH B . 
C 3 HOH 58  358 4   HOH HOH B . 
C 3 HOH 59  359 73  HOH HOH B . 
C 3 HOH 60  360 16  HOH HOH B . 
C 3 HOH 61  361 70  HOH HOH B . 
C 3 HOH 62  362 68  HOH HOH B . 
C 3 HOH 63  363 8   HOH HOH B . 
C 3 HOH 64  364 34  HOH HOH B . 
C 3 HOH 65  365 30  HOH HOH B . 
C 3 HOH 66  366 71  HOH HOH B . 
C 3 HOH 67  367 18  HOH HOH B . 
C 3 HOH 68  368 52  HOH HOH B . 
C 3 HOH 69  369 48  HOH HOH B . 
C 3 HOH 70  370 81  HOH HOH B . 
C 3 HOH 71  371 39  HOH HOH B . 
C 3 HOH 72  372 23  HOH HOH B . 
C 3 HOH 73  373 46  HOH HOH B . 
C 3 HOH 74  374 35  HOH HOH B . 
C 3 HOH 75  375 43  HOH HOH B . 
C 3 HOH 76  376 119 HOH HOH B . 
C 3 HOH 77  377 26  HOH HOH B . 
C 3 HOH 78  378 51  HOH HOH B . 
C 3 HOH 79  379 108 HOH HOH B . 
C 3 HOH 80  380 50  HOH HOH B . 
C 3 HOH 81  381 100 HOH HOH B . 
C 3 HOH 82  382 90  HOH HOH B . 
C 3 HOH 83  383 40  HOH HOH B . 
C 3 HOH 84  384 123 HOH HOH B . 
C 3 HOH 85  385 9   HOH HOH B . 
C 3 HOH 86  386 85  HOH HOH B . 
C 3 HOH 87  387 104 HOH HOH B . 
C 3 HOH 88  388 6   HOH HOH B . 
C 3 HOH 89  389 60  HOH HOH B . 
C 3 HOH 90  390 64  HOH HOH B . 
C 3 HOH 91  391 114 HOH HOH B . 
C 3 HOH 92  392 84  HOH HOH B . 
C 3 HOH 93  393 54  HOH HOH B . 
C 3 HOH 94  394 13  HOH HOH B . 
C 3 HOH 95  395 89  HOH HOH B . 
C 3 HOH 96  396 98  HOH HOH B . 
C 3 HOH 97  397 72  HOH HOH B . 
C 3 HOH 98  398 110 HOH HOH B . 
C 3 HOH 99  399 24  HOH HOH B . 
C 3 HOH 100 400 19  HOH HOH B . 
C 3 HOH 101 401 96  HOH HOH B . 
C 3 HOH 102 402 77  HOH HOH B . 
C 3 HOH 103 403 102 HOH HOH B . 
C 3 HOH 104 404 29  HOH HOH B . 
C 3 HOH 105 405 80  HOH HOH B . 
C 3 HOH 106 406 99  HOH HOH B . 
C 3 HOH 107 407 53  HOH HOH B . 
C 3 HOH 108 408 109 HOH HOH B . 
C 3 HOH 109 409 117 HOH HOH B . 
C 3 HOH 110 410 2   HOH HOH B . 
C 3 HOH 111 411 121 HOH HOH B . 
C 3 HOH 112 412 65  HOH HOH B . 
C 3 HOH 113 413 105 HOH HOH B . 
C 3 HOH 114 414 62  HOH HOH B . 
C 3 HOH 115 415 103 HOH HOH B . 
C 3 HOH 116 416 59  HOH HOH B . 
C 3 HOH 117 417 78  HOH HOH B . 
C 3 HOH 118 418 42  HOH HOH B . 
C 3 HOH 119 419 106 HOH HOH B . 
C 3 HOH 120 420 124 HOH HOH B . 
C 3 HOH 121 421 87  HOH HOH B . 
C 3 HOH 122 422 88  HOH HOH B . 
C 3 HOH 123 423 31  HOH HOH B . 
C 3 HOH 124 424 107 HOH HOH B . 
C 3 HOH 125 425 101 HOH HOH B . 
# 
loop_
_software.citation_id 
_software.classification 
_software.compiler_name 
_software.compiler_version 
_software.contact_author 
_software.contact_author_email 
_software.date 
_software.description 
_software.dependencies 
_software.hardware 
_software.language 
_software.location 
_software.mods 
_software.name 
_software.os 
_software.os_version 
_software.type 
_software.version 
_software.pdbx_ordinal 
? refinement        ? ? ? ? ? ? ? ? ? ? ? PHENIX ? ? ? 1.9_1692 1 
? 'data processing' ? ? ? ? ? ? ? ? ? ? ? XDS    ? ? ? .        2 
? 'data scaling'    ? ? ? ? ? ? ? ? ? ? ? XDS    ? ? ? .        3 
? 'model building'  ? ? ? ? ? ? ? ? ? ? ? PHENIX ? ? ? .        4 
# 
_cell.angle_alpha                  90.00 
_cell.angle_alpha_esd              ? 
_cell.angle_beta                   90.00 
_cell.angle_beta_esd               ? 
_cell.angle_gamma                  120.00 
_cell.angle_gamma_esd              ? 
_cell.entry_id                     5YAW 
_cell.details                      ? 
_cell.formula_units_Z              ? 
_cell.length_a                     56.148 
_cell.length_a_esd                 ? 
_cell.length_b                     56.148 
_cell.length_b_esd                 ? 
_cell.length_c                     116.161 
_cell.length_c_esd                 ? 
_cell.volume                       ? 
_cell.volume_esd                   ? 
_cell.Z_PDB                        6 
_cell.reciprocal_angle_alpha       ? 
_cell.reciprocal_angle_beta        ? 
_cell.reciprocal_angle_gamma       ? 
_cell.reciprocal_angle_alpha_esd   ? 
_cell.reciprocal_angle_beta_esd    ? 
_cell.reciprocal_angle_gamma_esd   ? 
_cell.reciprocal_length_a          ? 
_cell.reciprocal_length_b          ? 
_cell.reciprocal_length_c          ? 
_cell.reciprocal_length_a_esd      ? 
_cell.reciprocal_length_b_esd      ? 
_cell.reciprocal_length_c_esd      ? 
_cell.pdbx_unique_axis             ? 
# 
_symmetry.entry_id                         5YAW 
_symmetry.cell_setting                     ? 
_symmetry.Int_Tables_number                154 
_symmetry.space_group_name_Hall            ? 
_symmetry.space_group_name_H-M             'P 32 2 1' 
_symmetry.pdbx_full_space_group_name_H-M   ? 
# 
_exptl.absorpt_coefficient_mu     ? 
_exptl.absorpt_correction_T_max   ? 
_exptl.absorpt_correction_T_min   ? 
_exptl.absorpt_correction_type    ? 
_exptl.absorpt_process_details    ? 
_exptl.entry_id                   5YAW 
_exptl.crystals_number            1 
_exptl.details                    ? 
_exptl.method                     'X-RAY DIFFRACTION' 
_exptl.method_details             ? 
# 
_exptl_crystal.colour                      ? 
_exptl_crystal.density_diffrn              ? 
_exptl_crystal.density_Matthews            3.03 
_exptl_crystal.density_method              ? 
_exptl_crystal.density_percent_sol         59.41 
_exptl_crystal.description                 ? 
_exptl_crystal.F_000                       ? 
_exptl_crystal.id                          1 
_exptl_crystal.preparation                 ? 
_exptl_crystal.size_max                    ? 
_exptl_crystal.size_mid                    ? 
_exptl_crystal.size_min                    ? 
_exptl_crystal.size_rad                    ? 
_exptl_crystal.colour_lustre               ? 
_exptl_crystal.colour_modifier             ? 
_exptl_crystal.colour_primary              ? 
_exptl_crystal.density_meas                ? 
_exptl_crystal.density_meas_esd            ? 
_exptl_crystal.density_meas_gt             ? 
_exptl_crystal.density_meas_lt             ? 
_exptl_crystal.density_meas_temp           ? 
_exptl_crystal.density_meas_temp_esd       ? 
_exptl_crystal.density_meas_temp_gt        ? 
_exptl_crystal.density_meas_temp_lt        ? 
_exptl_crystal.pdbx_crystal_image_url      ? 
_exptl_crystal.pdbx_crystal_image_format   ? 
_exptl_crystal.pdbx_mosaicity              ? 
_exptl_crystal.pdbx_mosaicity_esd          ? 
# 
_exptl_crystal_grow.apparatus       ? 
_exptl_crystal_grow.atmosphere      ? 
_exptl_crystal_grow.crystal_id      1 
_exptl_crystal_grow.details         ? 
_exptl_crystal_grow.method          'VAPOR DIFFUSION, HANGING DROP' 
_exptl_crystal_grow.method_ref      ? 
_exptl_crystal_grow.pH              4.6 
_exptl_crystal_grow.pressure        ? 
_exptl_crystal_grow.pressure_esd    ? 
_exptl_crystal_grow.seeding         ? 
_exptl_crystal_grow.seeding_ref     ? 
_exptl_crystal_grow.temp            277 
_exptl_crystal_grow.temp_details    ? 
_exptl_crystal_grow.temp_esd        ? 
_exptl_crystal_grow.time            ? 
_exptl_crystal_grow.pdbx_details    '100Mm Sodium acetate pH 4.6, 2.0M NaCl' 
_exptl_crystal_grow.pdbx_pH_range   ? 
# 
_diffrn.ambient_environment    ? 
_diffrn.ambient_temp           100 
_diffrn.ambient_temp_details   ? 
_diffrn.ambient_temp_esd       ? 
_diffrn.crystal_id             1 
_diffrn.crystal_support        ? 
_diffrn.crystal_treatment      ? 
_diffrn.details                ? 
_diffrn.id                     1 
_diffrn.ambient_pressure       ? 
_diffrn.ambient_pressure_esd   ? 
_diffrn.ambient_pressure_gt    ? 
_diffrn.ambient_pressure_lt    ? 
_diffrn.ambient_temp_gt        ? 
_diffrn.ambient_temp_lt        ? 
# 
_diffrn_detector.details                      ? 
_diffrn_detector.detector                     CCD 
_diffrn_detector.diffrn_id                    1 
_diffrn_detector.type                         'ADSC QUANTUM 315r' 
_diffrn_detector.area_resol_mean              ? 
_diffrn_detector.dtime                        ? 
_diffrn_detector.pdbx_frames_total            ? 
_diffrn_detector.pdbx_collection_time_total   ? 
_diffrn_detector.pdbx_collection_date         2015-12-11 
# 
_diffrn_radiation.collimation                      ? 
_diffrn_radiation.diffrn_id                        1 
_diffrn_radiation.filter_edge                      ? 
_diffrn_radiation.inhomogeneity                    ? 
_diffrn_radiation.monochromator                    ? 
_diffrn_radiation.polarisn_norm                    ? 
_diffrn_radiation.polarisn_ratio                   ? 
_diffrn_radiation.probe                            ? 
_diffrn_radiation.type                             ? 
_diffrn_radiation.xray_symbol                      ? 
_diffrn_radiation.wavelength_id                    1 
_diffrn_radiation.pdbx_monochromatic_or_laue_m_l   M 
_diffrn_radiation.pdbx_wavelength_list             ? 
_diffrn_radiation.pdbx_wavelength                  ? 
_diffrn_radiation.pdbx_diffrn_protocol             'SINGLE WAVELENGTH' 
_diffrn_radiation.pdbx_analyzer                    ? 
_diffrn_radiation.pdbx_scattering_type             x-ray 
# 
_diffrn_radiation_wavelength.id           1 
_diffrn_radiation_wavelength.wavelength   0.97923 
_diffrn_radiation_wavelength.wt           1.0 
# 
_diffrn_source.current                     ? 
_diffrn_source.details                     ? 
_diffrn_source.diffrn_id                   1 
_diffrn_source.power                       ? 
_diffrn_source.size                        ? 
_diffrn_source.source                      SYNCHROTRON 
_diffrn_source.target                      ? 
_diffrn_source.type                        'SSRF BEAMLINE BL17U1' 
_diffrn_source.voltage                     ? 
_diffrn_source.take-off_angle              ? 
_diffrn_source.pdbx_wavelength_list        0.97923 
_diffrn_source.pdbx_wavelength             ? 
_diffrn_source.pdbx_synchrotron_beamline   BL17U1 
_diffrn_source.pdbx_synchrotron_site       SSRF 
# 
_reflns.B_iso_Wilson_estimate            ? 
_reflns.entry_id                         5YAW 
_reflns.data_reduction_details           ? 
_reflns.data_reduction_method            ? 
_reflns.d_resolution_high                2.027 
_reflns.d_resolution_low                 44.854 
_reflns.details                          ? 
_reflns.limit_h_max                      ? 
_reflns.limit_h_min                      ? 
_reflns.limit_k_max                      ? 
_reflns.limit_k_min                      ? 
_reflns.limit_l_max                      ? 
_reflns.limit_l_min                      ? 
_reflns.number_all                       ? 
_reflns.number_obs                       14318 
_reflns.observed_criterion               ? 
_reflns.observed_criterion_F_max         ? 
_reflns.observed_criterion_F_min         ? 
_reflns.observed_criterion_I_max         ? 
_reflns.observed_criterion_I_min         ? 
_reflns.observed_criterion_sigma_F       ? 
_reflns.observed_criterion_sigma_I       ? 
_reflns.percent_possible_obs             99.83 
_reflns.R_free_details                   ? 
_reflns.Rmerge_F_all                     ? 
_reflns.Rmerge_F_obs                     ? 
_reflns.Friedel_coverage                 ? 
_reflns.number_gt                        ? 
_reflns.threshold_expression             ? 
_reflns.pdbx_redundancy                  6.3 
_reflns.pdbx_Rmerge_I_obs                ? 
_reflns.pdbx_Rmerge_I_all                ? 
_reflns.pdbx_Rsym_value                  ? 
_reflns.pdbx_netI_over_av_sigmaI         ? 
_reflns.pdbx_netI_over_sigmaI            1.34 
_reflns.pdbx_res_netI_over_av_sigmaI_2   ? 
_reflns.pdbx_res_netI_over_sigmaI_2      ? 
_reflns.pdbx_chi_squared                 ? 
_reflns.pdbx_scaling_rejects             ? 
_reflns.pdbx_d_res_high_opt              ? 
_reflns.pdbx_d_res_low_opt               ? 
_reflns.pdbx_d_res_opt_method            ? 
_reflns.phase_calculation_details        ? 
_reflns.pdbx_Rrim_I_all                  ? 
_reflns.pdbx_Rpim_I_all                  ? 
_reflns.pdbx_d_opt                       ? 
_reflns.pdbx_number_measured_all         ? 
_reflns.pdbx_diffrn_id                   1 
_reflns.pdbx_ordinal                     1 
_reflns.pdbx_CC_half                     ? 
_reflns.pdbx_R_split                     ? 
# 
_reflns_shell.d_res_high                  . 
_reflns_shell.d_res_low                   ? 
_reflns_shell.meanI_over_sigI_all         ? 
_reflns_shell.meanI_over_sigI_obs         ? 
_reflns_shell.number_measured_all         ? 
_reflns_shell.number_measured_obs         ? 
_reflns_shell.number_possible             ? 
_reflns_shell.number_unique_all           ? 
_reflns_shell.number_unique_obs           ? 
_reflns_shell.percent_possible_all        ? 
_reflns_shell.percent_possible_obs        ? 
_reflns_shell.Rmerge_F_all                ? 
_reflns_shell.Rmerge_F_obs                ? 
_reflns_shell.Rmerge_I_all                ? 
_reflns_shell.Rmerge_I_obs                ? 
_reflns_shell.meanI_over_sigI_gt          ? 
_reflns_shell.meanI_over_uI_all           ? 
_reflns_shell.meanI_over_uI_gt            ? 
_reflns_shell.number_measured_gt          ? 
_reflns_shell.number_unique_gt            ? 
_reflns_shell.percent_possible_gt         ? 
_reflns_shell.Rmerge_F_gt                 ? 
_reflns_shell.Rmerge_I_gt                 ? 
_reflns_shell.pdbx_redundancy             ? 
_reflns_shell.pdbx_Rsym_value             ? 
_reflns_shell.pdbx_chi_squared            ? 
_reflns_shell.pdbx_netI_over_sigmaI_all   ? 
_reflns_shell.pdbx_netI_over_sigmaI_obs   ? 
_reflns_shell.pdbx_Rrim_I_all             ? 
_reflns_shell.pdbx_Rpim_I_all             ? 
_reflns_shell.pdbx_rejects                ? 
_reflns_shell.pdbx_ordinal                1 
_reflns_shell.pdbx_diffrn_id              1 
_reflns_shell.pdbx_CC_half                ? 
_reflns_shell.pdbx_R_split                ? 
# 
_refine.aniso_B[1][1]                            ? 
_refine.aniso_B[1][2]                            ? 
_refine.aniso_B[1][3]                            ? 
_refine.aniso_B[2][2]                            ? 
_refine.aniso_B[2][3]                            ? 
_refine.aniso_B[3][3]                            ? 
_refine.B_iso_max                                ? 
_refine.B_iso_mean                               ? 
_refine.B_iso_min                                ? 
_refine.correlation_coeff_Fo_to_Fc               ? 
_refine.correlation_coeff_Fo_to_Fc_free          ? 
_refine.details                                  ? 
_refine.diff_density_max                         ? 
_refine.diff_density_max_esd                     ? 
_refine.diff_density_min                         ? 
_refine.diff_density_min_esd                     ? 
_refine.diff_density_rms                         ? 
_refine.diff_density_rms_esd                     ? 
_refine.entry_id                                 5YAW 
_refine.pdbx_refine_id                           'X-RAY DIFFRACTION' 
_refine.ls_abs_structure_details                 ? 
_refine.ls_abs_structure_Flack                   ? 
_refine.ls_abs_structure_Flack_esd               ? 
_refine.ls_abs_structure_Rogers                  ? 
_refine.ls_abs_structure_Rogers_esd              ? 
_refine.ls_d_res_high                            2.027 
_refine.ls_d_res_low                             44.854 
_refine.ls_extinction_coef                       ? 
_refine.ls_extinction_coef_esd                   ? 
_refine.ls_extinction_expression                 ? 
_refine.ls_extinction_method                     ? 
_refine.ls_goodness_of_fit_all                   ? 
_refine.ls_goodness_of_fit_all_esd               ? 
_refine.ls_goodness_of_fit_obs                   ? 
_refine.ls_goodness_of_fit_obs_esd               ? 
_refine.ls_hydrogen_treatment                    ? 
_refine.ls_matrix_type                           ? 
_refine.ls_number_constraints                    ? 
_refine.ls_number_parameters                     ? 
_refine.ls_number_reflns_all                     ? 
_refine.ls_number_reflns_obs                     14318 
_refine.ls_number_reflns_R_free                  737 
_refine.ls_number_reflns_R_work                  ? 
_refine.ls_number_restraints                     ? 
_refine.ls_percent_reflns_obs                    99.83 
_refine.ls_percent_reflns_R_free                 5.15 
_refine.ls_R_factor_all                          ? 
_refine.ls_R_factor_obs                          0.2181 
_refine.ls_R_factor_R_free                       0.2523 
_refine.ls_R_factor_R_free_error                 ? 
_refine.ls_R_factor_R_free_error_details         ? 
_refine.ls_R_factor_R_work                       0.2162 
_refine.ls_R_Fsqd_factor_obs                     ? 
_refine.ls_R_I_factor_obs                        ? 
_refine.ls_redundancy_reflns_all                 ? 
_refine.ls_redundancy_reflns_obs                 ? 
_refine.ls_restrained_S_all                      ? 
_refine.ls_restrained_S_obs                      ? 
_refine.ls_shift_over_esd_max                    ? 
_refine.ls_shift_over_esd_mean                   ? 
_refine.ls_structure_factor_coef                 ? 
_refine.ls_weighting_details                     ? 
_refine.ls_weighting_scheme                      ? 
_refine.ls_wR_factor_all                         ? 
_refine.ls_wR_factor_obs                         ? 
_refine.ls_wR_factor_R_free                      ? 
_refine.ls_wR_factor_R_work                      ? 
_refine.occupancy_max                            ? 
_refine.occupancy_min                            ? 
_refine.solvent_model_details                    ? 
_refine.solvent_model_param_bsol                 ? 
_refine.solvent_model_param_ksol                 ? 
_refine.ls_R_factor_gt                           ? 
_refine.ls_goodness_of_fit_gt                    ? 
_refine.ls_goodness_of_fit_ref                   ? 
_refine.ls_shift_over_su_max                     ? 
_refine.ls_shift_over_su_max_lt                  ? 
_refine.ls_shift_over_su_mean                    ? 
_refine.ls_shift_over_su_mean_lt                 ? 
_refine.pdbx_ls_sigma_I                          ? 
_refine.pdbx_ls_sigma_F                          1.34 
_refine.pdbx_ls_sigma_Fsqd                       ? 
_refine.pdbx_data_cutoff_high_absF               ? 
_refine.pdbx_data_cutoff_high_rms_absF           ? 
_refine.pdbx_data_cutoff_low_absF                ? 
_refine.pdbx_isotropic_thermal_model             ? 
_refine.pdbx_ls_cross_valid_method               NONE 
_refine.pdbx_method_to_determine_struct          ? 
_refine.pdbx_starting_model                      ? 
_refine.pdbx_stereochemistry_target_values       ? 
_refine.pdbx_R_Free_selection_details            ? 
_refine.pdbx_stereochem_target_val_spec_case     ? 
_refine.pdbx_overall_ESU_R                       ? 
_refine.pdbx_overall_ESU_R_Free                  ? 
_refine.pdbx_solvent_vdw_probe_radii             1.11 
_refine.pdbx_solvent_ion_probe_radii             ? 
_refine.pdbx_solvent_shrinkage_radii             0.90 
_refine.pdbx_real_space_R                        ? 
_refine.pdbx_density_correlation                 ? 
_refine.pdbx_pd_number_of_powder_patterns        ? 
_refine.pdbx_pd_number_of_points                 ? 
_refine.pdbx_pd_meas_number_of_points            ? 
_refine.pdbx_pd_proc_ls_prof_R_factor            ? 
_refine.pdbx_pd_proc_ls_prof_wR_factor           ? 
_refine.pdbx_pd_Marquardt_correlation_coeff      ? 
_refine.pdbx_pd_Fsqrd_R_factor                   ? 
_refine.pdbx_pd_ls_matrix_band_width             ? 
_refine.pdbx_overall_phase_error                 27.56 
_refine.pdbx_overall_SU_R_free_Cruickshank_DPI   ? 
_refine.pdbx_overall_SU_R_free_Blow_DPI          ? 
_refine.pdbx_overall_SU_R_Blow_DPI               ? 
_refine.pdbx_TLS_residual_ADP_flag               ? 
_refine.pdbx_diffrn_id                           1 
_refine.overall_SU_B                             ? 
_refine.overall_SU_ML                            0.15 
_refine.overall_SU_R_Cruickshank_DPI             ? 
_refine.overall_SU_R_free                        ? 
_refine.overall_FOM_free_R_set                   ? 
_refine.overall_FOM_work_R_set                   ? 
_refine.pdbx_average_fsc_overall                 ? 
_refine.pdbx_average_fsc_work                    ? 
_refine.pdbx_average_fsc_free                    ? 
# 
_refine_hist.pdbx_refine_id                   'X-RAY DIFFRACTION' 
_refine_hist.cycle_id                         LAST 
_refine_hist.pdbx_number_atoms_protein        1192 
_refine_hist.pdbx_number_atoms_nucleic_acid   0 
_refine_hist.pdbx_number_atoms_ligand         26 
_refine_hist.number_atoms_solvent             125 
_refine_hist.number_atoms_total               1343 
_refine_hist.d_res_high                       2.027 
_refine_hist.d_res_low                        44.854 
# 
loop_
_refine_ls_restr.pdbx_refine_id 
_refine_ls_restr.criterion 
_refine_ls_restr.dev_ideal 
_refine_ls_restr.dev_ideal_target 
_refine_ls_restr.number 
_refine_ls_restr.rejects 
_refine_ls_restr.type 
_refine_ls_restr.weight 
_refine_ls_restr.pdbx_restraint_function 
'X-RAY DIFFRACTION' ? 0.008  ? 1244 ? f_bond_d           ? ? 
'X-RAY DIFFRACTION' ? 1.017  ? 1668 ? f_angle_d          ? ? 
'X-RAY DIFFRACTION' ? 16.299 ? 457  ? f_dihedral_angle_d ? ? 
'X-RAY DIFFRACTION' ? 0.041  ? 179  ? f_chiral_restr     ? ? 
'X-RAY DIFFRACTION' ? 0.004  ? 208  ? f_plane_restr      ? ? 
# 
loop_
_refine_ls_shell.pdbx_refine_id 
_refine_ls_shell.d_res_high 
_refine_ls_shell.d_res_low 
_refine_ls_shell.number_reflns_all 
_refine_ls_shell.number_reflns_obs 
_refine_ls_shell.number_reflns_R_free 
_refine_ls_shell.number_reflns_R_work 
_refine_ls_shell.percent_reflns_obs 
_refine_ls_shell.percent_reflns_R_free 
_refine_ls_shell.R_factor_all 
_refine_ls_shell.R_factor_obs 
_refine_ls_shell.R_factor_R_free 
_refine_ls_shell.R_factor_R_free_error 
_refine_ls_shell.R_factor_R_work 
_refine_ls_shell.redundancy_reflns_all 
_refine_ls_shell.redundancy_reflns_obs 
_refine_ls_shell.wR_factor_all 
_refine_ls_shell.wR_factor_obs 
_refine_ls_shell.wR_factor_R_free 
_refine_ls_shell.wR_factor_R_work 
_refine_ls_shell.pdbx_total_number_of_bins_used 
_refine_ls_shell.pdbx_phase_error 
_refine_ls_shell.pdbx_fsc_work 
_refine_ls_shell.pdbx_fsc_free 
'X-RAY DIFFRACTION' 2.0269 2.1834  . . 131 2651 100.00 . . . 0.2920 . 0.2438 . . . . . . . . . . 
'X-RAY DIFFRACTION' 2.1834 2.4031  . . 149 2656 100.00 . . . 0.2597 . 0.2342 . . . . . . . . . . 
'X-RAY DIFFRACTION' 2.4031 2.7508  . . 142 2698 100.00 . . . 0.3054 . 0.2415 . . . . . . . . . . 
'X-RAY DIFFRACTION' 2.7508 3.4655  . . 158 2715 100.00 . . . 0.2987 . 0.2178 . . . . . . . . . . 
'X-RAY DIFFRACTION' 3.4655 44.8652 . . 157 2861 100.00 . . . 0.2103 . 0.1999 . . . . . . . . . . 
# 
_struct.entry_id                     5YAW 
_struct.title                        
'Fragment-based Drug Discovery of inhibitors to block PDEdelta-RAS protein-protein interaction' 
_struct.pdbx_model_details           ? 
_struct.pdbx_formula_weight          ? 
_struct.pdbx_formula_weight_method   ? 
_struct.pdbx_model_type_details      ? 
_struct.pdbx_CASP_flag               N 
# 
_struct_keywords.entry_id        5YAW 
_struct_keywords.text            'PDE6, ONCOPROTEIN' 
_struct_keywords.pdbx_keywords   ONCOPROTEIN 
# 
loop_
_struct_asym.id 
_struct_asym.pdbx_blank_PDB_chainid_flag 
_struct_asym.pdbx_modified 
_struct_asym.entity_id 
_struct_asym.details 
A N N 1 ? 
B N N 2 ? 
C N N 3 ? 
# 
_struct_ref.id                         1 
_struct_ref.db_name                    UNP 
_struct_ref.db_code                    PDE6D_HUMAN 
_struct_ref.pdbx_db_accession          O43924 
_struct_ref.pdbx_db_isoform            ? 
_struct_ref.entity_id                  1 
_struct_ref.pdbx_seq_one_letter_code   
;MSAKDERAREILRGFKLNWMNLRDAETGKILWQGTEDLSVPGVEHEARVPKKILKCKAVSRELNFSSTEQMEKFRLEQKV
YFKGQCLEEWFFEFGFVIPNSTNTWQSLIEAAPESQMMPASVLTGNVIIETKFFDDDLLVSTSRVRLFYV
;
_struct_ref.pdbx_align_begin           1 
# 
_struct_ref_seq.align_id                      1 
_struct_ref_seq.ref_id                        1 
_struct_ref_seq.pdbx_PDB_id_code              5YAW 
_struct_ref_seq.pdbx_strand_id                B 
_struct_ref_seq.seq_align_beg                 1 
_struct_ref_seq.pdbx_seq_align_beg_ins_code   ? 
_struct_ref_seq.seq_align_end                 150 
_struct_ref_seq.pdbx_seq_align_end_ins_code   ? 
_struct_ref_seq.pdbx_db_accession             O43924 
_struct_ref_seq.db_align_beg                  1 
_struct_ref_seq.pdbx_db_align_beg_ins_code    ? 
_struct_ref_seq.db_align_end                  150 
_struct_ref_seq.pdbx_db_align_end_ins_code    ? 
_struct_ref_seq.pdbx_auth_seq_align_beg       1 
_struct_ref_seq.pdbx_auth_seq_align_end       150 
# 
_pdbx_struct_assembly.id                   1 
_pdbx_struct_assembly.details              author_defined_assembly 
_pdbx_struct_assembly.method_details       ? 
_pdbx_struct_assembly.oligomeric_details   monomeric 
_pdbx_struct_assembly.oligomeric_count     1 
# 
loop_
_pdbx_struct_assembly_prop.biol_id 
_pdbx_struct_assembly_prop.type 
_pdbx_struct_assembly_prop.value 
_pdbx_struct_assembly_prop.details 
1 'ABSA (A^2)' 0    ? 
1 MORE         0    ? 
1 'SSA (A^2)'  8270 ? 
# 
_pdbx_struct_assembly_gen.assembly_id       1 
_pdbx_struct_assembly_gen.oper_expression   1 
_pdbx_struct_assembly_gen.asym_id_list      A,B,C 
# 
_pdbx_struct_assembly_auth_evidence.id                     1 
_pdbx_struct_assembly_auth_evidence.assembly_id            1 
_pdbx_struct_assembly_auth_evidence.experimental_support   'gel filtration' 
_pdbx_struct_assembly_auth_evidence.details                ? 
# 
_pdbx_struct_oper_list.id                   1 
_pdbx_struct_oper_list.type                 'identity operation' 
_pdbx_struct_oper_list.name                 1_555 
_pdbx_struct_oper_list.symmetry_operation   x,y,z 
_pdbx_struct_oper_list.matrix[1][1]         1.0000000000 
_pdbx_struct_oper_list.matrix[1][2]         0.0000000000 
_pdbx_struct_oper_list.matrix[1][3]         0.0000000000 
_pdbx_struct_oper_list.vector[1]            0.0000000000 
_pdbx_struct_oper_list.matrix[2][1]         0.0000000000 
_pdbx_struct_oper_list.matrix[2][2]         1.0000000000 
_pdbx_struct_oper_list.matrix[2][3]         0.0000000000 
_pdbx_struct_oper_list.vector[2]            0.0000000000 
_pdbx_struct_oper_list.matrix[3][1]         0.0000000000 
_pdbx_struct_oper_list.matrix[3][2]         0.0000000000 
_pdbx_struct_oper_list.matrix[3][3]         1.0000000000 
_pdbx_struct_oper_list.vector[3]            0.0000000000 
# 
loop_
_struct_conf.conf_type_id 
_struct_conf.id 
_struct_conf.pdbx_PDB_helix_id 
_struct_conf.beg_label_comp_id 
_struct_conf.beg_label_asym_id 
_struct_conf.beg_label_seq_id 
_struct_conf.pdbx_beg_PDB_ins_code 
_struct_conf.end_label_comp_id 
_struct_conf.end_label_asym_id 
_struct_conf.end_label_seq_id 
_struct_conf.pdbx_end_PDB_ins_code 
_struct_conf.beg_auth_comp_id 
_struct_conf.beg_auth_asym_id 
_struct_conf.beg_auth_seq_id 
_struct_conf.end_auth_comp_id 
_struct_conf.end_auth_asym_id 
_struct_conf.end_auth_seq_id 
_struct_conf.pdbx_PDB_helix_class 
_struct_conf.details 
_struct_conf.pdbx_PDB_helix_length 
HELX_P HELX_P1 AA1 SER A 2   ? GLY A 14  ? SER B 2   GLY B 14  1 ? 13 
HELX_P HELX_P2 AA2 LYS A 52  ? CYS A 56  ? LYS B 52  CYS B 56  5 ? 5  
HELX_P HELX_P3 AA3 PRO A 119 ? THR A 124 ? PRO B 119 THR B 124 1 ? 6  
# 
_struct_conf_type.id          HELX_P 
_struct_conf_type.criteria    ? 
_struct_conf_type.reference   ? 
# 
_struct_mon_prot_cis.pdbx_id                1 
_struct_mon_prot_cis.label_comp_id          THR 
_struct_mon_prot_cis.label_seq_id           27 
_struct_mon_prot_cis.label_asym_id          A 
_struct_mon_prot_cis.label_alt_id           . 
_struct_mon_prot_cis.pdbx_PDB_ins_code      ? 
_struct_mon_prot_cis.auth_comp_id           THR 
_struct_mon_prot_cis.auth_seq_id            27 
_struct_mon_prot_cis.auth_asym_id           B 
_struct_mon_prot_cis.pdbx_label_comp_id_2   GLY 
_struct_mon_prot_cis.pdbx_label_seq_id_2    28 
_struct_mon_prot_cis.pdbx_label_asym_id_2   A 
_struct_mon_prot_cis.pdbx_PDB_ins_code_2    ? 
_struct_mon_prot_cis.pdbx_auth_comp_id_2    GLY 
_struct_mon_prot_cis.pdbx_auth_seq_id_2     28 
_struct_mon_prot_cis.pdbx_auth_asym_id_2    B 
_struct_mon_prot_cis.pdbx_PDB_model_num     1 
_struct_mon_prot_cis.pdbx_omega_angle       -7.59 
# 
loop_
_struct_sheet.id 
_struct_sheet.type 
_struct_sheet.number_strands 
_struct_sheet.details 
AA1 ? 4 ? 
AA2 ? 5 ? 
# 
loop_
_struct_sheet_order.sheet_id 
_struct_sheet_order.range_id_1 
_struct_sheet_order.range_id_2 
_struct_sheet_order.offset 
_struct_sheet_order.sense 
AA1 1 2 ? anti-parallel 
AA1 2 3 ? anti-parallel 
AA1 3 4 ? anti-parallel 
AA2 1 2 ? parallel      
AA2 2 3 ? anti-parallel 
AA2 3 4 ? anti-parallel 
AA2 4 5 ? anti-parallel 
# 
loop_
_struct_sheet_range.sheet_id 
_struct_sheet_range.id 
_struct_sheet_range.beg_label_comp_id 
_struct_sheet_range.beg_label_asym_id 
_struct_sheet_range.beg_label_seq_id 
_struct_sheet_range.pdbx_beg_PDB_ins_code 
_struct_sheet_range.end_label_comp_id 
_struct_sheet_range.end_label_asym_id 
_struct_sheet_range.end_label_seq_id 
_struct_sheet_range.pdbx_end_PDB_ins_code 
_struct_sheet_range.beg_auth_comp_id 
_struct_sheet_range.beg_auth_asym_id 
_struct_sheet_range.beg_auth_seq_id 
_struct_sheet_range.end_auth_comp_id 
_struct_sheet_range.end_auth_asym_id 
_struct_sheet_range.end_auth_seq_id 
AA1 1 GLY A 28  ? GLY A 34  ? GLY B 28  GLY B 34  
AA1 2 PHE A 15  ? ASP A 24  ? PHE B 15  ASP B 24  
AA1 3 ALA A 58  ? SER A 67  ? ALA B 58  SER B 67  
AA1 4 SER A 101 ? GLU A 110 ? SER B 101 GLU B 110 
AA2 1 GLU A 44  ? PRO A 50  ? GLU B 44  PRO B 50  
AA2 2 LEU A 138 ? VAL A 150 ? LEU B 138 VAL B 150 
AA2 3 VAL A 127 ? ASP A 135 ? VAL B 127 ASP B 135 
AA2 4 MET A 71  ? PHE A 82  ? MET B 71  PHE B 82  
AA2 5 GLN A 85  ? VAL A 97  ? GLN B 85  VAL B 97  
# 
loop_
_pdbx_struct_sheet_hbond.sheet_id 
_pdbx_struct_sheet_hbond.range_id_1 
_pdbx_struct_sheet_hbond.range_id_2 
_pdbx_struct_sheet_hbond.range_1_label_atom_id 
_pdbx_struct_sheet_hbond.range_1_label_comp_id 
_pdbx_struct_sheet_hbond.range_1_label_asym_id 
_pdbx_struct_sheet_hbond.range_1_label_seq_id 
_pdbx_struct_sheet_hbond.range_1_PDB_ins_code 
_pdbx_struct_sheet_hbond.range_1_auth_atom_id 
_pdbx_struct_sheet_hbond.range_1_auth_comp_id 
_pdbx_struct_sheet_hbond.range_1_auth_asym_id 
_pdbx_struct_sheet_hbond.range_1_auth_seq_id 
_pdbx_struct_sheet_hbond.range_2_label_atom_id 
_pdbx_struct_sheet_hbond.range_2_label_comp_id 
_pdbx_struct_sheet_hbond.range_2_label_asym_id 
_pdbx_struct_sheet_hbond.range_2_label_seq_id 
_pdbx_struct_sheet_hbond.range_2_PDB_ins_code 
_pdbx_struct_sheet_hbond.range_2_auth_atom_id 
_pdbx_struct_sheet_hbond.range_2_auth_comp_id 
_pdbx_struct_sheet_hbond.range_2_auth_asym_id 
_pdbx_struct_sheet_hbond.range_2_auth_seq_id 
AA1 1 2 O LEU A 31  ? O LEU B 31  N LEU A 22  ? N LEU B 22  
AA1 2 3 N ARG A 23  ? N ARG B 23  O SER A 60  ? O SER B 60  
AA1 3 4 N VAL A 59  ? N VAL B 59  O ILE A 109 ? O ILE B 109 
AA2 1 2 N HIS A 45  ? N HIS B 45  O ARG A 146 ? O ARG B 146 
AA2 2 3 O VAL A 140 ? O VAL B 140 N PHE A 133 ? N PHE B 133 
AA2 3 4 O ILE A 128 ? O ILE B 128 N TYR A 81  ? N TYR B 81  
AA2 4 5 N PHE A 82  ? N PHE B 82  O GLN A 85  ? O GLN B 85  
# 
_struct_site.id                   AC1 
_struct_site.pdbx_evidence_code   Software 
_struct_site.pdbx_auth_asym_id    B 
_struct_site.pdbx_auth_comp_id    8SL 
_struct_site.pdbx_auth_seq_id     201 
_struct_site.pdbx_auth_ins_code   ? 
_struct_site.pdbx_num_residues    9 
_struct_site.details              'binding site for residue 8SL B 201' 
# 
loop_
_struct_site_gen.id 
_struct_site_gen.site_id 
_struct_site_gen.pdbx_num_res 
_struct_site_gen.label_comp_id 
_struct_site_gen.label_asym_id 
_struct_site_gen.label_seq_id 
_struct_site_gen.pdbx_auth_ins_code 
_struct_site_gen.auth_comp_id 
_struct_site_gen.auth_asym_id 
_struct_site_gen.auth_seq_id 
_struct_site_gen.label_atom_id 
_struct_site_gen.label_alt_id 
_struct_site_gen.symmetry 
_struct_site_gen.details 
1 AC1 9 MET A 20  ? MET B 20  . ? 1_555 ? 
2 AC1 9 LEU A 38  ? LEU B 38  . ? 1_555 ? 
3 AC1 9 SER A 39  ? SER B 39  . ? 1_555 ? 
4 AC1 9 ARG A 61  ? ARG B 61  . ? 1_555 ? 
5 AC1 9 LEU A 76  ? LEU B 76  . ? 1_555 ? 
6 AC1 9 GLN A 78  ? GLN B 78  . ? 1_555 ? 
7 AC1 9 ILE A 109 ? ILE B 109 . ? 1_555 ? 
8 AC1 9 THR A 131 ? THR B 131 . ? 1_555 ? 
9 AC1 9 PHE A 133 ? PHE B 133 . ? 1_555 ? 
# 
loop_
_pdbx_validate_close_contact.id 
_pdbx_validate_close_contact.PDB_model_num 
_pdbx_validate_close_contact.auth_atom_id_1 
_pdbx_validate_close_contact.auth_asym_id_1 
_pdbx_validate_close_contact.auth_comp_id_1 
_pdbx_validate_close_contact.auth_seq_id_1 
_pdbx_validate_close_contact.PDB_ins_code_1 
_pdbx_validate_close_contact.label_alt_id_1 
_pdbx_validate_close_contact.auth_atom_id_2 
_pdbx_validate_close_contact.auth_asym_id_2 
_pdbx_validate_close_contact.auth_comp_id_2 
_pdbx_validate_close_contact.auth_seq_id_2 
_pdbx_validate_close_contact.PDB_ins_code_2 
_pdbx_validate_close_contact.label_alt_id_2 
_pdbx_validate_close_contact.dist 
1 1 O   B HOH 338 ? ? O B HOH 422 ? ? 1.84 
2 1 N   B LYS 29  ? ? O B HOH 301 ? ? 2.00 
3 1 OE1 B GLU 62  ? ? O B HOH 302 ? ? 2.07 
4 1 NH2 B ARG 48  ? ? O B HOH 303 ? ? 2.18 
5 1 O   B HOH 354 ? ? O B HOH 383 ? ? 2.19 
# 
loop_
_pdbx_validate_symm_contact.id 
_pdbx_validate_symm_contact.PDB_model_num 
_pdbx_validate_symm_contact.auth_atom_id_1 
_pdbx_validate_symm_contact.auth_asym_id_1 
_pdbx_validate_symm_contact.auth_comp_id_1 
_pdbx_validate_symm_contact.auth_seq_id_1 
_pdbx_validate_symm_contact.PDB_ins_code_1 
_pdbx_validate_symm_contact.label_alt_id_1 
_pdbx_validate_symm_contact.site_symmetry_1 
_pdbx_validate_symm_contact.auth_atom_id_2 
_pdbx_validate_symm_contact.auth_asym_id_2 
_pdbx_validate_symm_contact.auth_comp_id_2 
_pdbx_validate_symm_contact.auth_seq_id_2 
_pdbx_validate_symm_contact.PDB_ins_code_2 
_pdbx_validate_symm_contact.label_alt_id_2 
_pdbx_validate_symm_contact.site_symmetry_2 
_pdbx_validate_symm_contact.dist 
1 1 CD  B GLU 10  ? ? 1_555 OE1 B GLU 10  ? ? 6_554 1.25 
2 1 CD  B GLU 10  ? ? 1_555 CD  B GLU 10  ? ? 6_554 1.70 
3 1 O   B HOH 356 ? ? 1_555 O   B HOH 379 ? ? 4_655 1.85 
4 1 O   B HOH 301 ? ? 1_555 O   B HOH 369 ? ? 6_654 2.05 
5 1 OE1 B GLU 10  ? ? 1_555 OE2 B GLU 10  ? ? 6_554 2.12 
# 
_pdbx_validate_rmsd_angle.id                         1 
_pdbx_validate_rmsd_angle.PDB_model_num              1 
_pdbx_validate_rmsd_angle.auth_atom_id_1             OE1 
_pdbx_validate_rmsd_angle.auth_asym_id_1             B 
_pdbx_validate_rmsd_angle.auth_comp_id_1             GLU 
_pdbx_validate_rmsd_angle.auth_seq_id_1              10 
_pdbx_validate_rmsd_angle.PDB_ins_code_1             ? 
_pdbx_validate_rmsd_angle.label_alt_id_1             ? 
_pdbx_validate_rmsd_angle.auth_atom_id_2             CD 
_pdbx_validate_rmsd_angle.auth_asym_id_2             B 
_pdbx_validate_rmsd_angle.auth_comp_id_2             GLU 
_pdbx_validate_rmsd_angle.auth_seq_id_2              10 
_pdbx_validate_rmsd_angle.PDB_ins_code_2             ? 
_pdbx_validate_rmsd_angle.label_alt_id_2             ? 
_pdbx_validate_rmsd_angle.auth_atom_id_3             OE2 
_pdbx_validate_rmsd_angle.auth_asym_id_3             B 
_pdbx_validate_rmsd_angle.auth_comp_id_3             GLU 
_pdbx_validate_rmsd_angle.auth_seq_id_3              10 
_pdbx_validate_rmsd_angle.PDB_ins_code_3             ? 
_pdbx_validate_rmsd_angle.label_alt_id_3             ? 
_pdbx_validate_rmsd_angle.angle_value                115.73 
_pdbx_validate_rmsd_angle.angle_target_value         123.30 
_pdbx_validate_rmsd_angle.angle_deviation            -7.57 
_pdbx_validate_rmsd_angle.angle_standard_deviation   1.20 
_pdbx_validate_rmsd_angle.linker_flag                N 
# 
loop_
_pdbx_validate_torsion.id 
_pdbx_validate_torsion.PDB_model_num 
_pdbx_validate_torsion.auth_comp_id 
_pdbx_validate_torsion.auth_asym_id 
_pdbx_validate_torsion.auth_seq_id 
_pdbx_validate_torsion.PDB_ins_code 
_pdbx_validate_torsion.label_alt_id 
_pdbx_validate_torsion.phi 
_pdbx_validate_torsion.psi 
1 1 LYS B 29  ? ? 60.74   110.23  
2 1 LYS B 73  ? ? -153.85 77.75   
3 1 GLU B 88  ? ? -173.28 144.16  
4 1 ASP B 136 ? ? 58.04   -113.59 
# 
_pdbx_validate_planes.id              1 
_pdbx_validate_planes.PDB_model_num   1 
_pdbx_validate_planes.auth_comp_id    GLU 
_pdbx_validate_planes.auth_asym_id    B 
_pdbx_validate_planes.auth_seq_id     10 
_pdbx_validate_planes.PDB_ins_code    ? 
_pdbx_validate_planes.label_alt_id    ? 
_pdbx_validate_planes.rmsd            0.110 
_pdbx_validate_planes.type            'SIDE CHAIN' 
# 
_pdbx_struct_special_symmetry.id              1 
_pdbx_struct_special_symmetry.PDB_model_num   1 
_pdbx_struct_special_symmetry.auth_asym_id    B 
_pdbx_struct_special_symmetry.auth_comp_id    GLU 
_pdbx_struct_special_symmetry.auth_seq_id     10 
_pdbx_struct_special_symmetry.PDB_ins_code    ? 
_pdbx_struct_special_symmetry.label_asym_id   A 
_pdbx_struct_special_symmetry.label_comp_id   GLU 
_pdbx_struct_special_symmetry.label_seq_id    10 
# 
_pdbx_distant_solvent_atoms.id                                1 
_pdbx_distant_solvent_atoms.PDB_model_num                     1 
_pdbx_distant_solvent_atoms.auth_atom_id                      O 
_pdbx_distant_solvent_atoms.label_alt_id                      ? 
_pdbx_distant_solvent_atoms.auth_asym_id                      B 
_pdbx_distant_solvent_atoms.auth_comp_id                      HOH 
_pdbx_distant_solvent_atoms.auth_seq_id                       425 
_pdbx_distant_solvent_atoms.PDB_ins_code                      ? 
_pdbx_distant_solvent_atoms.neighbor_macromolecule_distance   6.10 
_pdbx_distant_solvent_atoms.neighbor_ligand_distance          . 
# 
loop_
_pdbx_unobs_or_zero_occ_residues.id 
_pdbx_unobs_or_zero_occ_residues.PDB_model_num 
_pdbx_unobs_or_zero_occ_residues.polymer_flag 
_pdbx_unobs_or_zero_occ_residues.occupancy_flag 
_pdbx_unobs_or_zero_occ_residues.auth_asym_id 
_pdbx_unobs_or_zero_occ_residues.auth_comp_id 
_pdbx_unobs_or_zero_occ_residues.auth_seq_id 
_pdbx_unobs_or_zero_occ_residues.PDB_ins_code 
_pdbx_unobs_or_zero_occ_residues.label_asym_id 
_pdbx_unobs_or_zero_occ_residues.label_comp_id 
_pdbx_unobs_or_zero_occ_residues.label_seq_id 
1 1 Y 1 B MET 1   ? A MET 1   
2 1 Y 1 B GLU 26  ? A GLU 26  
3 1 Y 1 B PRO 113 ? A PRO 113 
4 1 Y 1 B GLU 114 ? A GLU 114 
# 
loop_
_chem_comp_atom.comp_id 
_chem_comp_atom.atom_id 
_chem_comp_atom.type_symbol 
_chem_comp_atom.pdbx_aromatic_flag 
_chem_comp_atom.pdbx_stereo_config 
_chem_comp_atom.pdbx_ordinal 
8SL C10  C N N 1   
8SL C13  C Y N 2   
8SL C15  C Y N 3   
8SL C17  C Y N 4   
8SL C20  C Y N 5   
8SL C21  C Y N 6   
8SL C22  C Y N 7   
8SL C24  C Y N 8   
8SL C26  C N N 9   
8SL N01  N Y N 10  
8SL N02  N Y N 11  
8SL C03  C Y N 12  
8SL N04  N Y N 13  
8SL C05  C Y N 14  
8SL S06  S N N 15  
8SL C07  C N N 16  
8SL C08  C N N 17  
8SL C09  C N N 18  
8SL C11  C N N 19  
8SL C12  C Y N 20  
8SL C14  C Y N 21  
8SL C16  C Y N 22  
8SL C18  C N N 23  
8SL C19  C Y N 24  
8SL C23  C Y N 25  
8SL O25  O N N 26  
8SL H1   H N N 27  
8SL H2   H N N 28  
8SL H3   H N N 29  
8SL H4   H N N 30  
8SL H5   H N N 31  
8SL H6   H N N 32  
8SL H7   H N N 33  
8SL H8   H N N 34  
8SL H9   H N N 35  
8SL H10  H N N 36  
8SL H11  H N N 37  
8SL H12  H N N 38  
8SL H13  H N N 39  
8SL H14  H N N 40  
8SL H15  H N N 41  
8SL H16  H N N 42  
8SL H17  H N N 43  
8SL H18  H N N 44  
8SL H19  H N N 45  
8SL H20  H N N 46  
8SL H21  H N N 47  
8SL H22  H N N 48  
8SL H23  H N N 49  
8SL H24  H N N 50  
8SL H25  H N N 51  
ALA N    N N N 52  
ALA CA   C N S 53  
ALA C    C N N 54  
ALA O    O N N 55  
ALA CB   C N N 56  
ALA OXT  O N N 57  
ALA H    H N N 58  
ALA H2   H N N 59  
ALA HA   H N N 60  
ALA HB1  H N N 61  
ALA HB2  H N N 62  
ALA HB3  H N N 63  
ALA HXT  H N N 64  
ARG N    N N N 65  
ARG CA   C N S 66  
ARG C    C N N 67  
ARG O    O N N 68  
ARG CB   C N N 69  
ARG CG   C N N 70  
ARG CD   C N N 71  
ARG NE   N N N 72  
ARG CZ   C N N 73  
ARG NH1  N N N 74  
ARG NH2  N N N 75  
ARG OXT  O N N 76  
ARG H    H N N 77  
ARG H2   H N N 78  
ARG HA   H N N 79  
ARG HB2  H N N 80  
ARG HB3  H N N 81  
ARG HG2  H N N 82  
ARG HG3  H N N 83  
ARG HD2  H N N 84  
ARG HD3  H N N 85  
ARG HE   H N N 86  
ARG HH11 H N N 87  
ARG HH12 H N N 88  
ARG HH21 H N N 89  
ARG HH22 H N N 90  
ARG HXT  H N N 91  
ASN N    N N N 92  
ASN CA   C N S 93  
ASN C    C N N 94  
ASN O    O N N 95  
ASN CB   C N N 96  
ASN CG   C N N 97  
ASN OD1  O N N 98  
ASN ND2  N N N 99  
ASN OXT  O N N 100 
ASN H    H N N 101 
ASN H2   H N N 102 
ASN HA   H N N 103 
ASN HB2  H N N 104 
ASN HB3  H N N 105 
ASN HD21 H N N 106 
ASN HD22 H N N 107 
ASN HXT  H N N 108 
ASP N    N N N 109 
ASP CA   C N S 110 
ASP C    C N N 111 
ASP O    O N N 112 
ASP CB   C N N 113 
ASP CG   C N N 114 
ASP OD1  O N N 115 
ASP OD2  O N N 116 
ASP OXT  O N N 117 
ASP H    H N N 118 
ASP H2   H N N 119 
ASP HA   H N N 120 
ASP HB2  H N N 121 
ASP HB3  H N N 122 
ASP HD2  H N N 123 
ASP HXT  H N N 124 
CYS N    N N N 125 
CYS CA   C N R 126 
CYS C    C N N 127 
CYS O    O N N 128 
CYS CB   C N N 129 
CYS SG   S N N 130 
CYS OXT  O N N 131 
CYS H    H N N 132 
CYS H2   H N N 133 
CYS HA   H N N 134 
CYS HB2  H N N 135 
CYS HB3  H N N 136 
CYS HG   H N N 137 
CYS HXT  H N N 138 
GLN N    N N N 139 
GLN CA   C N S 140 
GLN C    C N N 141 
GLN O    O N N 142 
GLN CB   C N N 143 
GLN CG   C N N 144 
GLN CD   C N N 145 
GLN OE1  O N N 146 
GLN NE2  N N N 147 
GLN OXT  O N N 148 
GLN H    H N N 149 
GLN H2   H N N 150 
GLN HA   H N N 151 
GLN HB2  H N N 152 
GLN HB3  H N N 153 
GLN HG2  H N N 154 
GLN HG3  H N N 155 
GLN HE21 H N N 156 
GLN HE22 H N N 157 
GLN HXT  H N N 158 
GLU N    N N N 159 
GLU CA   C N S 160 
GLU C    C N N 161 
GLU O    O N N 162 
GLU CB   C N N 163 
GLU CG   C N N 164 
GLU CD   C N N 165 
GLU OE1  O N N 166 
GLU OE2  O N N 167 
GLU OXT  O N N 168 
GLU H    H N N 169 
GLU H2   H N N 170 
GLU HA   H N N 171 
GLU HB2  H N N 172 
GLU HB3  H N N 173 
GLU HG2  H N N 174 
GLU HG3  H N N 175 
GLU HE2  H N N 176 
GLU HXT  H N N 177 
GLY N    N N N 178 
GLY CA   C N N 179 
GLY C    C N N 180 
GLY O    O N N 181 
GLY OXT  O N N 182 
GLY H    H N N 183 
GLY H2   H N N 184 
GLY HA2  H N N 185 
GLY HA3  H N N 186 
GLY HXT  H N N 187 
HIS N    N N N 188 
HIS CA   C N S 189 
HIS C    C N N 190 
HIS O    O N N 191 
HIS CB   C N N 192 
HIS CG   C Y N 193 
HIS ND1  N Y N 194 
HIS CD2  C Y N 195 
HIS CE1  C Y N 196 
HIS NE2  N Y N 197 
HIS OXT  O N N 198 
HIS H    H N N 199 
HIS H2   H N N 200 
HIS HA   H N N 201 
HIS HB2  H N N 202 
HIS HB3  H N N 203 
HIS HD1  H N N 204 
HIS HD2  H N N 205 
HIS HE1  H N N 206 
HIS HE2  H N N 207 
HIS HXT  H N N 208 
HOH O    O N N 209 
HOH H1   H N N 210 
HOH H2   H N N 211 
ILE N    N N N 212 
ILE CA   C N S 213 
ILE C    C N N 214 
ILE O    O N N 215 
ILE CB   C N S 216 
ILE CG1  C N N 217 
ILE CG2  C N N 218 
ILE CD1  C N N 219 
ILE OXT  O N N 220 
ILE H    H N N 221 
ILE H2   H N N 222 
ILE HA   H N N 223 
ILE HB   H N N 224 
ILE HG12 H N N 225 
ILE HG13 H N N 226 
ILE HG21 H N N 227 
ILE HG22 H N N 228 
ILE HG23 H N N 229 
ILE HD11 H N N 230 
ILE HD12 H N N 231 
ILE HD13 H N N 232 
ILE HXT  H N N 233 
LEU N    N N N 234 
LEU CA   C N S 235 
LEU C    C N N 236 
LEU O    O N N 237 
LEU CB   C N N 238 
LEU CG   C N N 239 
LEU CD1  C N N 240 
LEU CD2  C N N 241 
LEU OXT  O N N 242 
LEU H    H N N 243 
LEU H2   H N N 244 
LEU HA   H N N 245 
LEU HB2  H N N 246 
LEU HB3  H N N 247 
LEU HG   H N N 248 
LEU HD11 H N N 249 
LEU HD12 H N N 250 
LEU HD13 H N N 251 
LEU HD21 H N N 252 
LEU HD22 H N N 253 
LEU HD23 H N N 254 
LEU HXT  H N N 255 
LYS N    N N N 256 
LYS CA   C N S 257 
LYS C    C N N 258 
LYS O    O N N 259 
LYS CB   C N N 260 
LYS CG   C N N 261 
LYS CD   C N N 262 
LYS CE   C N N 263 
LYS NZ   N N N 264 
LYS OXT  O N N 265 
LYS H    H N N 266 
LYS H2   H N N 267 
LYS HA   H N N 268 
LYS HB2  H N N 269 
LYS HB3  H N N 270 
LYS HG2  H N N 271 
LYS HG3  H N N 272 
LYS HD2  H N N 273 
LYS HD3  H N N 274 
LYS HE2  H N N 275 
LYS HE3  H N N 276 
LYS HZ1  H N N 277 
LYS HZ2  H N N 278 
LYS HZ3  H N N 279 
LYS HXT  H N N 280 
MET N    N N N 281 
MET CA   C N S 282 
MET C    C N N 283 
MET O    O N N 284 
MET CB   C N N 285 
MET CG   C N N 286 
MET SD   S N N 287 
MET CE   C N N 288 
MET OXT  O N N 289 
MET H    H N N 290 
MET H2   H N N 291 
MET HA   H N N 292 
MET HB2  H N N 293 
MET HB3  H N N 294 
MET HG2  H N N 295 
MET HG3  H N N 296 
MET HE1  H N N 297 
MET HE2  H N N 298 
MET HE3  H N N 299 
MET HXT  H N N 300 
PHE N    N N N 301 
PHE CA   C N S 302 
PHE C    C N N 303 
PHE O    O N N 304 
PHE CB   C N N 305 
PHE CG   C Y N 306 
PHE CD1  C Y N 307 
PHE CD2  C Y N 308 
PHE CE1  C Y N 309 
PHE CE2  C Y N 310 
PHE CZ   C Y N 311 
PHE OXT  O N N 312 
PHE H    H N N 313 
PHE H2   H N N 314 
PHE HA   H N N 315 
PHE HB2  H N N 316 
PHE HB3  H N N 317 
PHE HD1  H N N 318 
PHE HD2  H N N 319 
PHE HE1  H N N 320 
PHE HE2  H N N 321 
PHE HZ   H N N 322 
PHE HXT  H N N 323 
PRO N    N N N 324 
PRO CA   C N S 325 
PRO C    C N N 326 
PRO O    O N N 327 
PRO CB   C N N 328 
PRO CG   C N N 329 
PRO CD   C N N 330 
PRO OXT  O N N 331 
PRO H    H N N 332 
PRO HA   H N N 333 
PRO HB2  H N N 334 
PRO HB3  H N N 335 
PRO HG2  H N N 336 
PRO HG3  H N N 337 
PRO HD2  H N N 338 
PRO HD3  H N N 339 
PRO HXT  H N N 340 
SER N    N N N 341 
SER CA   C N S 342 
SER C    C N N 343 
SER O    O N N 344 
SER CB   C N N 345 
SER OG   O N N 346 
SER OXT  O N N 347 
SER H    H N N 348 
SER H2   H N N 349 
SER HA   H N N 350 
SER HB2  H N N 351 
SER HB3  H N N 352 
SER HG   H N N 353 
SER HXT  H N N 354 
THR N    N N N 355 
THR CA   C N S 356 
THR C    C N N 357 
THR O    O N N 358 
THR CB   C N R 359 
THR OG1  O N N 360 
THR CG2  C N N 361 
THR OXT  O N N 362 
THR H    H N N 363 
THR H2   H N N 364 
THR HA   H N N 365 
THR HB   H N N 366 
THR HG1  H N N 367 
THR HG21 H N N 368 
THR HG22 H N N 369 
THR HG23 H N N 370 
THR HXT  H N N 371 
TRP N    N N N 372 
TRP CA   C N S 373 
TRP C    C N N 374 
TRP O    O N N 375 
TRP CB   C N N 376 
TRP CG   C Y N 377 
TRP CD1  C Y N 378 
TRP CD2  C Y N 379 
TRP NE1  N Y N 380 
TRP CE2  C Y N 381 
TRP CE3  C Y N 382 
TRP CZ2  C Y N 383 
TRP CZ3  C Y N 384 
TRP CH2  C Y N 385 
TRP OXT  O N N 386 
TRP H    H N N 387 
TRP H2   H N N 388 
TRP HA   H N N 389 
TRP HB2  H N N 390 
TRP HB3  H N N 391 
TRP HD1  H N N 392 
TRP HE1  H N N 393 
TRP HE3  H N N 394 
TRP HZ2  H N N 395 
TRP HZ3  H N N 396 
TRP HH2  H N N 397 
TRP HXT  H N N 398 
TYR N    N N N 399 
TYR CA   C N S 400 
TYR C    C N N 401 
TYR O    O N N 402 
TYR CB   C N N 403 
TYR CG   C Y N 404 
TYR CD1  C Y N 405 
TYR CD2  C Y N 406 
TYR CE1  C Y N 407 
TYR CE2  C Y N 408 
TYR CZ   C Y N 409 
TYR OH   O N N 410 
TYR OXT  O N N 411 
TYR H    H N N 412 
TYR H2   H N N 413 
TYR HA   H N N 414 
TYR HB2  H N N 415 
TYR HB3  H N N 416 
TYR HD1  H N N 417 
TYR HD2  H N N 418 
TYR HE1  H N N 419 
TYR HE2  H N N 420 
TYR HH   H N N 421 
TYR HXT  H N N 422 
VAL N    N N N 423 
VAL CA   C N S 424 
VAL C    C N N 425 
VAL O    O N N 426 
VAL CB   C N N 427 
VAL CG1  C N N 428 
VAL CG2  C N N 429 
VAL OXT  O N N 430 
VAL H    H N N 431 
VAL H2   H N N 432 
VAL HA   H N N 433 
VAL HB   H N N 434 
VAL HG11 H N N 435 
VAL HG12 H N N 436 
VAL HG13 H N N 437 
VAL HG21 H N N 438 
VAL HG22 H N N 439 
VAL HG23 H N N 440 
VAL HXT  H N N 441 
# 
loop_
_chem_comp_bond.comp_id 
_chem_comp_bond.atom_id_1 
_chem_comp_bond.atom_id_2 
_chem_comp_bond.value_order 
_chem_comp_bond.pdbx_aromatic_flag 
_chem_comp_bond.pdbx_stereo_config 
_chem_comp_bond.pdbx_ordinal 
8SL O25 C26  sing N N 1   
8SL O25 C22  sing N N 2   
8SL C21 C22  doub Y N 3   
8SL C21 C20  sing Y N 4   
8SL C22 C23  sing Y N 5   
8SL C20 C19  doub Y N 6   
8SL C23 C24  doub Y N 7   
8SL C19 C24  sing Y N 8   
8SL C19 C18  sing N N 9   
8SL N02 N01  sing Y N 10  
8SL N02 C03  doub Y N 11  
8SL N01 C05  doub Y N 12  
8SL C09 C08  sing N N 13  
8SL C18 S06  sing N N 14  
8SL C08 C07  sing N N 15  
8SL C08 C10  sing N N 16  
8SL C03 C07  sing N N 17  
8SL C03 N04  sing Y N 18  
8SL C05 S06  sing N N 19  
8SL C05 N04  sing Y N 20  
8SL N04 C11  sing N N 21  
8SL C11 C12  sing N N 22  
8SL C12 C13  doub Y N 23  
8SL C12 C17  sing Y N 24  
8SL C13 C14  sing Y N 25  
8SL C17 C16  doub Y N 26  
8SL C14 C15  doub Y N 27  
8SL C16 C15  sing Y N 28  
8SL C10 H1   sing N N 29  
8SL C10 H2   sing N N 30  
8SL C10 H3   sing N N 31  
8SL C13 H4   sing N N 32  
8SL C15 H5   sing N N 33  
8SL C17 H6   sing N N 34  
8SL C20 H7   sing N N 35  
8SL C21 H8   sing N N 36  
8SL C24 H9   sing N N 37  
8SL C26 H10  sing N N 38  
8SL C26 H11  sing N N 39  
8SL C26 H12  sing N N 40  
8SL C07 H13  sing N N 41  
8SL C07 H14  sing N N 42  
8SL C08 H15  sing N N 43  
8SL C09 H16  sing N N 44  
8SL C09 H17  sing N N 45  
8SL C09 H18  sing N N 46  
8SL C11 H19  sing N N 47  
8SL C11 H20  sing N N 48  
8SL C14 H21  sing N N 49  
8SL C16 H22  sing N N 50  
8SL C18 H23  sing N N 51  
8SL C18 H24  sing N N 52  
8SL C23 H25  sing N N 53  
ALA N   CA   sing N N 54  
ALA N   H    sing N N 55  
ALA N   H2   sing N N 56  
ALA CA  C    sing N N 57  
ALA CA  CB   sing N N 58  
ALA CA  HA   sing N N 59  
ALA C   O    doub N N 60  
ALA C   OXT  sing N N 61  
ALA CB  HB1  sing N N 62  
ALA CB  HB2  sing N N 63  
ALA CB  HB3  sing N N 64  
ALA OXT HXT  sing N N 65  
ARG N   CA   sing N N 66  
ARG N   H    sing N N 67  
ARG N   H2   sing N N 68  
ARG CA  C    sing N N 69  
ARG CA  CB   sing N N 70  
ARG CA  HA   sing N N 71  
ARG C   O    doub N N 72  
ARG C   OXT  sing N N 73  
ARG CB  CG   sing N N 74  
ARG CB  HB2  sing N N 75  
ARG CB  HB3  sing N N 76  
ARG CG  CD   sing N N 77  
ARG CG  HG2  sing N N 78  
ARG CG  HG3  sing N N 79  
ARG CD  NE   sing N N 80  
ARG CD  HD2  sing N N 81  
ARG CD  HD3  sing N N 82  
ARG NE  CZ   sing N N 83  
ARG NE  HE   sing N N 84  
ARG CZ  NH1  sing N N 85  
ARG CZ  NH2  doub N N 86  
ARG NH1 HH11 sing N N 87  
ARG NH1 HH12 sing N N 88  
ARG NH2 HH21 sing N N 89  
ARG NH2 HH22 sing N N 90  
ARG OXT HXT  sing N N 91  
ASN N   CA   sing N N 92  
ASN N   H    sing N N 93  
ASN N   H2   sing N N 94  
ASN CA  C    sing N N 95  
ASN CA  CB   sing N N 96  
ASN CA  HA   sing N N 97  
ASN C   O    doub N N 98  
ASN C   OXT  sing N N 99  
ASN CB  CG   sing N N 100 
ASN CB  HB2  sing N N 101 
ASN CB  HB3  sing N N 102 
ASN CG  OD1  doub N N 103 
ASN CG  ND2  sing N N 104 
ASN ND2 HD21 sing N N 105 
ASN ND2 HD22 sing N N 106 
ASN OXT HXT  sing N N 107 
ASP N   CA   sing N N 108 
ASP N   H    sing N N 109 
ASP N   H2   sing N N 110 
ASP CA  C    sing N N 111 
ASP CA  CB   sing N N 112 
ASP CA  HA   sing N N 113 
ASP C   O    doub N N 114 
ASP C   OXT  sing N N 115 
ASP CB  CG   sing N N 116 
ASP CB  HB2  sing N N 117 
ASP CB  HB3  sing N N 118 
ASP CG  OD1  doub N N 119 
ASP CG  OD2  sing N N 120 
ASP OD2 HD2  sing N N 121 
ASP OXT HXT  sing N N 122 
CYS N   CA   sing N N 123 
CYS N   H    sing N N 124 
CYS N   H2   sing N N 125 
CYS CA  C    sing N N 126 
CYS CA  CB   sing N N 127 
CYS CA  HA   sing N N 128 
CYS C   O    doub N N 129 
CYS C   OXT  sing N N 130 
CYS CB  SG   sing N N 131 
CYS CB  HB2  sing N N 132 
CYS CB  HB3  sing N N 133 
CYS SG  HG   sing N N 134 
CYS OXT HXT  sing N N 135 
GLN N   CA   sing N N 136 
GLN N   H    sing N N 137 
GLN N   H2   sing N N 138 
GLN CA  C    sing N N 139 
GLN CA  CB   sing N N 140 
GLN CA  HA   sing N N 141 
GLN C   O    doub N N 142 
GLN C   OXT  sing N N 143 
GLN CB  CG   sing N N 144 
GLN CB  HB2  sing N N 145 
GLN CB  HB3  sing N N 146 
GLN CG  CD   sing N N 147 
GLN CG  HG2  sing N N 148 
GLN CG  HG3  sing N N 149 
GLN CD  OE1  doub N N 150 
GLN CD  NE2  sing N N 151 
GLN NE2 HE21 sing N N 152 
GLN NE2 HE22 sing N N 153 
GLN OXT HXT  sing N N 154 
GLU N   CA   sing N N 155 
GLU N   H    sing N N 156 
GLU N   H2   sing N N 157 
GLU CA  C    sing N N 158 
GLU CA  CB   sing N N 159 
GLU CA  HA   sing N N 160 
GLU C   O    doub N N 161 
GLU C   OXT  sing N N 162 
GLU CB  CG   sing N N 163 
GLU CB  HB2  sing N N 164 
GLU CB  HB3  sing N N 165 
GLU CG  CD   sing N N 166 
GLU CG  HG2  sing N N 167 
GLU CG  HG3  sing N N 168 
GLU CD  OE1  doub N N 169 
GLU CD  OE2  sing N N 170 
GLU OE2 HE2  sing N N 171 
GLU OXT HXT  sing N N 172 
GLY N   CA   sing N N 173 
GLY N   H    sing N N 174 
GLY N   H2   sing N N 175 
GLY CA  C    sing N N 176 
GLY CA  HA2  sing N N 177 
GLY CA  HA3  sing N N 178 
GLY C   O    doub N N 179 
GLY C   OXT  sing N N 180 
GLY OXT HXT  sing N N 181 
HIS N   CA   sing N N 182 
HIS N   H    sing N N 183 
HIS N   H2   sing N N 184 
HIS CA  C    sing N N 185 
HIS CA  CB   sing N N 186 
HIS CA  HA   sing N N 187 
HIS C   O    doub N N 188 
HIS C   OXT  sing N N 189 
HIS CB  CG   sing N N 190 
HIS CB  HB2  sing N N 191 
HIS CB  HB3  sing N N 192 
HIS CG  ND1  sing Y N 193 
HIS CG  CD2  doub Y N 194 
HIS ND1 CE1  doub Y N 195 
HIS ND1 HD1  sing N N 196 
HIS CD2 NE2  sing Y N 197 
HIS CD2 HD2  sing N N 198 
HIS CE1 NE2  sing Y N 199 
HIS CE1 HE1  sing N N 200 
HIS NE2 HE2  sing N N 201 
HIS OXT HXT  sing N N 202 
HOH O   H1   sing N N 203 
HOH O   H2   sing N N 204 
ILE N   CA   sing N N 205 
ILE N   H    sing N N 206 
ILE N   H2   sing N N 207 
ILE CA  C    sing N N 208 
ILE CA  CB   sing N N 209 
ILE CA  HA   sing N N 210 
ILE C   O    doub N N 211 
ILE C   OXT  sing N N 212 
ILE CB  CG1  sing N N 213 
ILE CB  CG2  sing N N 214 
ILE CB  HB   sing N N 215 
ILE CG1 CD1  sing N N 216 
ILE CG1 HG12 sing N N 217 
ILE CG1 HG13 sing N N 218 
ILE CG2 HG21 sing N N 219 
ILE CG2 HG22 sing N N 220 
ILE CG2 HG23 sing N N 221 
ILE CD1 HD11 sing N N 222 
ILE CD1 HD12 sing N N 223 
ILE CD1 HD13 sing N N 224 
ILE OXT HXT  sing N N 225 
LEU N   CA   sing N N 226 
LEU N   H    sing N N 227 
LEU N   H2   sing N N 228 
LEU CA  C    sing N N 229 
LEU CA  CB   sing N N 230 
LEU CA  HA   sing N N 231 
LEU C   O    doub N N 232 
LEU C   OXT  sing N N 233 
LEU CB  CG   sing N N 234 
LEU CB  HB2  sing N N 235 
LEU CB  HB3  sing N N 236 
LEU CG  CD1  sing N N 237 
LEU CG  CD2  sing N N 238 
LEU CG  HG   sing N N 239 
LEU CD1 HD11 sing N N 240 
LEU CD1 HD12 sing N N 241 
LEU CD1 HD13 sing N N 242 
LEU CD2 HD21 sing N N 243 
LEU CD2 HD22 sing N N 244 
LEU CD2 HD23 sing N N 245 
LEU OXT HXT  sing N N 246 
LYS N   CA   sing N N 247 
LYS N   H    sing N N 248 
LYS N   H2   sing N N 249 
LYS CA  C    sing N N 250 
LYS CA  CB   sing N N 251 
LYS CA  HA   sing N N 252 
LYS C   O    doub N N 253 
LYS C   OXT  sing N N 254 
LYS CB  CG   sing N N 255 
LYS CB  HB2  sing N N 256 
LYS CB  HB3  sing N N 257 
LYS CG  CD   sing N N 258 
LYS CG  HG2  sing N N 259 
LYS CG  HG3  sing N N 260 
LYS CD  CE   sing N N 261 
LYS CD  HD2  sing N N 262 
LYS CD  HD3  sing N N 263 
LYS CE  NZ   sing N N 264 
LYS CE  HE2  sing N N 265 
LYS CE  HE3  sing N N 266 
LYS NZ  HZ1  sing N N 267 
LYS NZ  HZ2  sing N N 268 
LYS NZ  HZ3  sing N N 269 
LYS OXT HXT  sing N N 270 
MET N   CA   sing N N 271 
MET N   H    sing N N 272 
MET N   H2   sing N N 273 
MET CA  C    sing N N 274 
MET CA  CB   sing N N 275 
MET CA  HA   sing N N 276 
MET C   O    doub N N 277 
MET C   OXT  sing N N 278 
MET CB  CG   sing N N 279 
MET CB  HB2  sing N N 280 
MET CB  HB3  sing N N 281 
MET CG  SD   sing N N 282 
MET CG  HG2  sing N N 283 
MET CG  HG3  sing N N 284 
MET SD  CE   sing N N 285 
MET CE  HE1  sing N N 286 
MET CE  HE2  sing N N 287 
MET CE  HE3  sing N N 288 
MET OXT HXT  sing N N 289 
PHE N   CA   sing N N 290 
PHE N   H    sing N N 291 
PHE N   H2   sing N N 292 
PHE CA  C    sing N N 293 
PHE CA  CB   sing N N 294 
PHE CA  HA   sing N N 295 
PHE C   O    doub N N 296 
PHE C   OXT  sing N N 297 
PHE CB  CG   sing N N 298 
PHE CB  HB2  sing N N 299 
PHE CB  HB3  sing N N 300 
PHE CG  CD1  doub Y N 301 
PHE CG  CD2  sing Y N 302 
PHE CD1 CE1  sing Y N 303 
PHE CD1 HD1  sing N N 304 
PHE CD2 CE2  doub Y N 305 
PHE CD2 HD2  sing N N 306 
PHE CE1 CZ   doub Y N 307 
PHE CE1 HE1  sing N N 308 
PHE CE2 CZ   sing Y N 309 
PHE CE2 HE2  sing N N 310 
PHE CZ  HZ   sing N N 311 
PHE OXT HXT  sing N N 312 
PRO N   CA   sing N N 313 
PRO N   CD   sing N N 314 
PRO N   H    sing N N 315 
PRO CA  C    sing N N 316 
PRO CA  CB   sing N N 317 
PRO CA  HA   sing N N 318 
PRO C   O    doub N N 319 
PRO C   OXT  sing N N 320 
PRO CB  CG   sing N N 321 
PRO CB  HB2  sing N N 322 
PRO CB  HB3  sing N N 323 
PRO CG  CD   sing N N 324 
PRO CG  HG2  sing N N 325 
PRO CG  HG3  sing N N 326 
PRO CD  HD2  sing N N 327 
PRO CD  HD3  sing N N 328 
PRO OXT HXT  sing N N 329 
SER N   CA   sing N N 330 
SER N   H    sing N N 331 
SER N   H2   sing N N 332 
SER CA  C    sing N N 333 
SER CA  CB   sing N N 334 
SER CA  HA   sing N N 335 
SER C   O    doub N N 336 
SER C   OXT  sing N N 337 
SER CB  OG   sing N N 338 
SER CB  HB2  sing N N 339 
SER CB  HB3  sing N N 340 
SER OG  HG   sing N N 341 
SER OXT HXT  sing N N 342 
THR N   CA   sing N N 343 
THR N   H    sing N N 344 
THR N   H2   sing N N 345 
THR CA  C    sing N N 346 
THR CA  CB   sing N N 347 
THR CA  HA   sing N N 348 
THR C   O    doub N N 349 
THR C   OXT  sing N N 350 
THR CB  OG1  sing N N 351 
THR CB  CG2  sing N N 352 
THR CB  HB   sing N N 353 
THR OG1 HG1  sing N N 354 
THR CG2 HG21 sing N N 355 
THR CG2 HG22 sing N N 356 
THR CG2 HG23 sing N N 357 
THR OXT HXT  sing N N 358 
TRP N   CA   sing N N 359 
TRP N   H    sing N N 360 
TRP N   H2   sing N N 361 
TRP CA  C    sing N N 362 
TRP CA  CB   sing N N 363 
TRP CA  HA   sing N N 364 
TRP C   O    doub N N 365 
TRP C   OXT  sing N N 366 
TRP CB  CG   sing N N 367 
TRP CB  HB2  sing N N 368 
TRP CB  HB3  sing N N 369 
TRP CG  CD1  doub Y N 370 
TRP CG  CD2  sing Y N 371 
TRP CD1 NE1  sing Y N 372 
TRP CD1 HD1  sing N N 373 
TRP CD2 CE2  doub Y N 374 
TRP CD2 CE3  sing Y N 375 
TRP NE1 CE2  sing Y N 376 
TRP NE1 HE1  sing N N 377 
TRP CE2 CZ2  sing Y N 378 
TRP CE3 CZ3  doub Y N 379 
TRP CE3 HE3  sing N N 380 
TRP CZ2 CH2  doub Y N 381 
TRP CZ2 HZ2  sing N N 382 
TRP CZ3 CH2  sing Y N 383 
TRP CZ3 HZ3  sing N N 384 
TRP CH2 HH2  sing N N 385 
TRP OXT HXT  sing N N 386 
TYR N   CA   sing N N 387 
TYR N   H    sing N N 388 
TYR N   H2   sing N N 389 
TYR CA  C    sing N N 390 
TYR CA  CB   sing N N 391 
TYR CA  HA   sing N N 392 
TYR C   O    doub N N 393 
TYR C   OXT  sing N N 394 
TYR CB  CG   sing N N 395 
TYR CB  HB2  sing N N 396 
TYR CB  HB3  sing N N 397 
TYR CG  CD1  doub Y N 398 
TYR CG  CD2  sing Y N 399 
TYR CD1 CE1  sing Y N 400 
TYR CD1 HD1  sing N N 401 
TYR CD2 CE2  doub Y N 402 
TYR CD2 HD2  sing N N 403 
TYR CE1 CZ   doub Y N 404 
TYR CE1 HE1  sing N N 405 
TYR CE2 CZ   sing Y N 406 
TYR CE2 HE2  sing N N 407 
TYR CZ  OH   sing N N 408 
TYR OH  HH   sing N N 409 
TYR OXT HXT  sing N N 410 
VAL N   CA   sing N N 411 
VAL N   H    sing N N 412 
VAL N   H2   sing N N 413 
VAL CA  C    sing N N 414 
VAL CA  CB   sing N N 415 
VAL CA  HA   sing N N 416 
VAL C   O    doub N N 417 
VAL C   OXT  sing N N 418 
VAL CB  CG1  sing N N 419 
VAL CB  CG2  sing N N 420 
VAL CB  HB   sing N N 421 
VAL CG1 HG11 sing N N 422 
VAL CG1 HG12 sing N N 423 
VAL CG1 HG13 sing N N 424 
VAL CG2 HG21 sing N N 425 
VAL CG2 HG22 sing N N 426 
VAL CG2 HG23 sing N N 427 
VAL OXT HXT  sing N N 428 
# 
_atom_sites.entry_id                    5YAW 
_atom_sites.fract_transf_matrix[1][1]   0.00574068 
_atom_sites.fract_transf_matrix[1][2]   0.01271447 
_atom_sites.fract_transf_matrix[1][3]   -0.01511037 
_atom_sites.fract_transf_matrix[2][1]   -0.00316593 
_atom_sites.fract_transf_matrix[2][2]   0.02023722 
_atom_sites.fract_transf_matrix[2][3]   0.00183060 
_atom_sites.fract_transf_matrix[3][1]   0.00773471 
_atom_sites.fract_transf_matrix[3][2]   0.00087743 
_atom_sites.fract_transf_matrix[3][3]   0.00367685 
_atom_sites.fract_transf_vector[1]      0.430684 
_atom_sites.fract_transf_vector[2]      -0.162130 
_atom_sites.fract_transf_vector[3]      -0.075522 
# 
loop_
_atom_type.symbol 
C 
N 
O 
S 
# 
loop_
_atom_site.group_PDB 
_atom_site.id 
_atom_site.type_symbol 
_atom_site.label_atom_id 
_atom_site.label_alt_id 
_atom_site.label_comp_id 
_atom_site.label_asym_id 
_atom_site.label_entity_id 
_atom_site.label_seq_id 
_atom_site.pdbx_PDB_ins_code 
_atom_site.Cartn_x 
_atom_site.Cartn_y 
_atom_site.Cartn_z 
_atom_site.occupancy 
_atom_site.B_iso_or_equiv 
_atom_site.pdbx_formal_charge 
_atom_site.auth_seq_id 
_atom_site.auth_comp_id 
_atom_site.auth_asym_id 
_atom_site.auth_atom_id 
_atom_site.pdbx_PDB_model_num 
ATOM   1    N N   . SER A 1 2   ? -17.247 0.132   21.456  1.00 46.68 ? 2   SER B N   1 
ATOM   2    C CA  . SER A 1 2   ? -18.093 0.744   20.428  1.00 48.34 ? 2   SER B CA  1 
ATOM   3    C C   . SER A 1 2   ? -18.392 -0.190  19.256  1.00 49.68 ? 2   SER B C   1 
ATOM   4    O O   . SER A 1 2   ? -17.595 -1.067  18.926  1.00 48.53 ? 2   SER B O   1 
ATOM   5    C CB  . SER A 1 2   ? -17.441 2.015   19.894  1.00 55.50 ? 2   SER B CB  1 
ATOM   6    O OG  . SER A 1 2   ? -17.960 2.345   18.617  1.00 50.20 ? 2   SER B OG  1 
ATOM   7    N N   . ALA A 1 3   ? -19.530 0.028   18.603  1.00 47.87 ? 3   ALA B N   1 
ATOM   8    C CA  . ALA A 1 3   ? -19.991 -0.876  17.553  1.00 45.79 ? 3   ALA B CA  1 
ATOM   9    C C   . ALA A 1 3   ? -19.104 -0.876  16.296  1.00 45.70 ? 3   ALA B C   1 
ATOM   10   O O   . ALA A 1 3   ? -18.805 -1.932  15.746  1.00 41.02 ? 3   ALA B O   1 
ATOM   11   C CB  . ALA A 1 3   ? -21.426 -0.546  17.174  1.00 51.82 ? 3   ALA B CB  1 
ATOM   12   N N   . LYS A 1 4   ? -18.686 0.293   15.831  1.00 46.54 ? 4   LYS B N   1 
ATOM   13   C CA  . LYS A 1 4   ? -17.848 0.341   14.634  1.00 44.45 ? 4   LYS B CA  1 
ATOM   14   C C   . LYS A 1 4   ? -16.474 -0.253  14.897  1.00 41.05 ? 4   LYS B C   1 
ATOM   15   O O   . LYS A 1 4   ? -15.904 -0.913  14.026  1.00 41.08 ? 4   LYS B O   1 
ATOM   16   C CB  . LYS A 1 4   ? -17.719 1.778   14.117  1.00 48.41 ? 4   LYS B CB  1 
ATOM   17   C CG  . LYS A 1 4   ? -19.023 2.347   13.562  1.00 44.05 ? 4   LYS B CG  1 
ATOM   18   C CD  . LYS A 1 4   ? -19.587 1.495   12.428  1.00 50.13 ? 4   LYS B CD  1 
ATOM   19   C CE  . LYS A 1 4   ? -18.715 1.558   11.167  1.00 52.46 ? 4   LYS B CE  1 
ATOM   20   N NZ  . LYS A 1 4   ? -19.514 1.439   9.891   1.00 52.50 ? 4   LYS B NZ  1 
ATOM   21   N N   . ASP A 1 5   ? -15.952 -0.020  16.097  1.00 41.10 ? 5   ASP B N   1 
ATOM   22   C CA  . ASP A 1 5   ? -14.648 -0.537  16.492  1.00 38.22 ? 5   ASP B CA  1 
ATOM   23   C C   . ASP A 1 5   ? -14.591 -2.039  16.341  1.00 35.15 ? 5   ASP B C   1 
ATOM   24   O O   . ASP A 1 5   ? -13.636 -2.616  15.853  1.00 30.87 ? 5   ASP B O   1 
ATOM   25   C CB  . ASP A 1 5   ? -14.342 -0.174  17.938  1.00 42.78 ? 5   ASP B CB  1 
ATOM   26   C CG  . ASP A 1 5   ? -14.156 1.308   18.136  1.00 52.21 ? 5   ASP B CG  1 
ATOM   27   O OD1 . ASP A 1 5   ? -13.490 1.939   17.284  1.00 58.25 ? 5   ASP B OD1 1 
ATOM   28   O OD2 . ASP A 1 5   ? -14.678 1.837   19.142  1.00 54.57 ? 5   ASP B OD2 1 
ATOM   29   N N   . GLU A 1 6   ? -15.640 -2.680  16.795  1.00 35.92 ? 6   GLU B N   1 
ATOM   30   C CA  . GLU A 1 6   ? -15.643 -4.114  16.791  1.00 35.11 ? 6   GLU B CA  1 
ATOM   31   C C   . GLU A 1 6   ? -15.712 -4.664  15.367  1.00 32.71 ? 6   GLU B C   1 
ATOM   32   O O   . GLU A 1 6   ? -15.082 -5.669  15.058  1.00 26.31 ? 6   GLU B O   1 
ATOM   33   C CB  . GLU A 1 6   ? -16.790 -4.573  17.637  1.00 39.26 ? 6   GLU B CB  1 
ATOM   34   C CG  . GLU A 1 6   ? -17.279 -5.918  17.394  1.00 38.61 ? 6   GLU B CG  1 
ATOM   35   C CD  . GLU A 1 6   ? -18.379 -6.178  18.362  1.00 47.34 ? 6   GLU B CD  1 
ATOM   36   O OE1 . GLU A 1 6   ? -19.423 -6.740  17.961  1.00 51.89 ? 6   GLU B OE1 1 
ATOM   37   O OE2 . GLU A 1 6   ? -18.201 -5.771  19.536  1.00 55.96 ? 6   GLU B OE2 1 
ATOM   38   N N   . ARG A 1 7   ? -16.447 -3.981  14.493  1.00 31.34 ? 7   ARG B N   1 
ATOM   39   C CA  . ARG A 1 7   ? -16.551 -4.412  13.102  1.00 32.49 ? 7   ARG B CA  1 
ATOM   40   C C   . ARG A 1 7   ? -15.210 -4.267  12.390  1.00 27.95 ? 7   ARG B C   1 
ATOM   41   O O   . ARG A 1 7   ? -14.823 -5.128  11.610  1.00 27.88 ? 7   ARG B O   1 
ATOM   42   C CB  . ARG A 1 7   ? -17.625 -3.612  12.356  1.00 35.70 ? 7   ARG B CB  1 
ATOM   43   C CG  . ARG A 1 7   ? -17.653 -3.872  10.861  1.00 33.15 ? 7   ARG B CG  1 
ATOM   44   C CD  . ARG A 1 7   ? -17.896 -5.336  10.585  1.00 37.21 ? 7   ARG B CD  1 
ATOM   45   N NE  . ARG A 1 7   ? -18.085 -5.639  9.172   1.00 39.91 ? 7   ARG B NE  1 
ATOM   46   C CZ  . ARG A 1 7   ? -18.039 -6.872  8.676   1.00 38.71 ? 7   ARG B CZ  1 
ATOM   47   N NH1 . ARG A 1 7   ? -17.802 -7.903  9.483   1.00 37.12 ? 7   ARG B NH1 1 
ATOM   48   N NH2 . ARG A 1 7   ? -18.227 -7.075  7.379   1.00 37.54 ? 7   ARG B NH2 1 
ATOM   49   N N   . ALA A 1 8   ? -14.522 -3.162  12.646  1.00 26.80 ? 8   ALA B N   1 
ATOM   50   C CA  . ALA A 1 8   ? -13.185 -2.939  12.097  1.00 29.89 ? 8   ALA B CA  1 
ATOM   51   C C   . ALA A 1 8   ? -12.216 -4.053  12.498  1.00 26.60 ? 8   ALA B C   1 
ATOM   52   O O   . ALA A 1 8   ? -11.410 -4.510  11.688  1.00 23.87 ? 8   ALA B O   1 
ATOM   53   C CB  . ALA A 1 8   ? -12.650 -1.590  12.551  1.00 30.31 ? 8   ALA B CB  1 
ATOM   54   N N   . ARG A 1 9   ? -12.310 -4.495  13.746  1.00 25.34 ? 9   ARG B N   1 
ATOM   55   C CA  . ARG A 1 9   ? -11.447 -5.568  14.244  1.00 27.71 ? 9   ARG B CA  1 
ATOM   56   C C   . ARG A 1 9   ? -11.775 -6.925  13.621  1.00 26.53 ? 9   ARG B C   1 
ATOM   57   O O   . ARG A 1 9   ? -10.892 -7.759  13.459  1.00 23.18 ? 9   ARG B O   1 
ATOM   58   C CB  . ARG A 1 9   ? -11.551 -5.673  15.769  1.00 28.77 ? 9   ARG B CB  1 
ATOM   59   C CG  . ARG A 1 9   ? -10.980 -4.488  16.514  1.00 33.39 ? 9   ARG B CG  1 
ATOM   60   C CD  . ARG A 1 9   ? -11.151 -4.690  17.999  1.00 36.28 ? 9   ARG B CD  1 
ATOM   61   N NE  . ARG A 1 9   ? -10.569 -3.612  18.781  1.00 43.98 ? 9   ARG B NE  1 
ATOM   62   C CZ  . ARG A 1 9   ? -10.373 -3.672  20.098  1.00 50.87 ? 9   ARG B CZ  1 
ATOM   63   N NH1 . ARG A 1 9   ? -10.722 -4.766  20.774  1.00 50.64 ? 9   ARG B NH1 1 
ATOM   64   N NH2 . ARG A 1 9   ? -9.823  -2.644  20.739  1.00 47.29 ? 9   ARG B NH2 1 
ATOM   65   N N   . GLU A 1 10  ? -13.051 -7.163  13.308  1.00 25.34 ? 10  GLU B N   1 
ATOM   66   C CA  . GLU A 1 10  ? -13.445 -8.362  12.571  1.00 23.29 ? 10  GLU B CA  1 
ATOM   67   C C   . GLU A 1 10  ? -12.872 -8.381  11.160  1.00 22.44 ? 10  GLU B C   1 
ATOM   68   O O   . GLU A 1 10  ? -12.425 -9.416  10.664  1.00 20.56 ? 10  GLU B O   1 
ATOM   69   C CB  . GLU A 1 10  ? -14.975 -8.464  12.464  1.00 27.61 ? 10  GLU B CB  1 
ATOM   70   C CG  . GLU A 1 10  ? -15.718 -8.231  13.780  1.00 32.21 ? 10  GLU B CG  1 
ATOM   71   C CD  . GLU A 1 10  ? -17.227 -8.482  13.666  1.00 39.39 ? 10  GLU B CD  1 
ATOM   72   O OE1 . GLU A 1 10  ? -17.848 -8.301  14.737  0.50 31.04 ? 10  GLU B OE1 1 
ATOM   73   O OE2 . GLU A 1 10  ? -17.840 -8.155  12.618  1.00 38.45 ? 10  GLU B OE2 1 
ATOM   74   N N   . ILE A 1 11  ? -12.974 -7.249  10.473  1.00 20.60 ? 11  ILE B N   1 
ATOM   75   C CA  . ILE A 1 11  ? -12.443 -7.152  9.121   1.00 22.84 ? 11  ILE B CA  1 
ATOM   76   C C   . ILE A 1 11  ? -10.921 -7.325  9.118   1.00 22.64 ? 11  ILE B C   1 
ATOM   77   O O   . ILE A 1 11  ? -10.376 -8.033  8.266   1.00 24.79 ? 11  ILE B O   1 
ATOM   78   C CB  . ILE A 1 11  ? -12.803 -5.804  8.472   1.00 24.25 ? 11  ILE B CB  1 
ATOM   79   C CG1 . ILE A 1 11  ? -14.294 -5.755  8.126   1.00 25.66 ? 11  ILE B CG1 1 
ATOM   80   C CG2 . ILE A 1 11  ? -11.962 -5.587  7.216   1.00 23.89 ? 11  ILE B CG2 1 
ATOM   81   C CD1 . ILE A 1 11  ? -14.806 -4.349  7.837   1.00 29.11 ? 11  ILE B CD1 1 
ATOM   82   N N   . LEU A 1 12  ? -10.235 -6.672  10.053  1.00 19.51 ? 12  LEU B N   1 
ATOM   83   C CA  . LEU A 1 12  ? -8.778  -6.823  10.159  1.00 21.73 ? 12  LEU B CA  1 
ATOM   84   C C   . LEU A 1 12  ? -8.396  -8.281  10.388  1.00 22.31 ? 12  LEU B C   1 
ATOM   85   O O   . LEU A 1 12  ? -7.481  -8.818  9.750   1.00 22.63 ? 12  LEU B O   1 
ATOM   86   C CB  . LEU A 1 12  ? -8.224  -5.955  11.293  1.00 21.28 ? 12  LEU B CB  1 
ATOM   87   C CG  . LEU A 1 12  ? -6.708  -6.060  11.565  1.00 26.19 ? 12  LEU B CG  1 
ATOM   88   C CD1 . LEU A 1 12  ? -5.906  -5.746  10.321  1.00 23.70 ? 12  LEU B CD1 1 
ATOM   89   C CD2 . LEU A 1 12  ? -6.256  -5.127  12.708  1.00 21.22 ? 12  LEU B CD2 1 
ATOM   90   N N   . ARG A 1 13  ? -9.100  -8.916  11.319  1.00 22.28 ? 13  ARG B N   1 
ATOM   91   C CA  . ARG A 1 13  ? -8.850  -10.309 11.659  1.00 20.95 ? 13  ARG B CA  1 
ATOM   92   C C   . ARG A 1 13  ? -8.958  -11.262 10.457  1.00 21.78 ? 13  ARG B C   1 
ATOM   93   O O   . ARG A 1 13  ? -8.146  -12.175 10.307  1.00 24.15 ? 13  ARG B O   1 
ATOM   94   C CB  . ARG A 1 13  ? -9.820  -10.750 12.763  1.00 21.80 ? 13  ARG B CB  1 
ATOM   95   C CG  . ARG A 1 13  ? -9.713  -12.239 13.076  1.00 22.30 ? 13  ARG B CG  1 
ATOM   96   C CD  . ARG A 1 13  ? -10.512 -12.648 14.311  1.00 23.20 ? 13  ARG B CD  1 
ATOM   97   N NE  . ARG A 1 13  ? -10.501 -14.107 14.431  1.00 22.83 ? 13  ARG B NE  1 
ATOM   98   C CZ  . ARG A 1 13  ? -9.554  -14.812 15.051  1.00 25.97 ? 13  ARG B CZ  1 
ATOM   99   N NH1 . ARG A 1 13  ? -8.543  -14.201 15.657  1.00 23.26 ? 13  ARG B NH1 1 
ATOM   100  N NH2 . ARG A 1 13  ? -9.632  -16.137 15.081  1.00 25.45 ? 13  ARG B NH2 1 
ATOM   101  N N   . GLY A 1 14  ? -9.952  -11.063 9.597   1.00 22.26 ? 14  GLY B N   1 
ATOM   102  C CA  . GLY A 1 14  ? -10.109 -11.940 8.447   1.00 23.33 ? 14  GLY B CA  1 
ATOM   103  C C   . GLY A 1 14  ? -9.325  -11.518 7.208   1.00 27.36 ? 14  GLY B C   1 
ATOM   104  O O   . GLY A 1 14  ? -9.494  -12.103 6.141   1.00 24.14 ? 14  GLY B O   1 
ATOM   105  N N   . PHE A 1 15  ? -8.474  -10.506 7.324   1.00 24.60 ? 15  PHE B N   1 
ATOM   106  C CA  . PHE A 1 15  ? -7.750  -9.995  6.135   1.00 24.21 ? 15  PHE B CA  1 
ATOM   107  C C   . PHE A 1 15  ? -6.289  -10.454 6.045   1.00 28.63 ? 15  PHE B C   1 
ATOM   108  O O   . PHE A 1 15  ? -5.573  -10.529 7.055   1.00 27.34 ? 15  PHE B O   1 
ATOM   109  C CB  . PHE A 1 15  ? -7.822  -8.455  6.105   1.00 24.16 ? 15  PHE B CB  1 
ATOM   110  C CG  . PHE A 1 15  ? -7.146  -7.824  4.909   1.00 24.80 ? 15  PHE B CG  1 
ATOM   111  C CD1 . PHE A 1 15  ? -7.837  -7.649  3.725   1.00 25.12 ? 15  PHE B CD1 1 
ATOM   112  C CD2 . PHE A 1 15  ? -5.820  -7.406  4.981   1.00 28.14 ? 15  PHE B CD2 1 
ATOM   113  C CE1 . PHE A 1 15  ? -7.228  -7.055  2.617   1.00 30.29 ? 15  PHE B CE1 1 
ATOM   114  C CE2 . PHE A 1 15  ? -5.194  -6.820  3.884   1.00 28.27 ? 15  PHE B CE2 1 
ATOM   115  C CZ  . PHE A 1 15  ? -5.898  -6.643  2.694   1.00 25.18 ? 15  PHE B CZ  1 
ATOM   116  N N   . LYS A 1 16  ? -5.851  -10.738 4.821   1.00 28.85 ? 16  LYS B N   1 
ATOM   117  C CA  . LYS A 1 16  ? -4.479  -11.152 4.539   1.00 32.53 ? 16  LYS B CA  1 
ATOM   118  C C   . LYS A 1 16  ? -4.005  -10.602 3.182   1.00 29.29 ? 16  LYS B C   1 
ATOM   119  O O   . LYS A 1 16  ? -4.656  -10.837 2.165   1.00 27.16 ? 16  LYS B O   1 
ATOM   120  C CB  . LYS A 1 16  ? -4.386  -12.688 4.541   1.00 32.04 ? 16  LYS B CB  1 
ATOM   121  C CG  . LYS A 1 16  ? -2.974  -13.254 4.411   1.00 38.50 ? 16  LYS B CG  1 
ATOM   122  C CD  . LYS A 1 16  ? -2.231  -13.178 5.731   1.00 40.74 ? 16  LYS B CD  1 
ATOM   123  C CE  . LYS A 1 16  ? -0.709  -13.332 5.574   1.00 38.33 ? 16  LYS B CE  1 
ATOM   124  N NZ  . LYS A 1 16  ? -0.265  -14.754 5.585   1.00 39.50 ? 16  LYS B NZ  1 
ATOM   125  N N   . LEU A 1 17  ? -2.888  -9.874  3.152   1.00 26.98 ? 17  LEU B N   1 
ATOM   126  C CA  . LEU A 1 17  ? -2.223  -9.600  1.868   1.00 26.37 ? 17  LEU B CA  1 
ATOM   127  C C   . LEU A 1 17  ? -1.293  -10.770 1.571   1.00 28.94 ? 17  LEU B C   1 
ATOM   128  O O   . LEU A 1 17  ? -0.377  -11.038 2.339   1.00 29.01 ? 17  LEU B O   1 
ATOM   129  C CB  . LEU A 1 17  ? -1.446  -8.278  1.894   1.00 29.08 ? 17  LEU B CB  1 
ATOM   130  C CG  . LEU A 1 17  ? -0.718  -7.831  0.611   1.00 28.37 ? 17  LEU B CG  1 
ATOM   131  C CD1 . LEU A 1 17  ? -1.699  -7.486  -0.496  1.00 28.01 ? 17  LEU B CD1 1 
ATOM   132  C CD2 . LEU A 1 17  ? 0.197   -6.634  0.898   1.00 29.36 ? 17  LEU B CD2 1 
ATOM   133  N N   . ASN A 1 18  ? -1.546  -11.473 0.474   1.00 28.64 ? 18  ASN B N   1 
ATOM   134  C CA  . ASN A 1 18  ? -0.792  -12.674 0.137   1.00 28.16 ? 18  ASN B CA  1 
ATOM   135  C C   . ASN A 1 18  ? 0.508   -12.366 -0.607  1.00 29.46 ? 18  ASN B C   1 
ATOM   136  O O   . ASN A 1 18  ? 1.561   -12.925 -0.285  1.00 33.90 ? 18  ASN B O   1 
ATOM   137  C CB  . ASN A 1 18  ? -1.662  -13.613 -0.697  1.00 31.53 ? 18  ASN B CB  1 
ATOM   138  C CG  . ASN A 1 18  ? -2.948  -13.993 0.010   1.00 31.47 ? 18  ASN B CG  1 
ATOM   139  O OD1 . ASN A 1 18  ? -2.927  -14.414 1.161   1.00 30.65 ? 18  ASN B OD1 1 
ATOM   140  N ND2 . ASN A 1 18  ? -4.076  -13.820 -0.670  1.00 26.88 ? 18  ASN B ND2 1 
ATOM   141  N N   . TRP A 1 19  ? 0.433   -11.480 -1.594  1.00 28.31 ? 19  TRP B N   1 
ATOM   142  C CA  . TRP A 1 19  ? 1.630   -11.054 -2.324  1.00 33.68 ? 19  TRP B CA  1 
ATOM   143  C C   . TRP A 1 19  ? 1.385   -9.740  -3.065  1.00 35.62 ? 19  TRP B C   1 
ATOM   144  O O   . TRP A 1 19  ? 0.242   -9.308  -3.224  1.00 28.97 ? 19  TRP B O   1 
ATOM   145  C CB  . TRP A 1 19  ? 2.098   -12.140 -3.310  1.00 31.11 ? 19  TRP B CB  1 
ATOM   146  C CG  . TRP A 1 19  ? 1.062   -12.629 -4.312  1.00 34.35 ? 19  TRP B CG  1 
ATOM   147  C CD1 . TRP A 1 19  ? 0.279   -13.751 -4.205  1.00 31.96 ? 19  TRP B CD1 1 
ATOM   148  C CD2 . TRP A 1 19  ? 0.723   -12.030 -5.572  1.00 32.67 ? 19  TRP B CD2 1 
ATOM   149  N NE1 . TRP A 1 19  ? -0.534  -13.874 -5.315  1.00 32.79 ? 19  TRP B NE1 1 
ATOM   150  C CE2 . TRP A 1 19  ? -0.276  -12.830 -6.166  1.00 35.37 ? 19  TRP B CE2 1 
ATOM   151  C CE3 . TRP A 1 19  ? 1.157   -10.886 -6.248  1.00 36.68 ? 19  TRP B CE3 1 
ATOM   152  C CZ2 . TRP A 1 19  ? -0.843  -12.526 -7.405  1.00 38.73 ? 19  TRP B CZ2 1 
ATOM   153  C CZ3 . TRP A 1 19  ? 0.593   -10.587 -7.477  1.00 39.31 ? 19  TRP B CZ3 1 
ATOM   154  C CH2 . TRP A 1 19  ? -0.397  -11.401 -8.042  1.00 40.22 ? 19  TRP B CH2 1 
ATOM   155  N N   . MET A 1 20  ? 2.471   -9.119  -3.519  1.00 33.01 ? 20  MET B N   1 
ATOM   156  C CA  . MET A 1 20  ? 2.397   -7.859  -4.252  1.00 31.68 ? 20  MET B CA  1 
ATOM   157  C C   . MET A 1 20  ? 3.560   -7.754  -5.229  1.00 35.92 ? 20  MET B C   1 
ATOM   158  O O   . MET A 1 20  ? 4.616   -8.349  -4.993  1.00 34.33 ? 20  MET B O   1 
ATOM   159  C CB  . MET A 1 20  ? 2.434   -6.676  -3.277  1.00 34.75 ? 20  MET B CB  1 
ATOM   160  C CG  . MET A 1 20  ? 2.330   -5.296  -3.939  1.00 41.77 ? 20  MET B CG  1 
ATOM   161  S SD  . MET A 1 20  ? 3.127   -4.025  -2.915  1.00 52.62 ? 20  MET B SD  1 
ATOM   162  C CE  . MET A 1 20  ? 2.628   -4.586  -1.291  1.00 39.66 ? 20  MET B CE  1 
ATOM   163  N N   . ASN A 1 21  ? 3.383   -7.016  -6.320  1.00 32.30 ? 21  ASN B N   1 
ATOM   164  C CA  . ASN A 1 21  ? 4.550   -6.583  -7.085  1.00 38.05 ? 21  ASN B CA  1 
ATOM   165  C C   . ASN A 1 21  ? 4.375   -5.197  -7.702  1.00 36.19 ? 21  ASN B C   1 
ATOM   166  O O   . ASN A 1 21  ? 3.274   -4.658  -7.742  1.00 36.81 ? 21  ASN B O   1 
ATOM   167  C CB  . ASN A 1 21  ? 4.914   -7.618  -8.162  1.00 38.78 ? 21  ASN B CB  1 
ATOM   168  C CG  . ASN A 1 21  ? 3.812   -7.833  -9.178  1.00 43.46 ? 21  ASN B CG  1 
ATOM   169  O OD1 . ASN A 1 21  ? 3.246   -6.883  -9.719  1.00 42.44 ? 21  ASN B OD1 1 
ATOM   170  N ND2 . ASN A 1 21  ? 3.510   -9.100  -9.453  1.00 43.36 ? 21  ASN B ND2 1 
ATOM   171  N N   . LEU A 1 22  ? 5.483   -4.608  -8.147  1.00 37.22 ? 22  LEU B N   1 
ATOM   172  C CA  . LEU A 1 22  ? 5.461   -3.300  -8.794  1.00 36.73 ? 22  LEU B CA  1 
ATOM   173  C C   . LEU A 1 22  ? 6.191   -3.399  -10.129 1.00 41.70 ? 22  LEU B C   1 
ATOM   174  O O   . LEU A 1 22  ? 7.262   -3.998  -10.209 1.00 40.69 ? 22  LEU B O   1 
ATOM   175  C CB  . LEU A 1 22  ? 6.115   -2.235  -7.902  1.00 37.90 ? 22  LEU B CB  1 
ATOM   176  C CG  . LEU A 1 22  ? 5.611   -2.080  -6.463  1.00 36.18 ? 22  LEU B CG  1 
ATOM   177  C CD1 . LEU A 1 22  ? 6.587   -1.247  -5.623  1.00 40.23 ? 22  LEU B CD1 1 
ATOM   178  C CD2 . LEU A 1 22  ? 4.243   -1.440  -6.455  1.00 30.37 ? 22  LEU B CD2 1 
ATOM   179  N N   . ARG A 1 23  ? 5.601   -2.832  -11.176 1.00 43.35 ? 23  ARG B N   1 
ATOM   180  C CA  . ARG A 1 23  ? 6.237   -2.793  -12.493 1.00 44.61 ? 23  ARG B CA  1 
ATOM   181  C C   . ARG A 1 23  ? 6.301   -1.364  -13.032 1.00 47.30 ? 23  ARG B C   1 
ATOM   182  O O   . ARG A 1 23  ? 5.524   -0.499  -12.619 1.00 46.99 ? 23  ARG B O   1 
ATOM   183  C CB  . ARG A 1 23  ? 5.490   -3.671  -13.493 1.00 42.82 ? 23  ARG B CB  1 
ATOM   184  C CG  . ARG A 1 23  ? 5.570   -5.167  -13.241 1.00 46.26 ? 23  ARG B CG  1 
ATOM   185  C CD  . ARG A 1 23  ? 4.571   -5.921  -14.142 1.00 51.74 ? 23  ARG B CD  1 
ATOM   186  N NE  . ARG A 1 23  ? 4.747   -7.371  -14.058 1.00 53.20 ? 23  ARG B NE  1 
ATOM   187  C CZ  . ARG A 1 23  ? 3.959   -8.184  -13.357 1.00 52.41 ? 23  ARG B CZ  1 
ATOM   188  N NH1 . ARG A 1 23  ? 2.926   -7.695  -12.685 1.00 52.45 ? 23  ARG B NH1 1 
ATOM   189  N NH2 . ARG A 1 23  ? 4.202   -9.489  -13.328 1.00 53.91 ? 23  ARG B NH2 1 
ATOM   190  N N   . ASP A 1 24  ? 7.240   -1.126  -13.948 1.00 50.04 ? 24  ASP B N   1 
ATOM   191  C CA  . ASP A 1 24  ? 7.253   0.092   -14.763 1.00 51.18 ? 24  ASP B CA  1 
ATOM   192  C C   . ASP A 1 24  ? 6.037   0.085   -15.693 1.00 48.49 ? 24  ASP B C   1 
ATOM   193  O O   . ASP A 1 24  ? 5.755   -0.919  -16.351 1.00 51.26 ? 24  ASP B O   1 
ATOM   194  C CB  . ASP A 1 24  ? 8.553   0.185   -15.573 1.00 52.62 ? 24  ASP B CB  1 
ATOM   195  C CG  . ASP A 1 24  ? 8.734   1.535   -16.271 1.00 55.03 ? 24  ASP B CG  1 
ATOM   196  O OD1 . ASP A 1 24  ? 7.730   2.166   -16.680 1.00 54.90 ? 24  ASP B OD1 1 
ATOM   197  O OD2 . ASP A 1 24  ? 9.900   1.962   -16.414 1.00 58.25 ? 24  ASP B OD2 1 
ATOM   198  N N   . ALA A 1 25  ? 5.320   1.202   -15.746 1.00 48.53 ? 25  ALA B N   1 
ATOM   199  C CA  . ALA A 1 25  ? 4.081   1.271   -16.518 1.00 48.68 ? 25  ALA B CA  1 
ATOM   200  C C   . ALA A 1 25  ? 4.336   1.356   -18.028 1.00 55.90 ? 25  ALA B C   1 
ATOM   201  O O   . ALA A 1 25  ? 5.270   2.026   -18.485 1.00 55.42 ? 25  ALA B O   1 
ATOM   202  C CB  . ALA A 1 25  ? 3.237   2.459   -16.053 1.00 45.12 ? 25  ALA B CB  1 
ATOM   203  N N   . THR A 1 27  ? 9.173   -1.469  -18.688 1.00 53.47 ? 27  THR B N   1 
ATOM   204  C CA  . THR A 1 27  ? 7.758   -1.643  -19.024 1.00 56.95 ? 27  THR B CA  1 
ATOM   205  C C   . THR A 1 27  ? 7.486   -2.976  -19.732 1.00 61.29 ? 27  THR B C   1 
ATOM   206  O O   . THR A 1 27  ? 7.991   -3.217  -20.829 1.00 66.31 ? 27  THR B O   1 
ATOM   207  C CB  . THR A 1 27  ? 7.236   -0.488  -19.917 1.00 57.91 ? 27  THR B CB  1 
ATOM   208  O OG1 . THR A 1 27  ? 7.366   0.757   -19.220 1.00 55.88 ? 27  THR B OG1 1 
ATOM   209  C CG2 . THR A 1 27  ? 5.758   -0.699  -20.284 1.00 57.02 ? 27  THR B CG2 1 
ATOM   210  N N   . GLY A 1 28  ? 6.714   -3.853  -19.091 1.00 64.77 ? 28  GLY B N   1 
ATOM   211  C CA  . GLY A 1 28  ? 6.281   -3.643  -17.721 1.00 56.13 ? 28  GLY B CA  1 
ATOM   212  C C   . GLY A 1 28  ? 7.485   -3.702  -16.802 1.00 57.80 ? 28  GLY B C   1 
ATOM   213  O O   . GLY A 1 28  ? 7.765   -2.755  -16.063 1.00 59.33 ? 28  GLY B O   1 
ATOM   214  N N   . LYS A 1 29  ? 8.212   -4.813  -16.873 1.00 56.49 ? 29  LYS B N   1 
ATOM   215  C CA  . LYS A 1 29  ? 9.400   -5.034  -16.048 1.00 55.86 ? 29  LYS B CA  1 
ATOM   216  C C   . LYS A 1 29  ? 9.096   -5.021  -14.547 1.00 49.92 ? 29  LYS B C   1 
ATOM   217  O O   . LYS A 1 29  ? 8.777   -3.979  -13.975 1.00 47.79 ? 29  LYS B O   1 
ATOM   218  C CB  . LYS A 1 29  ? 10.477  -3.989  -16.369 1.00 55.43 ? 29  LYS B CB  1 
ATOM   219  C CG  . LYS A 1 29  ? 11.472  -4.428  -17.431 1.00 57.92 ? 29  LYS B CG  1 
ATOM   220  C CD  . LYS A 1 29  ? 11.899  -5.875  -17.213 1.00 59.64 ? 29  LYS B CD  1 
ATOM   221  C CE  . LYS A 1 29  ? 13.275  -6.144  -17.811 1.00 59.25 ? 29  LYS B CE  1 
ATOM   222  N NZ  . LYS A 1 29  ? 13.355  -5.709  -19.238 1.00 60.87 ? 29  LYS B NZ  1 
ATOM   223  N N   . ILE A 1 30  ? 9.193   -6.189  -13.922 1.00 48.59 ? 30  ILE B N   1 
ATOM   224  C CA  . ILE A 1 30  ? 9.133   -6.281  -12.465 1.00 49.89 ? 30  ILE B CA  1 
ATOM   225  C C   . ILE A 1 30  ? 10.264  -5.481  -11.818 1.00 45.43 ? 30  ILE B C   1 
ATOM   226  O O   . ILE A 1 30  ? 11.435  -5.700  -12.116 1.00 50.03 ? 30  ILE B O   1 
ATOM   227  C CB  . ILE A 1 30  ? 9.220   -7.739  -11.983 1.00 47.34 ? 30  ILE B CB  1 
ATOM   228  C CG1 . ILE A 1 30  ? 7.903   -8.471  -12.244 1.00 53.90 ? 30  ILE B CG1 1 
ATOM   229  C CG2 . ILE A 1 30  ? 9.550   -7.798  -10.504 1.00 45.37 ? 30  ILE B CG2 1 
ATOM   230  C CD1 . ILE A 1 30  ? 7.829   -9.836  -11.572 1.00 54.78 ? 30  ILE B CD1 1 
ATOM   231  N N   . LEU A 1 31  ? 9.902   -4.550  -10.937 1.00 40.19 ? 31  LEU B N   1 
ATOM   232  C CA  . LEU A 1 31  ? 10.876  -3.738  -10.222 1.00 43.16 ? 31  LEU B CA  1 
ATOM   233  C C   . LEU A 1 31  ? 11.011  -4.177  -8.767  1.00 44.52 ? 31  LEU B C   1 
ATOM   234  O O   . LEU A 1 31  ? 12.082  -4.057  -8.170  1.00 40.58 ? 31  LEU B O   1 
ATOM   235  C CB  . LEU A 1 31  ? 10.484  -2.262  -10.285 1.00 42.78 ? 31  LEU B CB  1 
ATOM   236  C CG  . LEU A 1 31  ? 10.134  -1.723  -11.671 1.00 48.03 ? 31  LEU B CG  1 
ATOM   237  C CD1 . LEU A 1 31  ? 9.785   -0.243  -11.599 1.00 47.25 ? 31  LEU B CD1 1 
ATOM   238  C CD2 . LEU A 1 31  ? 11.260  -1.974  -12.662 1.00 50.31 ? 31  LEU B CD2 1 
ATOM   239  N N   . TRP A 1 32  ? 9.914   -4.676  -8.199  1.00 39.21 ? 32  TRP B N   1 
ATOM   240  C CA  . TRP A 1 32  ? 9.899   -5.180  -6.834  1.00 35.98 ? 32  TRP B CA  1 
ATOM   241  C C   . TRP A 1 32  ? 8.788   -6.214  -6.680  1.00 36.89 ? 32  TRP B C   1 
ATOM   242  O O   . TRP A 1 32  ? 7.730   -6.062  -7.278  1.00 31.75 ? 32  TRP B O   1 
ATOM   243  C CB  . TRP A 1 32  ? 9.688   -4.038  -5.834  1.00 34.53 ? 32  TRP B CB  1 
ATOM   244  C CG  . TRP A 1 32  ? 9.791   -4.475  -4.397  1.00 35.42 ? 32  TRP B CG  1 
ATOM   245  C CD1 . TRP A 1 32  ? 10.910  -4.445  -3.608  1.00 34.23 ? 32  TRP B CD1 1 
ATOM   246  C CD2 . TRP A 1 32  ? 8.745   -5.027  -3.587  1.00 34.73 ? 32  TRP B CD2 1 
ATOM   247  N NE1 . TRP A 1 32  ? 10.619  -4.936  -2.357  1.00 34.53 ? 32  TRP B NE1 1 
ATOM   248  C CE2 . TRP A 1 32  ? 9.299   -5.306  -2.321  1.00 34.99 ? 32  TRP B CE2 1 
ATOM   249  C CE3 . TRP A 1 32  ? 7.395   -5.318  -3.812  1.00 37.09 ? 32  TRP B CE3 1 
ATOM   250  C CZ2 . TRP A 1 32  ? 8.546   -5.853  -1.280  1.00 37.67 ? 32  TRP B CZ2 1 
ATOM   251  C CZ3 . TRP A 1 32  ? 6.653   -5.865  -2.778  1.00 39.84 ? 32  TRP B CZ3 1 
ATOM   252  C CH2 . TRP A 1 32  ? 7.231   -6.128  -1.531  1.00 40.73 ? 32  TRP B CH2 1 
ATOM   253  N N   . GLN A 1 33  ? 9.025   -7.252  -5.881  1.00 33.65 ? 33  GLN B N   1 
ATOM   254  C CA  . GLN A 1 33  ? 7.957   -8.200  -5.533  1.00 41.30 ? 33  GLN B CA  1 
ATOM   255  C C   . GLN A 1 33  ? 8.192   -8.794  -4.150  1.00 40.30 ? 33  GLN B C   1 
ATOM   256  O O   . GLN A 1 33  ? 9.332   -8.867  -3.690  1.00 35.63 ? 33  GLN B O   1 
ATOM   257  C CB  . GLN A 1 33  ? 7.856   -9.315  -6.575  1.00 43.24 ? 33  GLN B CB  1 
ATOM   258  C CG  . GLN A 1 33  ? 9.142   -10.093 -6.772  1.00 44.22 ? 33  GLN B CG  1 
ATOM   259  C CD  . GLN A 1 33  ? 9.013   -11.131 -7.871  1.00 52.16 ? 33  GLN B CD  1 
ATOM   260  O OE1 . GLN A 1 33  ? 7.993   -11.197 -8.568  1.00 55.45 ? 33  GLN B OE1 1 
ATOM   261  N NE2 . GLN A 1 33  ? 10.046  -11.948 -8.034  1.00 54.06 ? 33  GLN B NE2 1 
ATOM   262  N N   . GLY A 1 34  ? 7.122   -9.206  -3.475  1.00 41.47 ? 34  GLY B N   1 
ATOM   263  C CA  . GLY A 1 34  ? 7.263   -9.756  -2.129  1.00 37.82 ? 34  GLY B CA  1 
ATOM   264  C C   . GLY A 1 34  ? 6.086   -10.613 -1.688  1.00 38.73 ? 34  GLY B C   1 
ATOM   265  O O   . GLY A 1 34  ? 5.001   -10.516 -2.257  1.00 34.24 ? 34  GLY B O   1 
ATOM   266  N N   . THR A 1 35  ? 6.299   -11.449 -0.672  1.00 37.85 ? 35  THR B N   1 
ATOM   267  C CA  . THR A 1 35  ? 5.223   -12.271 -0.103  1.00 39.60 ? 35  THR B CA  1 
ATOM   268  C C   . THR A 1 35  ? 5.015   -12.001 1.391   1.00 39.67 ? 35  THR B C   1 
ATOM   269  O O   . THR A 1 35  ? 4.169   -12.634 2.026   1.00 41.75 ? 35  THR B O   1 
ATOM   270  C CB  . THR A 1 35  ? 5.493   -13.779 -0.285  1.00 43.58 ? 35  THR B CB  1 
ATOM   271  O OG1 . THR A 1 35  ? 6.734   -14.131 0.348   1.00 44.08 ? 35  THR B OG1 1 
ATOM   272  C CG2 . THR A 1 35  ? 5.548   -14.131 -1.750  1.00 42.54 ? 35  THR B CG2 1 
ATOM   273  N N   . GLU A 1 36  ? 5.809   -11.088 1.951   1.00 40.27 ? 36  GLU B N   1 
ATOM   274  C CA  . GLU A 1 36  ? 5.584   -10.592 3.311   1.00 44.72 ? 36  GLU B CA  1 
ATOM   275  C C   . GLU A 1 36  ? 4.306   -9.753  3.340   1.00 39.84 ? 36  GLU B C   1 
ATOM   276  O O   . GLU A 1 36  ? 4.103   -8.908  2.470   1.00 39.36 ? 36  GLU B O   1 
ATOM   277  C CB  . GLU A 1 36  ? 6.781   -9.755  3.799   1.00 42.89 ? 36  GLU B CB  1 
ATOM   278  C CG  . GLU A 1 36  ? 6.510   -8.912  5.073   1.00 43.80 ? 36  GLU B CG  1 
ATOM   279  C CD  . GLU A 1 36  ? 7.717   -8.073  5.529   1.00 45.88 ? 36  GLU B CD  1 
ATOM   280  O OE1 . GLU A 1 36  ? 8.751   -8.049  4.814   1.00 52.42 ? 36  GLU B OE1 1 
ATOM   281  O OE2 . GLU A 1 36  ? 7.628   -7.431  6.606   1.00 44.39 ? 36  GLU B OE2 1 
ATOM   282  N N   . ASP A 1 37  ? 3.448   -9.981  4.331   1.00 34.87 ? 37  ASP B N   1 
ATOM   283  C CA  . ASP A 1 37  ? 2.213   -9.213  4.451   1.00 32.29 ? 37  ASP B CA  1 
ATOM   284  C C   . ASP A 1 37  ? 2.526   -7.835  5.035   1.00 34.71 ? 37  ASP B C   1 
ATOM   285  O O   . ASP A 1 37  ? 2.493   -7.640  6.259   1.00 29.97 ? 37  ASP B O   1 
ATOM   286  C CB  . ASP A 1 37  ? 1.191   -9.958  5.320   1.00 30.20 ? 37  ASP B CB  1 
ATOM   287  C CG  . ASP A 1 37  ? -0.171  -9.272  5.353   1.00 33.88 ? 37  ASP B CG  1 
ATOM   288  O OD1 . ASP A 1 37  ? -0.264  -8.069  5.002   1.00 28.82 ? 37  ASP B OD1 1 
ATOM   289  O OD2 . ASP A 1 37  ? -1.155  -9.939  5.754   1.00 29.80 ? 37  ASP B OD2 1 
ATOM   290  N N   . LEU A 1 38  ? 2.814   -6.883  4.149   1.00 31.43 ? 38  LEU B N   1 
ATOM   291  C CA  . LEU A 1 38  ? 3.157   -5.521  4.544   1.00 31.99 ? 38  LEU B CA  1 
ATOM   292  C C   . LEU A 1 38  ? 1.996   -4.733  5.157   1.00 31.06 ? 38  LEU B C   1 
ATOM   293  O O   . LEU A 1 38  ? 2.183   -3.598  5.573   1.00 29.65 ? 38  LEU B O   1 
ATOM   294  C CB  . LEU A 1 38  ? 3.704   -4.746  3.329   1.00 35.53 ? 38  LEU B CB  1 
ATOM   295  C CG  . LEU A 1 38  ? 4.993   -5.268  2.693   1.00 34.88 ? 38  LEU B CG  1 
ATOM   296  C CD1 . LEU A 1 38  ? 5.325   -4.501  1.420   1.00 41.27 ? 38  LEU B CD1 1 
ATOM   297  C CD2 . LEU A 1 38  ? 6.156   -5.202  3.678   1.00 33.75 ? 38  LEU B CD2 1 
ATOM   298  N N   . SER A 1 39  ? 0.800   -5.312  5.212   1.00 28.11 ? 39  SER B N   1 
ATOM   299  C CA  . SER A 1 39  ? -0.345  -4.571  5.748   1.00 31.05 ? 39  SER B CA  1 
ATOM   300  C C   . SER A 1 39  ? -0.470  -4.732  7.267   1.00 29.79 ? 39  SER B C   1 
ATOM   301  O O   . SER A 1 39  ? -1.236  -4.013  7.917   1.00 26.39 ? 39  SER B O   1 
ATOM   302  C CB  . SER A 1 39  ? -1.650  -5.008  5.060   1.00 29.74 ? 39  SER B CB  1 
ATOM   303  O OG  . SER A 1 39  ? -2.049  -6.297  5.496   1.00 30.13 ? 39  SER B OG  1 
ATOM   304  N N   . VAL A 1 40  ? 0.292   -5.660  7.839   1.00 28.33 ? 40  VAL B N   1 
ATOM   305  C CA  . VAL A 1 40  ? 0.225   -5.890  9.280   1.00 30.32 ? 40  VAL B CA  1 
ATOM   306  C C   . VAL A 1 40  ? 0.583   -4.611  10.031  1.00 26.82 ? 40  VAL B C   1 
ATOM   307  O O   . VAL A 1 40  ? 1.683   -4.085  9.865   1.00 29.43 ? 40  VAL B O   1 
ATOM   308  C CB  . VAL A 1 40  ? 1.165   -7.036  9.709   1.00 28.52 ? 40  VAL B CB  1 
ATOM   309  C CG1 . VAL A 1 40  ? 1.087   -7.246  11.196  1.00 26.63 ? 40  VAL B CG1 1 
ATOM   310  C CG2 . VAL A 1 40  ? 0.788   -8.321  8.981   1.00 30.03 ? 40  VAL B CG2 1 
ATOM   311  N N   . PRO A 1 41  ? -0.355  -4.092  10.846  1.00 26.93 ? 41  PRO B N   1 
ATOM   312  C CA  . PRO A 1 41  ? -0.122  -2.874  11.638  1.00 27.37 ? 41  PRO B CA  1 
ATOM   313  C C   . PRO A 1 41  ? 0.736   -3.107  12.886  1.00 30.93 ? 41  PRO B C   1 
ATOM   314  O O   . PRO A 1 41  ? 0.860   -4.242  13.346  1.00 32.70 ? 41  PRO B O   1 
ATOM   315  C CB  . PRO A 1 41  ? -1.538  -2.429  12.030  1.00 28.37 ? 41  PRO B CB  1 
ATOM   316  C CG  . PRO A 1 41  ? -2.366  -3.677  11.985  1.00 30.26 ? 41  PRO B CG  1 
ATOM   317  C CD  . PRO A 1 41  ? -1.738  -4.595  10.964  1.00 28.66 ? 41  PRO B CD  1 
ATOM   318  N N   . GLY A 1 42  ? 1.329   -2.041  13.417  1.00 35.10 ? 42  GLY B N   1 
ATOM   319  C CA  . GLY A 1 42  ? 2.013   -2.098  14.697  1.00 33.84 ? 42  GLY B CA  1 
ATOM   320  C C   . GLY A 1 42  ? 3.503   -2.358  14.609  1.00 39.49 ? 42  GLY B C   1 
ATOM   321  O O   . GLY A 1 42  ? 4.223   -2.204  15.588  1.00 46.46 ? 42  GLY B O   1 
ATOM   322  N N   . VAL A 1 43  ? 3.962   -2.777  13.439  1.00 33.88 ? 43  VAL B N   1 
ATOM   323  C CA  . VAL A 1 43  ? 5.381   -2.985  13.200  1.00 36.43 ? 43  VAL B CA  1 
ATOM   324  C C   . VAL A 1 43  ? 5.788   -2.161  11.994  1.00 33.45 ? 43  VAL B C   1 
ATOM   325  O O   . VAL A 1 43  ? 5.004   -1.990  11.050  1.00 31.18 ? 43  VAL B O   1 
ATOM   326  C CB  . VAL A 1 43  ? 5.720   -4.475  12.958  1.00 39.84 ? 43  VAL B CB  1 
ATOM   327  C CG1 . VAL A 1 43  ? 5.219   -5.317  14.110  1.00 40.25 ? 43  VAL B CG1 1 
ATOM   328  C CG2 . VAL A 1 43  ? 5.093   -4.965  11.663  1.00 32.94 ? 43  VAL B CG2 1 
ATOM   329  N N   . GLU A 1 44  ? 6.996   -1.621  12.025  1.00 29.63 ? 44  GLU B N   1 
ATOM   330  C CA  . GLU A 1 44  ? 7.493   -0.922  10.855  1.00 33.32 ? 44  GLU B CA  1 
ATOM   331  C C   . GLU A 1 44  ? 8.128   -1.911  9.895   1.00 32.90 ? 44  GLU B C   1 
ATOM   332  O O   . GLU A 1 44  ? 9.186   -2.463  10.197  1.00 36.73 ? 44  GLU B O   1 
ATOM   333  C CB  . GLU A 1 44  ? 8.507   0.154   11.249  1.00 35.70 ? 44  GLU B CB  1 
ATOM   334  C CG  . GLU A 1 44  ? 9.048   0.945   10.076  1.00 31.09 ? 44  GLU B CG  1 
ATOM   335  C CD  . GLU A 1 44  ? 10.174  1.880   10.484  1.00 38.38 ? 44  GLU B CD  1 
ATOM   336  O OE1 . GLU A 1 44  ? 9.879   2.962   11.038  1.00 40.65 ? 44  GLU B OE1 1 
ATOM   337  O OE2 . GLU A 1 44  ? 11.354  1.518   10.274  1.00 40.55 ? 44  GLU B OE2 1 
ATOM   338  N N   . HIS A 1 45  ? 7.485   -2.129  8.753   1.00 24.81 ? 45  HIS B N   1 
ATOM   339  C CA  . HIS A 1 45  ? 8.031   -2.961  7.676   1.00 27.94 ? 45  HIS B CA  1 
ATOM   340  C C   . HIS A 1 45  ? 9.142   -2.244  6.912   1.00 28.19 ? 45  HIS B C   1 
ATOM   341  O O   . HIS A 1 45  ? 9.226   -1.019  6.947   1.00 27.38 ? 45  HIS B O   1 
ATOM   342  C CB  . HIS A 1 45  ? 6.923   -3.365  6.701   1.00 29.12 ? 45  HIS B CB  1 
ATOM   343  C CG  . HIS A 1 45  ? 5.751   -4.018  7.362   1.00 33.53 ? 45  HIS B CG  1 
ATOM   344  N ND1 . HIS A 1 45  ? 5.701   -5.375  7.618   1.00 31.49 ? 45  HIS B ND1 1 
ATOM   345  C CD2 . HIS A 1 45  ? 4.587   -3.506  7.828   1.00 25.89 ? 45  HIS B CD2 1 
ATOM   346  C CE1 . HIS A 1 45  ? 4.555   -5.667  8.209   1.00 33.94 ? 45  HIS B CE1 1 
ATOM   347  N NE2 . HIS A 1 45  ? 3.863   -4.548  8.355   1.00 30.42 ? 45  HIS B NE2 1 
ATOM   348  N N   . GLU A 1 46  ? 9.979   -3.007  6.213   1.00 29.02 ? 46  GLU B N   1 
ATOM   349  C CA  . GLU A 1 46  ? 11.074  -2.445  5.417   1.00 32.36 ? 46  GLU B CA  1 
ATOM   350  C C   . GLU A 1 46  ? 11.061  -3.007  4.002   1.00 31.89 ? 46  GLU B C   1 
ATOM   351  O O   . GLU A 1 46  ? 10.733  -4.175  3.792   1.00 28.58 ? 46  GLU B O   1 
ATOM   352  C CB  . GLU A 1 46  ? 12.440  -2.733  6.063   1.00 29.51 ? 46  GLU B CB  1 
ATOM   353  C CG  . GLU A 1 46  ? 12.633  -2.154  7.458   1.00 32.68 ? 46  GLU B CG  1 
ATOM   354  C CD  . GLU A 1 46  ? 14.029  -2.430  8.015   1.00 44.27 ? 46  GLU B CD  1 
ATOM   355  O OE1 . GLU A 1 46  ? 14.663  -3.418  7.578   1.00 44.74 ? 46  GLU B OE1 1 
ATOM   356  O OE2 . GLU A 1 46  ? 14.493  -1.663  8.889   1.00 48.59 ? 46  GLU B OE2 1 
ATOM   357  N N   . ALA A 1 47  ? 11.441  -2.190  3.027   1.00 25.02 ? 47  ALA B N   1 
ATOM   358  C CA  . ALA A 1 47  ? 11.494  -2.665  1.656   1.00 28.50 ? 47  ALA B CA  1 
ATOM   359  C C   . ALA A 1 47  ? 12.652  -1.998  0.954   1.00 28.31 ? 47  ALA B C   1 
ATOM   360  O O   . ALA A 1 47  ? 12.948  -0.829  1.211   1.00 27.66 ? 47  ALA B O   1 
ATOM   361  C CB  . ALA A 1 47  ? 10.177  -2.374  0.921   1.00 26.46 ? 47  ALA B CB  1 
ATOM   362  N N   . ARG A 1 48  ? 13.308  -2.745  0.070   1.00 25.89 ? 48  ARG B N   1 
ATOM   363  C CA  . ARG A 1 48  ? 14.380  -2.196  -0.746  1.00 30.19 ? 48  ARG B CA  1 
ATOM   364  C C   . ARG A 1 48  ? 13.938  -2.149  -2.183  1.00 30.23 ? 48  ARG B C   1 
ATOM   365  O O   . ARG A 1 48  ? 13.606  -3.181  -2.758  1.00 30.68 ? 48  ARG B O   1 
ATOM   366  C CB  . ARG A 1 48  ? 15.653  -3.036  -0.650  1.00 32.08 ? 48  ARG B CB  1 
ATOM   367  C CG  . ARG A 1 48  ? 16.068  -3.451  0.736   1.00 34.87 ? 48  ARG B CG  1 
ATOM   368  C CD  . ARG A 1 48  ? 17.288  -4.335  0.632   1.00 35.57 ? 48  ARG B CD  1 
ATOM   369  N NE  . ARG A 1 48  ? 17.520  -5.075  1.863   1.00 42.34 ? 48  ARG B NE  1 
ATOM   370  C CZ  . ARG A 1 48  ? 18.457  -6.007  2.005   1.00 43.77 ? 48  ARG B CZ  1 
ATOM   371  N NH1 . ARG A 1 48  ? 19.248  -6.323  0.981   1.00 42.62 ? 48  ARG B NH1 1 
ATOM   372  N NH2 . ARG A 1 48  ? 18.596  -6.627  3.174   1.00 45.01 ? 48  ARG B NH2 1 
ATOM   373  N N   . VAL A 1 49  ? 13.937  -0.959  -2.769  1.00 29.79 ? 49  VAL B N   1 
ATOM   374  C CA  . VAL A 1 49  ? 13.531  -0.823  -4.159  1.00 34.14 ? 49  VAL B CA  1 
ATOM   375  C C   . VAL A 1 49  ? 14.695  -0.272  -4.961  1.00 32.28 ? 49  VAL B C   1 
ATOM   376  O O   . VAL A 1 49  ? 15.537  0.430   -4.416  1.00 33.44 ? 49  VAL B O   1 
ATOM   377  C CB  . VAL A 1 49  ? 12.299  0.081   -4.297  1.00 33.98 ? 49  VAL B CB  1 
ATOM   378  C CG1 . VAL A 1 49  ? 11.112  -0.555  -3.592  1.00 33.79 ? 49  VAL B CG1 1 
ATOM   379  C CG2 . VAL A 1 49  ? 12.587  1.451   -3.708  1.00 32.43 ? 49  VAL B CG2 1 
ATOM   380  N N   . PRO A 1 50  ? 14.762  -0.617  -6.253  1.00 35.55 ? 50  PRO B N   1 
ATOM   381  C CA  . PRO A 1 50  ? 15.801  -0.088  -7.146  1.00 36.55 ? 50  PRO B CA  1 
ATOM   382  C C   . PRO A 1 50  ? 15.669  1.431   -7.236  1.00 37.76 ? 50  PRO B C   1 
ATOM   383  O O   . PRO A 1 50  ? 14.553  1.908   -7.375  1.00 30.87 ? 50  PRO B O   1 
ATOM   384  C CB  . PRO A 1 50  ? 15.488  -0.742  -8.504  1.00 40.57 ? 50  PRO B CB  1 
ATOM   385  C CG  . PRO A 1 50  ? 14.445  -1.812  -8.227  1.00 37.60 ? 50  PRO B CG  1 
ATOM   386  C CD  . PRO A 1 50  ? 13.742  -1.402  -6.972  1.00 34.72 ? 50  PRO B CD  1 
ATOM   387  N N   . LYS A 1 51  ? 16.769  2.176   -7.166  1.00 33.84 ? 51  LYS B N   1 
ATOM   388  C CA  . LYS A 1 51  ? 16.656  3.631   -7.146  1.00 34.07 ? 51  LYS B CA  1 
ATOM   389  C C   . LYS A 1 51  ? 16.046  4.168   -8.442  1.00 34.57 ? 51  LYS B C   1 
ATOM   390  O O   . LYS A 1 51  ? 15.443  5.247   -8.454  1.00 31.61 ? 51  LYS B O   1 
ATOM   391  C CB  . LYS A 1 51  ? 18.029  4.275   -6.875  1.00 41.81 ? 51  LYS B CB  1 
ATOM   392  C CG  . LYS A 1 51  ? 19.101  3.924   -7.888  1.00 38.03 ? 51  LYS B CG  1 
ATOM   393  C CD  . LYS A 1 51  ? 20.481  4.385   -7.425  1.00 40.54 ? 51  LYS B CD  1 
ATOM   394  C CE  . LYS A 1 51  ? 20.999  3.529   -6.275  1.00 47.72 ? 51  LYS B CE  1 
ATOM   395  N NZ  . LYS A 1 51  ? 20.799  4.162   -4.933  1.00 50.70 ? 51  LYS B NZ  1 
ATOM   396  N N   . LYS A 1 52  ? 16.164  3.409   -9.528  1.00 38.47 ? 52  LYS B N   1 
ATOM   397  C CA  . LYS A 1 52  ? 15.666  3.879   -10.820 1.00 38.94 ? 52  LYS B CA  1 
ATOM   398  C C   . LYS A 1 52  ? 14.141  3.981   -10.854 1.00 39.00 ? 52  LYS B C   1 
ATOM   399  O O   . LYS A 1 52  ? 13.573  4.524   -11.811 1.00 40.11 ? 52  LYS B O   1 
ATOM   400  C CB  . LYS A 1 52  ? 16.152  2.971   -11.957 1.00 42.58 ? 52  LYS B CB  1 
ATOM   401  C CG  . LYS A 1 52  ? 15.374  1.670   -12.104 1.00 43.96 ? 52  LYS B CG  1 
ATOM   402  C CD  . LYS A 1 52  ? 15.932  0.584   -11.197 1.00 46.89 ? 52  LYS B CD  1 
ATOM   403  C CE  . LYS A 1 52  ? 16.779  -0.437  -11.958 1.00 45.47 ? 52  LYS B CE  1 
ATOM   404  N NZ  . LYS A 1 52  ? 15.929  -1.394  -12.729 1.00 54.87 ? 52  LYS B NZ  1 
ATOM   405  N N   . ILE A 1 53  ? 13.467  3.479   -9.818  1.00 36.33 ? 53  ILE B N   1 
ATOM   406  C CA  . ILE A 1 53  ? 12.002  3.595   -9.748  1.00 37.17 ? 53  ILE B CA  1 
ATOM   407  C C   . ILE A 1 53  ? 11.592  5.054   -9.639  1.00 39.14 ? 53  ILE B C   1 
ATOM   408  O O   . ILE A 1 53  ? 10.533  5.459   -10.130 1.00 35.44 ? 53  ILE B O   1 
ATOM   409  C CB  . ILE A 1 53  ? 11.395  2.800   -8.553  1.00 35.85 ? 53  ILE B CB  1 
ATOM   410  C CG1 . ILE A 1 53  ? 9.894   2.583   -8.769  1.00 37.98 ? 53  ILE B CG1 1 
ATOM   411  C CG2 . ILE A 1 53  ? 11.638  3.505   -7.210  1.00 34.19 ? 53  ILE B CG2 1 
ATOM   412  C CD1 . ILE A 1 53  ? 9.196   1.952   -7.577  1.00 41.72 ? 53  ILE B CD1 1 
ATOM   413  N N   . LEU A 1 54  ? 12.445  5.847   -9.001  1.00 34.43 ? 54  LEU B N   1 
ATOM   414  C CA  . LEU A 1 54  ? 12.210  7.285   -8.889  1.00 38.56 ? 54  LEU B CA  1 
ATOM   415  C C   . LEU A 1 54  ? 12.134  7.992   -10.252 1.00 37.79 ? 54  LEU B C   1 
ATOM   416  O O   . LEU A 1 54  ? 11.645  9.119   -10.334 1.00 38.71 ? 54  LEU B O   1 
ATOM   417  C CB  . LEU A 1 54  ? 13.310  7.932   -8.034  1.00 39.11 ? 54  LEU B CB  1 
ATOM   418  C CG  . LEU A 1 54  ? 13.309  7.605   -6.540  1.00 36.57 ? 54  LEU B CG  1 
ATOM   419  C CD1 . LEU A 1 54  ? 14.419  8.362   -5.827  1.00 36.48 ? 54  LEU B CD1 1 
ATOM   420  C CD2 . LEU A 1 54  ? 11.948  7.911   -5.892  1.00 35.41 ? 54  LEU B CD2 1 
ATOM   421  N N   . LYS A 1 55  ? 12.615  7.344   -11.314 1.00 36.01 ? 55  LYS B N   1 
ATOM   422  C CA  . LYS A 1 55  ? 12.628  7.981   -12.629 1.00 38.37 ? 55  LYS B CA  1 
ATOM   423  C C   . LYS A 1 55  ? 11.460  7.532   -13.520 1.00 41.95 ? 55  LYS B C   1 
ATOM   424  O O   . LYS A 1 55  ? 11.280  8.064   -14.615 1.00 41.78 ? 55  LYS B O   1 
ATOM   425  C CB  . LYS A 1 55  ? 13.964  7.718   -13.339 1.00 42.04 ? 55  LYS B CB  1 
ATOM   426  C CG  . LYS A 1 55  ? 15.164  8.437   -12.696 1.00 38.84 ? 55  LYS B CG  1 
ATOM   427  C CD  . LYS A 1 55  ? 16.470  7.727   -13.034 1.00 44.33 ? 55  LYS B CD  1 
ATOM   428  C CE  . LYS A 1 55  ? 17.614  8.170   -12.121 1.00 52.48 ? 55  LYS B CE  1 
ATOM   429  N NZ  . LYS A 1 55  ? 18.565  7.048   -11.782 1.00 53.67 ? 55  LYS B NZ  1 
ATOM   430  N N   . CYS A 1 56  ? 10.669  6.569   -13.045 1.00 42.00 ? 56  CYS B N   1 
ATOM   431  C CA  . CYS A 1 56  ? 9.445   6.143   -13.749 1.00 42.52 ? 56  CYS B CA  1 
ATOM   432  C C   . CYS A 1 56  ? 8.385   7.233   -13.813 1.00 40.81 ? 56  CYS B C   1 
ATOM   433  O O   . CYS A 1 56  ? 8.138   7.917   -12.824 1.00 46.90 ? 56  CYS B O   1 
ATOM   434  C CB  . CYS A 1 56  ? 8.828   4.910   -13.073 1.00 37.61 ? 56  CYS B CB  1 
ATOM   435  S SG  . CYS A 1 56  ? 9.891   3.462   -13.064 1.00 43.67 ? 56  CYS B SG  1 
ATOM   436  N N   . LYS A 1 57  ? 7.725   7.377   -14.958 1.00 43.37 ? 57  LYS B N   1 
ATOM   437  C CA  . LYS A 1 57  ? 6.573   8.273   -15.034 1.00 45.71 ? 57  LYS B CA  1 
ATOM   438  C C   . LYS A 1 57  ? 5.377   7.656   -14.304 1.00 44.20 ? 57  LYS B C   1 
ATOM   439  O O   . LYS A 1 57  ? 4.583   8.364   -13.681 1.00 40.98 ? 57  LYS B O   1 
ATOM   440  C CB  . LYS A 1 57  ? 6.205   8.576   -16.484 1.00 47.57 ? 57  LYS B CB  1 
ATOM   441  C CG  . LYS A 1 57  ? 7.348   9.160   -17.295 1.00 53.68 ? 57  LYS B CG  1 
ATOM   442  C CD  . LYS A 1 57  ? 7.063   10.599  -17.737 1.00 59.04 ? 57  LYS B CD  1 
ATOM   443  C CE  . LYS A 1 57  ? 8.197   11.123  -18.614 1.00 55.66 ? 57  LYS B CE  1 
ATOM   444  N NZ  . LYS A 1 57  ? 9.535   10.718  -18.075 1.00 56.26 ? 57  LYS B NZ  1 
ATOM   445  N N   . ALA A 1 58  ? 5.270   6.333   -14.387 1.00 37.16 ? 58  ALA B N   1 
ATOM   446  C CA  . ALA A 1 58  ? 4.196   5.596   -13.725 1.00 41.66 ? 58  ALA B CA  1 
ATOM   447  C C   . ALA A 1 58  ? 4.634   4.178   -13.336 1.00 42.19 ? 58  ALA B C   1 
ATOM   448  O O   . ALA A 1 58  ? 5.498   3.578   -13.980 1.00 39.67 ? 58  ALA B O   1 
ATOM   449  C CB  . ALA A 1 58  ? 2.963   5.536   -14.620 1.00 45.01 ? 58  ALA B CB  1 
ATOM   450  N N   . VAL A 1 59  ? 4.020   3.641   -12.284 1.00 42.35 ? 59  VAL B N   1 
ATOM   451  C CA  . VAL A 1 59  ? 4.314   2.283   -11.835 1.00 38.93 ? 59  VAL B CA  1 
ATOM   452  C C   . VAL A 1 59  ? 3.028   1.441   -11.754 1.00 39.94 ? 59  VAL B C   1 
ATOM   453  O O   . VAL A 1 59  ? 2.031   1.897   -11.210 1.00 39.62 ? 59  VAL B O   1 
ATOM   454  C CB  . VAL A 1 59  ? 5.012   2.306   -10.465 1.00 37.29 ? 59  VAL B CB  1 
ATOM   455  C CG1 . VAL A 1 59  ? 5.139   0.897   -9.898  1.00 36.02 ? 59  VAL B CG1 1 
ATOM   456  C CG2 . VAL A 1 59  ? 6.389   2.982   -10.583 1.00 40.16 ? 59  VAL B CG2 1 
ATOM   457  N N   . SER A 1 60  ? 3.053   0.227   -12.299 1.00 37.18 ? 60  SER B N   1 
ATOM   458  C CA  . SER A 1 60  ? 1.889   -0.654  -12.233 1.00 40.92 ? 60  SER B CA  1 
ATOM   459  C C   . SER A 1 60  ? 2.000   -1.637  -11.065 1.00 39.84 ? 60  SER B C   1 
ATOM   460  O O   . SER A 1 60  ? 2.954   -2.412  -10.985 1.00 40.55 ? 60  SER B O   1 
ATOM   461  C CB  . SER A 1 60  ? 1.715   -1.424  -13.544 1.00 44.33 ? 60  SER B CB  1 
ATOM   462  O OG  . SER A 1 60  ? 0.637   -2.341  -13.444 1.00 50.53 ? 60  SER B OG  1 
ATOM   463  N N   . ARG A 1 61  ? 1.021   -1.594  -10.163 1.00 38.92 ? 61  ARG B N   1 
ATOM   464  C CA  . ARG A 1 61  ? 1.019   -2.443  -8.970  1.00 34.72 ? 61  ARG B CA  1 
ATOM   465  C C   . ARG A 1 61  ? 0.022   -3.596  -9.063  1.00 40.02 ? 61  ARG B C   1 
ATOM   466  O O   . ARG A 1 61  ? -1.073  -3.434  -9.588  1.00 38.55 ? 61  ARG B O   1 
ATOM   467  C CB  . ARG A 1 61  ? 0.700   -1.612  -7.725  1.00 31.77 ? 61  ARG B CB  1 
ATOM   468  C CG  . ARG A 1 61  ? 0.536   -2.461  -6.468  1.00 32.44 ? 61  ARG B CG  1 
ATOM   469  C CD  . ARG A 1 61  ? 0.124   -1.629  -5.278  1.00 34.60 ? 61  ARG B CD  1 
ATOM   470  N NE  . ARG A 1 61  ? -1.215  -1.076  -5.442  1.00 33.99 ? 61  ARG B NE  1 
ATOM   471  C CZ  . ARG A 1 61  ? -1.649  -0.007  -4.788  1.00 35.00 ? 61  ARG B CZ  1 
ATOM   472  N NH1 . ARG A 1 61  ? -0.837  0.604   -3.940  1.00 29.89 ? 61  ARG B NH1 1 
ATOM   473  N NH2 . ARG A 1 61  ? -2.881  0.455   -4.984  1.00 30.71 ? 61  ARG B NH2 1 
ATOM   474  N N   . GLU A 1 62  ? 0.402   -4.755  -8.537  1.00 35.56 ? 62  GLU B N   1 
ATOM   475  C CA  . GLU A 1 62  ? -0.527  -5.862  -8.394  1.00 37.11 ? 62  GLU B CA  1 
ATOM   476  C C   . GLU A 1 62  ? -0.562  -6.337  -6.943  1.00 38.41 ? 62  GLU B C   1 
ATOM   477  O O   . GLU A 1 62  ? 0.475   -6.615  -6.344  1.00 37.63 ? 62  GLU B O   1 
ATOM   478  C CB  . GLU A 1 62  ? -0.161  -7.008  -9.335  1.00 40.51 ? 62  GLU B CB  1 
ATOM   479  C CG  . GLU A 1 62  ? -0.969  -6.989  -10.623 1.00 49.17 ? 62  GLU B CG  1 
ATOM   480  C CD  . GLU A 1 62  ? -0.500  -8.016  -11.633 1.00 55.27 ? 62  GLU B CD  1 
ATOM   481  O OE1 . GLU A 1 62  ? 0.333   -8.878  -11.268 1.00 56.54 ? 62  GLU B OE1 1 
ATOM   482  O OE2 . GLU A 1 62  ? -0.958  -7.948  -12.796 1.00 56.87 ? 62  GLU B OE2 1 
ATOM   483  N N   . LEU A 1 63  ? -1.770  -6.407  -6.395  1.00 34.30 ? 63  LEU B N   1 
ATOM   484  C CA  . LEU A 1 63  ? -2.026  -6.711  -4.992  1.00 32.99 ? 63  LEU B CA  1 
ATOM   485  C C   . LEU A 1 63  ? -2.917  -7.945  -4.905  1.00 38.25 ? 63  LEU B C   1 
ATOM   486  O O   . LEU A 1 63  ? -4.025  -7.925  -5.451  1.00 38.28 ? 63  LEU B O   1 
ATOM   487  C CB  . LEU A 1 63  ? -2.728  -5.520  -4.337  1.00 33.51 ? 63  LEU B CB  1 
ATOM   488  C CG  . LEU A 1 63  ? -2.244  -4.728  -3.125  1.00 40.33 ? 63  LEU B CG  1 
ATOM   489  C CD1 . LEU A 1 63  ? -0.726  -4.563  -3.066  1.00 39.37 ? 63  LEU B CD1 1 
ATOM   490  C CD2 . LEU A 1 63  ? -2.928  -3.356  -3.112  1.00 36.11 ? 63  LEU B CD2 1 
ATOM   491  N N   . ASN A 1 64  ? -2.466  -9.010  -4.241  1.00 32.10 ? 64  ASN B N   1 
ATOM   492  C CA  . ASN A 1 64  ? -3.321  -10.188 -4.045  1.00 33.21 ? 64  ASN B CA  1 
ATOM   493  C C   . ASN A 1 64  ? -3.680  -10.356 -2.566  1.00 32.61 ? 64  ASN B C   1 
ATOM   494  O O   . ASN A 1 64  ? -2.794  -10.515 -1.720  1.00 29.16 ? 64  ASN B O   1 
ATOM   495  C CB  . ASN A 1 64  ? -2.642  -11.459 -4.576  1.00 33.03 ? 64  ASN B CB  1 
ATOM   496  C CG  . ASN A 1 64  ? -3.547  -12.691 -4.504  1.00 32.77 ? 64  ASN B CG  1 
ATOM   497  O OD1 . ASN A 1 64  ? -3.618  -13.361 -3.475  1.00 32.56 ? 64  ASN B OD1 1 
ATOM   498  N ND2 . ASN A 1 64  ? -4.242  -12.989 -5.601  1.00 34.21 ? 64  ASN B ND2 1 
ATOM   499  N N   . PHE A 1 65  ? -4.976  -10.311 -2.262  1.00 27.97 ? 65  PHE B N   1 
ATOM   500  C CA  . PHE A 1 65  ? -5.454  -10.322 -0.882  1.00 26.21 ? 65  PHE B CA  1 
ATOM   501  C C   . PHE A 1 65  ? -6.641  -11.248 -0.664  1.00 29.08 ? 65  PHE B C   1 
ATOM   502  O O   . PHE A 1 65  ? -7.411  -11.544 -1.593  1.00 27.95 ? 65  PHE B O   1 
ATOM   503  C CB  . PHE A 1 65  ? -5.824  -8.897  -0.431  1.00 27.47 ? 65  PHE B CB  1 
ATOM   504  C CG  . PHE A 1 65  ? -7.003  -8.293  -1.172  1.00 29.98 ? 65  PHE B CG  1 
ATOM   505  C CD1 . PHE A 1 65  ? -8.304  -8.478  -0.712  1.00 27.75 ? 65  PHE B CD1 1 
ATOM   506  C CD2 . PHE A 1 65  ? -6.807  -7.532  -2.319  1.00 30.86 ? 65  PHE B CD2 1 
ATOM   507  C CE1 . PHE A 1 65  ? -9.393  -7.923  -1.384  1.00 27.69 ? 65  PHE B CE1 1 
ATOM   508  C CE2 . PHE A 1 65  ? -7.887  -6.982  -3.004  1.00 29.02 ? 65  PHE B CE2 1 
ATOM   509  C CZ  . PHE A 1 65  ? -9.185  -7.176  -2.533  1.00 32.42 ? 65  PHE B CZ  1 
ATOM   510  N N   . SER A 1 66  ? -6.795  -11.690 0.579   1.00 26.19 ? 66  SER B N   1 
ATOM   511  C CA  . SER A 1 66  ? -7.954  -12.487 0.981   1.00 30.71 ? 66  SER B CA  1 
ATOM   512  C C   . SER A 1 66  ? -8.725  -11.777 2.076   1.00 29.26 ? 66  SER B C   1 
ATOM   513  O O   . SER A 1 66  ? -8.143  -11.060 2.886   1.00 23.99 ? 66  SER B O   1 
ATOM   514  C CB  . SER A 1 66  ? -7.515  -13.870 1.469   1.00 29.76 ? 66  SER B CB  1 
ATOM   515  O OG  . SER A 1 66  ? -6.815  -14.545 0.450   1.00 33.67 ? 66  SER B OG  1 
ATOM   516  N N   . SER A 1 67  ? -10.033 -11.993 2.118   1.00 26.05 ? 67  SER B N   1 
ATOM   517  C CA  . SER A 1 67  ? -10.862 -11.380 3.150   1.00 24.48 ? 67  SER B CA  1 
ATOM   518  C C   . SER A 1 67  ? -12.010 -12.294 3.546   1.00 28.13 ? 67  SER B C   1 
ATOM   519  O O   . SER A 1 67  ? -12.851 -12.637 2.705   1.00 25.40 ? 67  SER B O   1 
ATOM   520  C CB  . SER A 1 67  ? -11.397 -10.025 2.654   1.00 26.36 ? 67  SER B CB  1 
ATOM   521  O OG  . SER A 1 67  ? -12.222 -9.379  3.615   1.00 25.46 ? 67  SER B OG  1 
ATOM   522  N N   . THR A 1 68  ? -12.070 -12.689 4.818   1.00 26.83 ? 68  THR B N   1 
ATOM   523  C CA  . THR A 1 68  ? -13.216 -13.484 5.269   1.00 25.82 ? 68  THR B CA  1 
ATOM   524  C C   . THR A 1 68  ? -14.468 -12.623 5.360   1.00 27.49 ? 68  THR B C   1 
ATOM   525  O O   . THR A 1 68  ? -15.590 -13.110 5.181   1.00 28.51 ? 68  THR B O   1 
ATOM   526  C CB  . THR A 1 68  ? -12.992 -14.147 6.639   1.00 28.19 ? 68  THR B CB  1 
ATOM   527  O OG1 . THR A 1 68  ? -12.911 -13.139 7.653   1.00 29.09 ? 68  THR B OG1 1 
ATOM   528  C CG2 . THR A 1 68  ? -11.734 -14.996 6.645   1.00 29.98 ? 68  THR B CG2 1 
ATOM   529  N N   . GLU A 1 69  ? -14.286 -11.335 5.640   1.00 27.08 ? 69  GLU B N   1 
ATOM   530  C CA  . GLU A 1 69  ? -15.432 -10.444 5.786   1.00 27.38 ? 69  GLU B CA  1 
ATOM   531  C C   . GLU A 1 69  ? -15.832 -9.820  4.466   1.00 26.49 ? 69  GLU B C   1 
ATOM   532  O O   . GLU A 1 69  ? -14.996 -9.551  3.598   1.00 23.51 ? 69  GLU B O   1 
ATOM   533  C CB  . GLU A 1 69  ? -15.140 -9.341  6.807   1.00 26.86 ? 69  GLU B CB  1 
ATOM   534  C CG  . GLU A 1 69  ? -14.811 -9.888  8.166   1.00 28.20 ? 69  GLU B CG  1 
ATOM   535  C CD  . GLU A 1 69  ? -15.789 -10.967 8.557   1.00 31.66 ? 69  GLU B CD  1 
ATOM   536  O OE1 . GLU A 1 69  ? -16.953 -10.630 8.874   1.00 33.49 ? 69  GLU B OE1 1 
ATOM   537  O OE2 . GLU A 1 69  ? -15.407 -12.154 8.517   1.00 30.28 ? 69  GLU B OE2 1 
ATOM   538  N N   . GLN A 1 70  ? -17.126 -9.585  4.318   1.00 25.90 ? 70  GLN B N   1 
ATOM   539  C CA  . GLN A 1 70  ? -17.624 -8.801  3.204   1.00 26.43 ? 70  GLN B CA  1 
ATOM   540  C C   . GLN A 1 70  ? -17.291 -7.327  3.428   1.00 28.35 ? 70  GLN B C   1 
ATOM   541  O O   . GLN A 1 70  ? -17.392 -6.840  4.548   1.00 28.80 ? 70  GLN B O   1 
ATOM   542  C CB  . GLN A 1 70  ? -19.129 -8.991  3.063   1.00 27.09 ? 70  GLN B CB  1 
ATOM   543  C CG  . GLN A 1 70  ? -19.769 -8.169  1.956   1.00 26.74 ? 70  GLN B CG  1 
ATOM   544  C CD  . GLN A 1 70  ? -21.224 -8.544  1.758   1.00 25.64 ? 70  GLN B CD  1 
ATOM   545  O OE1 . GLN A 1 70  ? -21.540 -9.693  1.431   1.00 24.57 ? 70  GLN B OE1 1 
ATOM   546  N NE2 . GLN A 1 70  ? -22.116 -7.594  1.999   1.00 25.30 ? 70  GLN B NE2 1 
ATOM   547  N N   . MET A 1 71  ? -16.880 -6.625  2.370   1.00 24.76 ? 71  MET B N   1 
ATOM   548  C CA  . MET A 1 71  ? -16.707 -5.184  2.430   1.00 28.96 ? 71  MET B CA  1 
ATOM   549  C C   . MET A 1 71  ? -17.478 -4.506  1.303   1.00 29.71 ? 71  MET B C   1 
ATOM   550  O O   . MET A 1 71  ? -17.465 -4.970  0.164   1.00 29.34 ? 71  MET B O   1 
ATOM   551  C CB  . MET A 1 71  ? -15.224 -4.811  2.349   1.00 26.89 ? 71  MET B CB  1 
ATOM   552  C CG  . MET A 1 71  ? -14.388 -5.368  3.492   1.00 29.47 ? 71  MET B CG  1 
ATOM   553  S SD  . MET A 1 71  ? -12.748 -4.596  3.566   1.00 27.15 ? 71  MET B SD  1 
ATOM   554  C CE  . MET A 1 71  ? -11.839 -5.650  2.447   1.00 28.52 ? 71  MET B CE  1 
ATOM   555  N N   . GLU A 1 72  ? -18.151 -3.407  1.622   1.00 26.88 ? 72  GLU B N   1 
ATOM   556  C CA  . GLU A 1 72  ? -18.955 -2.713  0.623   1.00 34.70 ? 72  GLU B CA  1 
ATOM   557  C C   . GLU A 1 72  ? -18.104 -1.789  -0.240  1.00 33.32 ? 72  GLU B C   1 
ATOM   558  O O   . GLU A 1 72  ? -18.393 -1.593  -1.414  1.00 29.84 ? 72  GLU B O   1 
ATOM   559  C CB  . GLU A 1 72  ? -20.084 -1.924  1.295   1.00 36.15 ? 72  GLU B CB  1 
ATOM   560  C CG  . GLU A 1 72  ? -21.480 -2.545  1.096   1.00 44.65 ? 72  GLU B CG  1 
ATOM   561  C CD  . GLU A 1 72  ? -21.934 -3.434  2.258   1.00 48.95 ? 72  GLU B CD  1 
ATOM   562  O OE1 . GLU A 1 72  ? -22.949 -3.083  2.908   1.00 49.21 ? 72  GLU B OE1 1 
ATOM   563  O OE2 . GLU A 1 72  ? -21.294 -4.487  2.516   1.00 44.19 ? 72  GLU B OE2 1 
ATOM   564  N N   . LYS A 1 73  ? -17.048 -1.239  0.345   1.00 29.66 ? 73  LYS B N   1 
ATOM   565  C CA  . LYS A 1 73  ? -16.178 -0.303  -0.367  1.00 33.23 ? 73  LYS B CA  1 
ATOM   566  C C   . LYS A 1 73  ? -14.750 -0.285  0.193   1.00 27.07 ? 73  LYS B C   1 
ATOM   567  O O   . LYS A 1 73  ? -14.368 0.628   0.920   1.00 29.34 ? 73  LYS B O   1 
ATOM   568  C CB  . LYS A 1 73  ? -16.758 1.108   -0.317  1.00 29.75 ? 73  LYS B CB  1 
ATOM   569  C CG  . LYS A 1 73  ? -16.135 2.054   -1.340  1.00 38.80 ? 73  LYS B CG  1 
ATOM   570  C CD  . LYS A 1 73  ? -16.652 3.481   -1.151  1.00 45.37 ? 73  LYS B CD  1 
ATOM   571  C CE  . LYS A 1 73  ? -16.195 4.396   -2.276  1.00 50.79 ? 73  LYS B CE  1 
ATOM   572  N NZ  . LYS A 1 73  ? -15.934 5.787   -1.783  1.00 56.08 ? 73  LYS B NZ  1 
ATOM   573  N N   . PHE A 1 74  ? -13.982 -1.302  -0.171  1.00 29.20 ? 74  PHE B N   1 
ATOM   574  C CA  . PHE A 1 74  ? -12.573 -1.429  0.192   1.00 28.03 ? 74  PHE B CA  1 
ATOM   575  C C   . PHE A 1 74  ? -11.754 -0.355  -0.537  1.00 27.27 ? 74  PHE B C   1 
ATOM   576  O O   . PHE A 1 74  ? -11.861 -0.189  -1.757  1.00 24.22 ? 74  PHE B O   1 
ATOM   577  C CB  . PHE A 1 74  ? -12.081 -2.835  -0.166  1.00 24.37 ? 74  PHE B CB  1 
ATOM   578  C CG  . PHE A 1 74  ? -10.615 -3.095  0.141   1.00 25.55 ? 74  PHE B CG  1 
ATOM   579  C CD1 . PHE A 1 74  ? -9.988  -2.504  1.221   1.00 26.30 ? 74  PHE B CD1 1 
ATOM   580  C CD2 . PHE A 1 74  ? -9.881  -3.963  -0.664  1.00 27.58 ? 74  PHE B CD2 1 
ATOM   581  C CE1 . PHE A 1 74  ? -8.624  -2.775  1.503   1.00 28.28 ? 74  PHE B CE1 1 
ATOM   582  C CE2 . PHE A 1 74  ? -8.536  -4.236  -0.397  1.00 30.45 ? 74  PHE B CE2 1 
ATOM   583  C CZ  . PHE A 1 74  ? -7.909  -3.641  0.688   1.00 23.84 ? 74  PHE B CZ  1 
ATOM   584  N N   . ARG A 1 75  ? -10.957 0.394   0.209   1.00 27.97 ? 75  ARG B N   1 
ATOM   585  C CA  . ARG A 1 75  ? -10.158 1.433   -0.422  1.00 28.58 ? 75  ARG B CA  1 
ATOM   586  C C   . ARG A 1 75  ? -8.954  1.774   0.439   1.00 27.30 ? 75  ARG B C   1 
ATOM   587  O O   . ARG A 1 75  ? -8.944  1.504   1.651   1.00 24.37 ? 75  ARG B O   1 
ATOM   588  C CB  . ARG A 1 75  ? -11.021 2.670   -0.686  1.00 26.40 ? 75  ARG B CB  1 
ATOM   589  C CG  . ARG A 1 75  ? -11.417 3.434   0.553   1.00 27.71 ? 75  ARG B CG  1 
ATOM   590  C CD  . ARG A 1 75  ? -12.273 4.656   0.232   1.00 32.24 ? 75  ARG B CD  1 
ATOM   591  N NE  . ARG A 1 75  ? -12.671 5.339   1.463   1.00 33.03 ? 75  ARG B NE  1 
ATOM   592  C CZ  . ARG A 1 75  ? -11.930 6.245   2.094   1.00 33.87 ? 75  ARG B CZ  1 
ATOM   593  N NH1 . ARG A 1 75  ? -10.749 6.597   1.605   1.00 33.15 ? 75  ARG B NH1 1 
ATOM   594  N NH2 . ARG A 1 75  ? -12.367 6.806   3.217   1.00 33.00 ? 75  ARG B NH2 1 
ATOM   595  N N   . LEU A 1 76  ? -7.930  2.342   -0.195  1.00 24.57 ? 76  LEU B N   1 
ATOM   596  C CA  . LEU A 1 76  ? -6.704  2.726   0.506   1.00 24.76 ? 76  LEU B CA  1 
ATOM   597  C C   . LEU A 1 76  ? -6.454  4.215   0.363   1.00 28.65 ? 76  LEU B C   1 
ATOM   598  O O   . LEU A 1 76  ? -6.798  4.814   -0.659  1.00 29.18 ? 76  LEU B O   1 
ATOM   599  C CB  . LEU A 1 76  ? -5.496  1.969   -0.040  1.00 25.05 ? 76  LEU B CB  1 
ATOM   600  C CG  . LEU A 1 76  ? -5.573  0.447   -0.171  1.00 28.84 ? 76  LEU B CG  1 
ATOM   601  C CD1 . LEU A 1 76  ? -4.384  -0.048  -0.985  1.00 30.19 ? 76  LEU B CD1 1 
ATOM   602  C CD2 . LEU A 1 76  ? -5.616  -0.201  1.201   1.00 27.43 ? 76  LEU B CD2 1 
ATOM   603  N N   . GLU A 1 77  ? -5.849  4.798   1.390   1.00 26.16 ? 77  GLU B N   1 
ATOM   604  C CA  . GLU A 1 77  ? -5.286  6.142   1.334   1.00 26.71 ? 77  GLU B CA  1 
ATOM   605  C C   . GLU A 1 77  ? -3.804  5.986   1.654   1.00 28.91 ? 77  GLU B C   1 
ATOM   606  O O   . GLU A 1 77  ? -3.468  5.503   2.724   1.00 23.61 ? 77  GLU B O   1 
ATOM   607  C CB  . GLU A 1 77  ? -5.953  7.084   2.348   1.00 28.43 ? 77  GLU B CB  1 
ATOM   608  C CG  . GLU A 1 77  ? -7.427  7.401   2.075   1.00 35.31 ? 77  GLU B CG  1 
ATOM   609  C CD  . GLU A 1 77  ? -8.018  8.403   3.069   1.00 39.83 ? 77  GLU B CD  1 
ATOM   610  O OE1 . GLU A 1 77  ? -7.261  8.938   3.913   1.00 37.13 ? 77  GLU B OE1 1 
ATOM   611  O OE2 . GLU A 1 77  ? -9.242  8.661   3.000   1.00 37.87 ? 77  GLU B OE2 1 
ATOM   612  N N   . GLN A 1 78  ? -2.921  6.380   0.745   1.00 27.78 ? 78  GLN B N   1 
ATOM   613  C CA  . GLN A 1 78  ? -1.497  6.149   0.974   1.00 29.64 ? 78  GLN B CA  1 
ATOM   614  C C   . GLN A 1 78  ? -0.692  7.431   0.862   1.00 32.50 ? 78  GLN B C   1 
ATOM   615  O O   . GLN A 1 78  ? -0.855  8.195   -0.084  1.00 31.96 ? 78  GLN B O   1 
ATOM   616  C CB  . GLN A 1 78  ? -0.973  5.083   0.002   1.00 27.85 ? 78  GLN B CB  1 
ATOM   617  C CG  . GLN A 1 78  ? -1.582  3.703   0.266   1.00 29.71 ? 78  GLN B CG  1 
ATOM   618  C CD  . GLN A 1 78  ? -1.247  2.674   -0.794  1.00 32.07 ? 78  GLN B CD  1 
ATOM   619  O OE1 . GLN A 1 78  ? -1.612  2.820   -1.961  1.00 33.30 ? 78  GLN B OE1 1 
ATOM   620  N NE2 . GLN A 1 78  ? -0.557  1.613   -0.388  1.00 34.09 ? 78  GLN B NE2 1 
ATOM   621  N N   . LYS A 1 79  ? 0.176   7.654   1.846   1.00 30.23 ? 79  LYS B N   1 
ATOM   622  C CA  . LYS A 1 79  ? 0.985   8.864   1.915   1.00 34.10 ? 79  LYS B CA  1 
ATOM   623  C C   . LYS A 1 79  ? 2.489   8.589   1.957   1.00 36.86 ? 79  LYS B C   1 
ATOM   624  O O   . LYS A 1 79  ? 2.950   7.649   2.634   1.00 29.78 ? 79  LYS B O   1 
ATOM   625  C CB  . LYS A 1 79  ? 0.593   9.689   3.140   1.00 32.53 ? 79  LYS B CB  1 
ATOM   626  C CG  . LYS A 1 79  ? -0.825  10.231  3.121   1.00 35.99 ? 79  LYS B CG  1 
ATOM   627  C CD  . LYS A 1 79  ? -1.108  10.939  4.435   1.00 38.85 ? 79  LYS B CD  1 
ATOM   628  C CE  . LYS A 1 79  ? -2.407  11.713  4.396   1.00 42.27 ? 79  LYS B CE  1 
ATOM   629  N NZ  . LYS A 1 79  ? -2.680  12.321  5.723   1.00 42.21 ? 79  LYS B NZ  1 
ATOM   630  N N   . VAL A 1 80  ? 3.240   9.401   1.211   1.00 33.97 ? 80  VAL B N   1 
ATOM   631  C CA  . VAL A 1 80  ? 4.700   9.451   1.328   1.00 30.93 ? 80  VAL B CA  1 
ATOM   632  C C   . VAL A 1 80  ? 5.087   10.444  2.408   1.00 33.00 ? 80  VAL B C   1 
ATOM   633  O O   . VAL A 1 80  ? 4.751   11.632  2.333   1.00 31.55 ? 80  VAL B O   1 
ATOM   634  C CB  . VAL A 1 80  ? 5.392   9.866   0.009   1.00 37.61 ? 80  VAL B CB  1 
ATOM   635  C CG1 . VAL A 1 80  ? 6.904   9.891   0.196   1.00 29.59 ? 80  VAL B CG1 1 
ATOM   636  C CG2 . VAL A 1 80  ? 5.030   8.927   -1.107  1.00 35.66 ? 80  VAL B CG2 1 
ATOM   637  N N   . TYR A 1 81  ? 5.761   9.962   3.442   1.00 28.77 ? 81  TYR B N   1 
ATOM   638  C CA  . TYR A 1 81  ? 6.286   10.845  4.468   1.00 28.93 ? 81  TYR B CA  1 
ATOM   639  C C   . TYR A 1 81  ? 7.804   10.908  4.347   1.00 31.40 ? 81  TYR B C   1 
ATOM   640  O O   . TYR A 1 81  ? 8.476   9.865   4.244   1.00 27.39 ? 81  TYR B O   1 
ATOM   641  C CB  . TYR A 1 81  ? 5.880   10.379  5.872   1.00 28.93 ? 81  TYR B CB  1 
ATOM   642  C CG  . TYR A 1 81  ? 4.453   10.721  6.261   1.00 30.77 ? 81  TYR B CG  1 
ATOM   643  C CD1 . TYR A 1 81  ? 3.398   9.861   5.966   1.00 30.81 ? 81  TYR B CD1 1 
ATOM   644  C CD2 . TYR A 1 81  ? 4.163   11.904  6.926   1.00 33.26 ? 81  TYR B CD2 1 
ATOM   645  C CE1 . TYR A 1 81  ? 2.079   10.178  6.326   1.00 33.74 ? 81  TYR B CE1 1 
ATOM   646  C CE2 . TYR A 1 81  ? 2.848   12.231  7.290   1.00 34.56 ? 81  TYR B CE2 1 
ATOM   647  C CZ  . TYR A 1 81  ? 1.816   11.365  6.984   1.00 36.39 ? 81  TYR B CZ  1 
ATOM   648  O OH  . TYR A 1 81  ? 0.522   11.692  7.342   1.00 41.69 ? 81  TYR B OH  1 
ATOM   649  N N   . PHE A 1 82  ? 8.331   12.131  4.347   1.00 27.61 ? 82  PHE B N   1 
ATOM   650  C CA  . PHE A 1 82  ? 9.778   12.369  4.336   1.00 26.46 ? 82  PHE B CA  1 
ATOM   651  C C   . PHE A 1 82  ? 10.164  13.097  5.607   1.00 28.51 ? 82  PHE B C   1 
ATOM   652  O O   . PHE A 1 82  ? 9.740   14.230  5.818   1.00 25.02 ? 82  PHE B O   1 
ATOM   653  C CB  . PHE A 1 82  ? 10.199  13.185  3.100   1.00 27.02 ? 82  PHE B CB  1 
ATOM   654  C CG  . PHE A 1 82  ? 11.670  13.559  3.085   1.00 26.50 ? 82  PHE B CG  1 
ATOM   655  C CD1 . PHE A 1 82  ? 12.627  12.645  2.678   1.00 25.79 ? 82  PHE B CD1 1 
ATOM   656  C CD2 . PHE A 1 82  ? 12.084  14.826  3.477   1.00 24.06 ? 82  PHE B CD2 1 
ATOM   657  C CE1 . PHE A 1 82  ? 13.979  12.981  2.671   1.00 27.30 ? 82  PHE B CE1 1 
ATOM   658  C CE2 . PHE A 1 82  ? 13.436  15.177  3.466   1.00 27.89 ? 82  PHE B CE2 1 
ATOM   659  C CZ  . PHE A 1 82  ? 14.381  14.252  3.061   1.00 25.45 ? 82  PHE B CZ  1 
ATOM   660  N N   . LYS A 1 83  ? 10.956  12.436  6.451   1.00 24.98 ? 83  LYS B N   1 
ATOM   661  C CA  . LYS A 1 83  ? 11.314  12.943  7.765   1.00 27.89 ? 83  LYS B CA  1 
ATOM   662  C C   . LYS A 1 83  ? 10.111  13.501  8.529   1.00 28.61 ? 83  LYS B C   1 
ATOM   663  O O   . LYS A 1 83  ? 10.204  14.556  9.158   1.00 30.72 ? 83  LYS B O   1 
ATOM   664  C CB  . LYS A 1 83  ? 12.406  14.014  7.646   1.00 28.21 ? 83  LYS B CB  1 
ATOM   665  C CG  . LYS A 1 83  ? 13.660  13.523  6.921   1.00 27.38 ? 83  LYS B CG  1 
ATOM   666  C CD  . LYS A 1 83  ? 14.797  14.527  7.062   1.00 28.48 ? 83  LYS B CD  1 
ATOM   667  C CE  . LYS A 1 83  ? 16.087  13.986  6.486   1.00 30.34 ? 83  LYS B CE  1 
ATOM   668  N NZ  . LYS A 1 83  ? 17.256  14.899  6.706   1.00 31.47 ? 83  LYS B NZ  1 
ATOM   669  N N   . GLY A 1 84  ? 8.992   12.780  8.487   1.00 27.01 ? 84  GLY B N   1 
ATOM   670  C CA  . GLY A 1 84  ? 7.798   13.176  9.223   1.00 28.76 ? 84  GLY B CA  1 
ATOM   671  C C   . GLY A 1 84  ? 6.837   14.047  8.428   1.00 31.16 ? 84  GLY B C   1 
ATOM   672  O O   . GLY A 1 84  ? 5.759   14.391  8.911   1.00 33.21 ? 84  GLY B O   1 
ATOM   673  N N   . GLN A 1 85  ? 7.204   14.414  7.208   1.00 26.98 ? 85  GLN B N   1 
ATOM   674  C CA  . GLN A 1 85  ? 6.400   15.379  6.465   1.00 25.84 ? 85  GLN B CA  1 
ATOM   675  C C   . GLN A 1 85  ? 5.769   14.761  5.248   1.00 28.68 ? 85  GLN B C   1 
ATOM   676  O O   . GLN A 1 85  ? 6.452   14.139  4.446   1.00 27.19 ? 85  GLN B O   1 
ATOM   677  C CB  . GLN A 1 85  ? 7.249   16.565  6.029   1.00 32.95 ? 85  GLN B CB  1 
ATOM   678  C CG  . GLN A 1 85  ? 6.486   17.595  5.221   1.00 28.61 ? 85  GLN B CG  1 
ATOM   679  C CD  . GLN A 1 85  ? 7.352   18.785  4.831   1.00 36.72 ? 85  GLN B CD  1 
ATOM   680  O OE1 . GLN A 1 85  ? 8.409   19.039  5.433   1.00 33.62 ? 85  GLN B OE1 1 
ATOM   681  N NE2 . GLN A 1 85  ? 6.923   19.505  3.808   1.00 31.39 ? 85  GLN B NE2 1 
ATOM   682  N N   . CYS A 1 86  ? 4.465   14.964  5.092   1.00 29.38 ? 86  CYS B N   1 
ATOM   683  C CA  . CYS A 1 86  ? 3.735   14.391  3.971   1.00 26.27 ? 86  CYS B CA  1 
ATOM   684  C C   . CYS A 1 86  ? 4.005   15.127  2.658   1.00 26.52 ? 86  CYS B C   1 
ATOM   685  O O   . CYS A 1 86  ? 3.692   16.298  2.515   1.00 29.41 ? 86  CYS B O   1 
ATOM   686  C CB  . CYS A 1 86  ? 2.237   14.397  4.271   1.00 34.19 ? 86  CYS B CB  1 
ATOM   687  S SG  . CYS A 1 86  ? 1.246   13.620  2.991   1.00 36.85 ? 86  CYS B SG  1 
ATOM   688  N N   . LEU A 1 87  ? 4.563   14.427  1.686   1.00 27.01 ? 87  LEU B N   1 
ATOM   689  C CA  . LEU A 1 87  ? 4.946   15.044  0.424   1.00 30.97 ? 87  LEU B CA  1 
ATOM   690  C C   . LEU A 1 87  ? 3.996   14.711  -0.726  1.00 36.94 ? 87  LEU B C   1 
ATOM   691  O O   . LEU A 1 87  ? 4.037   15.345  -1.777  1.00 28.60 ? 87  LEU B O   1 
ATOM   692  C CB  . LEU A 1 87  ? 6.332   14.591  0.029   1.00 29.18 ? 87  LEU B CB  1 
ATOM   693  C CG  . LEU A 1 87  ? 7.563   15.403  0.421   1.00 32.15 ? 87  LEU B CG  1 
ATOM   694  C CD1 . LEU A 1 87  ? 7.422   16.078  1.776   1.00 29.09 ? 87  LEU B CD1 1 
ATOM   695  C CD2 . LEU A 1 87  ? 8.702   14.446  0.422   1.00 29.03 ? 87  LEU B CD2 1 
ATOM   696  N N   . GLU A 1 88  ? 3.170   13.687  -0.548  1.00 33.34 ? 88  GLU B N   1 
ATOM   697  C CA  . GLU A 1 88  ? 2.321   13.214  -1.639  1.00 35.15 ? 88  GLU B CA  1 
ATOM   698  C C   . GLU A 1 88  ? 1.361   12.155  -1.146  1.00 40.11 ? 88  GLU B C   1 
ATOM   699  O O   . GLU A 1 88  ? 1.746   11.330  -0.309  1.00 29.69 ? 88  GLU B O   1 
ATOM   700  C CB  . GLU A 1 88  ? 3.170   12.649  -2.779  1.00 38.57 ? 88  GLU B CB  1 
ATOM   701  C CG  . GLU A 1 88  ? 2.358   12.325  -4.049  1.00 43.62 ? 88  GLU B CG  1 
ATOM   702  C CD  . GLU A 1 88  ? 3.252   11.949  -5.215  1.00 48.86 ? 88  GLU B CD  1 
ATOM   703  O OE1 . GLU A 1 88  ? 2.757   11.822  -6.358  1.00 51.86 ? 88  GLU B OE1 1 
ATOM   704  O OE2 . GLU A 1 88  ? 4.461   11.771  -4.972  1.00 48.79 ? 88  GLU B OE2 1 
ATOM   705  N N   . GLU A 1 89  ? 0.146   12.156  -1.692  1.00 36.46 ? 89  GLU B N   1 
ATOM   706  C CA  . GLU A 1 89  ? -0.915  11.249  -1.251  1.00 37.53 ? 89  GLU B CA  1 
ATOM   707  C C   . GLU A 1 89  ? -1.628  10.620  -2.433  1.00 40.09 ? 89  GLU B C   1 
ATOM   708  O O   . GLU A 1 89  ? -1.843  11.280  -3.456  1.00 39.36 ? 89  GLU B O   1 
ATOM   709  C CB  . GLU A 1 89  ? -1.925  11.995  -0.363  1.00 35.13 ? 89  GLU B CB  1 
ATOM   710  C CG  . GLU A 1 89  ? -3.107  11.132  0.085   1.00 42.14 ? 89  GLU B CG  1 
ATOM   711  C CD  . GLU A 1 89  ? -3.929  11.787  1.182   1.00 45.68 ? 89  GLU B CD  1 
ATOM   712  O OE1 . GLU A 1 89  ? -3.923  13.034  1.273   1.00 48.80 ? 89  GLU B OE1 1 
ATOM   713  O OE2 . GLU A 1 89  ? -4.574  11.051  1.964   1.00 47.39 ? 89  GLU B OE2 1 
ATOM   714  N N   . TRP A 1 90  ? -1.987  9.342   -2.293  1.00 33.79 ? 90  TRP B N   1 
ATOM   715  C CA  . TRP A 1 90  ? -2.760  8.638   -3.309  1.00 34.29 ? 90  TRP B CA  1 
ATOM   716  C C   . TRP A 1 90  ? -4.025  8.032   -2.720  1.00 35.67 ? 90  TRP B C   1 
ATOM   717  O O   . TRP A 1 90  ? -4.044  7.616   -1.559  1.00 33.48 ? 90  TRP B O   1 
ATOM   718  C CB  . TRP A 1 90  ? -1.954  7.513   -3.954  1.00 35.18 ? 90  TRP B CB  1 
ATOM   719  C CG  . TRP A 1 90  ? -0.852  7.942   -4.833  1.00 38.10 ? 90  TRP B CG  1 
ATOM   720  C CD1 . TRP A 1 90  ? -0.950  8.327   -6.143  1.00 42.79 ? 90  TRP B CD1 1 
ATOM   721  C CD2 . TRP A 1 90  ? 0.537   8.008   -4.497  1.00 41.11 ? 90  TRP B CD2 1 
ATOM   722  N NE1 . TRP A 1 90  ? 0.295   8.640   -6.634  1.00 46.90 ? 90  TRP B NE1 1 
ATOM   723  C CE2 . TRP A 1 90  ? 1.228   8.451   -5.643  1.00 44.02 ? 90  TRP B CE2 1 
ATOM   724  C CE3 . TRP A 1 90  ? 1.268   7.735   -3.335  1.00 40.35 ? 90  TRP B CE3 1 
ATOM   725  C CZ2 . TRP A 1 90  ? 2.620   8.636   -5.666  1.00 43.93 ? 90  TRP B CZ2 1 
ATOM   726  C CZ3 . TRP A 1 90  ? 2.657   7.914   -3.360  1.00 45.99 ? 90  TRP B CZ3 1 
ATOM   727  C CH2 . TRP A 1 90  ? 3.312   8.361   -4.518  1.00 37.97 ? 90  TRP B CH2 1 
ATOM   728  N N   . PHE A 1 91  ? -5.063  7.966   -3.546  1.00 36.68 ? 91  PHE B N   1 
ATOM   729  C CA  . PHE A 1 91  ? -6.322  7.315   -3.198  1.00 35.28 ? 91  PHE B CA  1 
ATOM   730  C C   . PHE A 1 91  ? -6.604  6.206   -4.199  1.00 34.87 ? 91  PHE B C   1 
ATOM   731  O O   . PHE A 1 91  ? -6.541  6.431   -5.405  1.00 34.72 ? 91  PHE B O   1 
ATOM   732  C CB  . PHE A 1 91  ? -7.459  8.328   -3.187  1.00 37.18 ? 91  PHE B CB  1 
ATOM   733  C CG  . PHE A 1 91  ? -7.220  9.474   -2.261  1.00 35.85 ? 91  PHE B CG  1 
ATOM   734  C CD1 . PHE A 1 91  ? -6.537  10.606  -2.692  1.00 36.68 ? 91  PHE B CD1 1 
ATOM   735  C CD2 . PHE A 1 91  ? -7.658  9.417   -0.948  1.00 37.26 ? 91  PHE B CD2 1 
ATOM   736  C CE1 . PHE A 1 91  ? -6.306  11.660  -1.829  1.00 36.35 ? 91  PHE B CE1 1 
ATOM   737  C CE2 . PHE A 1 91  ? -7.434  10.474  -0.076  1.00 40.10 ? 91  PHE B CE2 1 
ATOM   738  C CZ  . PHE A 1 91  ? -6.753  11.596  -0.515  1.00 38.93 ? 91  PHE B CZ  1 
ATOM   739  N N   . PHE A 1 92  ? -6.887  5.003   -3.704  1.00 29.99 ? 92  PHE B N   1 
ATOM   740  C CA  . PHE A 1 92  ? -7.247  3.884   -4.567  1.00 27.79 ? 92  PHE B CA  1 
ATOM   741  C C   . PHE A 1 92  ? -8.485  3.159   -4.034  1.00 34.11 ? 92  PHE B C   1 
ATOM   742  O O   . PHE A 1 92  ? -8.535  2.787   -2.867  1.00 27.88 ? 92  PHE B O   1 
ATOM   743  C CB  . PHE A 1 92  ? -6.105  2.882   -4.676  1.00 32.75 ? 92  PHE B CB  1 
ATOM   744  C CG  . PHE A 1 92  ? -4.807  3.477   -5.141  1.00 32.96 ? 92  PHE B CG  1 
ATOM   745  C CD1 . PHE A 1 92  ? -4.581  3.698   -6.489  1.00 32.11 ? 92  PHE B CD1 1 
ATOM   746  C CD2 . PHE A 1 92  ? -3.805  3.778   -4.232  1.00 31.88 ? 92  PHE B CD2 1 
ATOM   747  C CE1 . PHE A 1 92  ? -3.376  4.225   -6.931  1.00 37.81 ? 92  PHE B CE1 1 
ATOM   748  C CE2 . PHE A 1 92  ? -2.591  4.310   -4.669  1.00 33.50 ? 92  PHE B CE2 1 
ATOM   749  C CZ  . PHE A 1 92  ? -2.381  4.530   -6.017  1.00 34.77 ? 92  PHE B CZ  1 
ATOM   750  N N   . GLU A 1 93  ? -9.475  2.937   -4.887  1.00 34.36 ? 93  GLU B N   1 
ATOM   751  C CA  . GLU A 1 93  ? -10.670 2.234   -4.435  1.00 33.48 ? 93  GLU B CA  1 
ATOM   752  C C   . GLU A 1 93  ? -10.776 0.898   -5.167  1.00 32.79 ? 93  GLU B C   1 
ATOM   753  O O   . GLU A 1 93  ? -10.617 0.844   -6.381  1.00 32.08 ? 93  GLU B O   1 
ATOM   754  C CB  . GLU A 1 93  ? -11.922 3.096   -4.652  1.00 36.80 ? 93  GLU B CB  1 
ATOM   755  C CG  . GLU A 1 93  ? -12.700 2.771   -5.905  1.00 48.36 ? 93  GLU B CG  1 
ATOM   756  C CD  . GLU A 1 93  ? -14.025 2.079   -5.615  1.00 51.09 ? 93  GLU B CD  1 
ATOM   757  O OE1 . GLU A 1 93  ? -14.626 2.355   -4.550  1.00 57.14 ? 93  GLU B OE1 1 
ATOM   758  O OE2 . GLU A 1 93  ? -14.466 1.259   -6.453  1.00 49.04 ? 93  GLU B OE2 1 
ATOM   759  N N   . PHE A 1 94  ? -10.985 -0.182  -4.416  1.00 33.35 ? 94  PHE B N   1 
ATOM   760  C CA  . PHE A 1 94  ? -11.254 -1.493  -5.006  1.00 31.64 ? 94  PHE B CA  1 
ATOM   761  C C   . PHE A 1 94  ? -12.757 -1.748  -5.167  1.00 33.98 ? 94  PHE B C   1 
ATOM   762  O O   . PHE A 1 94  ? -13.198 -2.300  -6.183  1.00 32.13 ? 94  PHE B O   1 
ATOM   763  C CB  . PHE A 1 94  ? -10.645 -2.614  -4.159  1.00 31.36 ? 94  PHE B CB  1 
ATOM   764  C CG  . PHE A 1 94  ? -10.938 -3.996  -4.691  1.00 28.64 ? 94  PHE B CG  1 
ATOM   765  C CD1 . PHE A 1 94  ? -10.140 -4.556  -5.681  1.00 29.27 ? 94  PHE B CD1 1 
ATOM   766  C CD2 . PHE A 1 94  ? -12.031 -4.721  -4.224  1.00 32.60 ? 94  PHE B CD2 1 
ATOM   767  C CE1 . PHE A 1 94  ? -10.405 -5.812  -6.184  1.00 30.69 ? 94  PHE B CE1 1 
ATOM   768  C CE2 . PHE A 1 94  ? -12.314 -5.981  -4.729  1.00 32.40 ? 94  PHE B CE2 1 
ATOM   769  C CZ  . PHE A 1 94  ? -11.499 -6.533  -5.711  1.00 33.50 ? 94  PHE B CZ  1 
ATOM   770  N N   . GLY A 1 95  ? -13.534 -1.369  -4.152  1.00 31.93 ? 95  GLY B N   1 
ATOM   771  C CA  . GLY A 1 95  ? -14.977 -1.570  -4.169  1.00 32.51 ? 95  GLY B CA  1 
ATOM   772  C C   . GLY A 1 95  ? -15.449 -2.771  -3.354  1.00 30.22 ? 95  GLY B C   1 
ATOM   773  O O   . GLY A 1 95  ? -14.886 -3.100  -2.309  1.00 26.35 ? 95  GLY B O   1 
ATOM   774  N N   . PHE A 1 96  ? -16.488 -3.431  -3.844  1.00 29.12 ? 96  PHE B N   1 
ATOM   775  C CA  . PHE A 1 96  ? -17.137 -4.534  -3.127  1.00 26.91 ? 96  PHE B CA  1 
ATOM   776  C C   . PHE A 1 96  ? -16.234 -5.753  -3.033  1.00 27.04 ? 96  PHE B C   1 
ATOM   777  O O   . PHE A 1 96  ? -15.571 -6.119  -3.999  1.00 29.27 ? 96  PHE B O   1 
ATOM   778  C CB  . PHE A 1 96  ? -18.462 -4.893  -3.820  1.00 27.33 ? 96  PHE B CB  1 
ATOM   779  C CG  . PHE A 1 96  ? -19.189 -6.060  -3.193  1.00 28.48 ? 96  PHE B CG  1 
ATOM   780  C CD1 . PHE A 1 96  ? -19.953 -5.886  -2.053  1.00 33.20 ? 96  PHE B CD1 1 
ATOM   781  C CD2 . PHE A 1 96  ? -19.115 -7.323  -3.752  1.00 32.54 ? 96  PHE B CD2 1 
ATOM   782  C CE1 . PHE A 1 96  ? -20.629 -6.960  -1.475  1.00 30.28 ? 96  PHE B CE1 1 
ATOM   783  C CE2 . PHE A 1 96  ? -19.788 -8.404  -3.178  1.00 32.80 ? 96  PHE B CE2 1 
ATOM   784  C CZ  . PHE A 1 96  ? -20.541 -8.214  -2.035  1.00 26.42 ? 96  PHE B CZ  1 
ATOM   785  N N   . VAL A 1 97  ? -16.179 -6.369  -1.855  1.00 27.26 ? 97  VAL B N   1 
ATOM   786  C CA  . VAL A 1 97  ? -15.389 -7.581  -1.677  1.00 27.55 ? 97  VAL B CA  1 
ATOM   787  C C   . VAL A 1 97  ? -16.279 -8.716  -1.193  1.00 27.02 ? 97  VAL B C   1 
ATOM   788  O O   . VAL A 1 97  ? -16.967 -8.578  -0.184  1.00 25.93 ? 97  VAL B O   1 
ATOM   789  C CB  . VAL A 1 97  ? -14.216 -7.391  -0.653  1.00 27.88 ? 97  VAL B CB  1 
ATOM   790  C CG1 . VAL A 1 97  ? -13.470 -8.707  -0.472  1.00 25.37 ? 97  VAL B CG1 1 
ATOM   791  C CG2 . VAL A 1 97  ? -13.238 -6.300  -1.114  1.00 24.83 ? 97  VAL B CG2 1 
ATOM   792  N N   . ILE A 1 98  ? -16.251 -9.835  -1.911  1.00 26.23 ? 98  ILE B N   1 
ATOM   793  C CA  . ILE A 1 98  ? -17.017 -11.035 -1.547  1.00 28.92 ? 98  ILE B CA  1 
ATOM   794  C C   . ILE A 1 98  ? -16.407 -11.712 -0.313  1.00 28.46 ? 98  ILE B C   1 
ATOM   795  O O   . ILE A 1 98  ? -15.179 -11.886 -0.227  1.00 25.17 ? 98  ILE B O   1 
ATOM   796  C CB  . ILE A 1 98  ? -17.074 -12.036 -2.730  1.00 29.59 ? 98  ILE B CB  1 
ATOM   797  C CG1 . ILE A 1 98  ? -18.026 -11.519 -3.812  1.00 29.22 ? 98  ILE B CG1 1 
ATOM   798  C CG2 . ILE A 1 98  ? -17.520 -13.430 -2.276  1.00 26.57 ? 98  ILE B CG2 1 
ATOM   799  C CD1 . ILE A 1 98  ? -17.897 -12.249 -5.148  1.00 36.71 ? 98  ILE B CD1 1 
ATOM   800  N N   . PRO A 1 99  ? -17.260 -12.059 0.671   1.00 29.55 ? 99  PRO B N   1 
ATOM   801  C CA  . PRO A 1 99  ? -16.788 -12.738 1.881   1.00 22.64 ? 99  PRO B CA  1 
ATOM   802  C C   . PRO A 1 99  ? -16.111 -14.056 1.538   1.00 28.20 ? 99  PRO B C   1 
ATOM   803  O O   . PRO A 1 99  ? -16.666 -14.856 0.783   1.00 25.89 ? 99  PRO B O   1 
ATOM   804  C CB  . PRO A 1 99  ? -18.080 -12.968 2.701   1.00 29.81 ? 99  PRO B CB  1 
ATOM   805  C CG  . PRO A 1 99  ? -19.227 -12.798 1.699   1.00 27.91 ? 99  PRO B CG  1 
ATOM   806  C CD  . PRO A 1 99  ? -18.715 -11.791 0.707   1.00 28.41 ? 99  PRO B CD  1 
ATOM   807  N N   . ASN A 1 100 ? -14.910 -14.255 2.079   1.00 24.72 ? 100 ASN B N   1 
ATOM   808  C CA  . ASN A 1 100 ? -14.118 -15.447 1.853   1.00 28.63 ? 100 ASN B CA  1 
ATOM   809  C C   . ASN A 1 100 ? -13.578 -15.519 0.429   1.00 31.01 ? 100 ASN B C   1 
ATOM   810  O O   . ASN A 1 100 ? -13.299 -16.599 -0.075  1.00 36.10 ? 100 ASN B O   1 
ATOM   811  C CB  . ASN A 1 100 ? -14.937 -16.698 2.172   1.00 31.32 ? 100 ASN B CB  1 
ATOM   812  C CG  . ASN A 1 100 ? -15.428 -16.718 3.604   1.00 29.87 ? 100 ASN B CG  1 
ATOM   813  O OD1 . ASN A 1 100 ? -16.629 -16.690 3.858   1.00 35.51 ? 100 ASN B OD1 1 
ATOM   814  N ND2 . ASN A 1 100 ? -14.495 -16.744 4.551   1.00 24.27 ? 100 ASN B ND2 1 
ATOM   815  N N   . SER A 1 101 ? -13.412 -14.365 -0.210  1.00 29.53 ? 101 SER B N   1 
ATOM   816  C CA  . SER A 1 101 ? -12.806 -14.321 -1.538  1.00 29.34 ? 101 SER B CA  1 
ATOM   817  C C   . SER A 1 101 ? -11.301 -14.017 -1.505  1.00 32.99 ? 101 SER B C   1 
ATOM   818  O O   . SER A 1 101 ? -10.776 -13.444 -0.540  1.00 29.50 ? 101 SER B O   1 
ATOM   819  C CB  . SER A 1 101 ? -13.509 -13.279 -2.395  1.00 28.98 ? 101 SER B CB  1 
ATOM   820  O OG  . SER A 1 101 ? -13.277 -11.990 -1.876  1.00 26.90 ? 101 SER B OG  1 
ATOM   821  N N   . THR A 1 102 ? -10.617 -14.413 -2.575  1.00 33.31 ? 102 THR B N   1 
ATOM   822  C CA  . THR A 1 102 ? -9.238  -13.993 -2.827  1.00 34.82 ? 102 THR B CA  1 
ATOM   823  C C   . THR A 1 102 ? -9.256  -13.193 -4.134  1.00 34.63 ? 102 THR B C   1 
ATOM   824  O O   . THR A 1 102 ? -9.880  -13.622 -5.105  1.00 32.98 ? 102 THR B O   1 
ATOM   825  C CB  . THR A 1 102 ? -8.282  -15.187 -2.934  1.00 33.17 ? 102 THR B CB  1 
ATOM   826  O OG1 . THR A 1 102 ? -8.226  -15.875 -1.677  1.00 27.81 ? 102 THR B OG1 1 
ATOM   827  C CG2 . THR A 1 102 ? -6.888  -14.726 -3.322  1.00 33.63 ? 102 THR B CG2 1 
ATOM   828  N N   . ASN A 1 103 ? -8.609  -12.025 -4.139  1.00 29.29 ? 103 ASN B N   1 
ATOM   829  C CA  . ASN A 1 103 ? -8.704  -11.068 -5.240  1.00 32.82 ? 103 ASN B CA  1 
ATOM   830  C C   . ASN A 1 103 ? -7.351  -10.541 -5.673  1.00 35.30 ? 103 ASN B C   1 
ATOM   831  O O   . ASN A 1 103 ? -6.456  -10.355 -4.845  1.00 30.91 ? 103 ASN B O   1 
ATOM   832  C CB  . ASN A 1 103 ? -9.587  -9.881  -4.847  1.00 30.41 ? 103 ASN B CB  1 
ATOM   833  C CG  . ASN A 1 103 ? -10.948 -10.312 -4.321  1.00 35.59 ? 103 ASN B CG  1 
ATOM   834  O OD1 . ASN A 1 103 ? -11.935 -10.325 -5.055  1.00 41.92 ? 103 ASN B OD1 1 
ATOM   835  N ND2 . ASN A 1 103 ? -11.004 -10.659 -3.040  1.00 37.62 ? 103 ASN B ND2 1 
ATOM   836  N N   . THR A 1 104 ? -7.198  -10.295 -6.971  1.00 37.70 ? 104 THR B N   1 
ATOM   837  C CA  . THR A 1 104 ? -6.013  -9.603  -7.470  1.00 36.57 ? 104 THR B CA  1 
ATOM   838  C C   . THR A 1 104 ? -6.454  -8.217  -7.912  1.00 39.50 ? 104 THR B C   1 
ATOM   839  O O   . THR A 1 104 ? -7.440  -8.074  -8.629  1.00 35.19 ? 104 THR B O   1 
ATOM   840  C CB  . THR A 1 104 ? -5.343  -10.363 -8.614  1.00 40.89 ? 104 THR B CB  1 
ATOM   841  O OG1 . THR A 1 104 ? -4.905  -11.638 -8.126  1.00 38.33 ? 104 THR B OG1 1 
ATOM   842  C CG2 . THR A 1 104 ? -4.129  -9.586  -9.146  1.00 36.51 ? 104 THR B CG2 1 
ATOM   843  N N   . TRP A 1 105 ? -5.756  -7.199  -7.425  1.00 29.91 ? 105 TRP B N   1 
ATOM   844  C CA  . TRP A 1 105 ? -6.116  -5.814  -7.671  1.00 32.08 ? 105 TRP B CA  1 
ATOM   845  C C   . TRP A 1 105 ? -4.989  -5.134  -8.447  1.00 40.27 ? 105 TRP B C   1 
ATOM   846  O O   . TRP A 1 105 ? -3.813  -5.239  -8.060  1.00 36.24 ? 105 TRP B O   1 
ATOM   847  C CB  . TRP A 1 105 ? -6.373  -5.104  -6.344  1.00 30.95 ? 105 TRP B CB  1 
ATOM   848  C CG  . TRP A 1 105 ? -6.770  -3.654  -6.429  1.00 31.00 ? 105 TRP B CG  1 
ATOM   849  C CD1 . TRP A 1 105 ? -7.065  -2.932  -7.554  1.00 31.63 ? 105 TRP B CD1 1 
ATOM   850  C CD2 . TRP A 1 105 ? -6.953  -2.763  -5.320  1.00 32.64 ? 105 TRP B CD2 1 
ATOM   851  N NE1 . TRP A 1 105 ? -7.410  -1.639  -7.210  1.00 32.11 ? 105 TRP B NE1 1 
ATOM   852  C CE2 . TRP A 1 105 ? -7.338  -1.511  -5.850  1.00 29.98 ? 105 TRP B CE2 1 
ATOM   853  C CE3 . TRP A 1 105 ? -6.801  -2.900  -3.930  1.00 30.93 ? 105 TRP B CE3 1 
ATOM   854  C CZ2 . TRP A 1 105 ? -7.595  -0.409  -5.034  1.00 28.40 ? 105 TRP B CZ2 1 
ATOM   855  C CZ3 . TRP A 1 105 ? -7.055  -1.793  -3.123  1.00 30.95 ? 105 TRP B CZ3 1 
ATOM   856  C CH2 . TRP A 1 105 ? -7.445  -0.566  -3.681  1.00 28.40 ? 105 TRP B CH2 1 
ATOM   857  N N   . GLN A 1 106 ? -5.337  -4.464  -9.543  1.00 34.51 ? 106 GLN B N   1 
ATOM   858  C CA  . GLN A 1 106 ? -4.344  -3.722  -10.312 1.00 36.09 ? 106 GLN B CA  1 
ATOM   859  C C   . GLN A 1 106 ? -4.586  -2.226  -10.178 1.00 40.48 ? 106 GLN B C   1 
ATOM   860  O O   . GLN A 1 106 ? -5.726  -1.756  -10.247 1.00 40.63 ? 106 GLN B O   1 
ATOM   861  C CB  . GLN A 1 106 ? -4.361  -4.138  -11.786 1.00 45.02 ? 106 GLN B CB  1 
ATOM   862  C CG  . GLN A 1 106 ? -2.965  -4.203  -12.417 1.00 46.27 ? 106 GLN B CG  1 
ATOM   863  C CD  . GLN A 1 106 ? -2.990  -4.627  -13.877 1.00 54.51 ? 106 GLN B CD  1 
ATOM   864  O OE1 . GLN A 1 106 ? -3.951  -5.239  -14.344 1.00 64.86 ? 106 GLN B OE1 1 
ATOM   865  N NE2 . GLN A 1 106 ? -1.931  -4.295  -14.607 1.00 57.11 ? 106 GLN B NE2 1 
ATOM   866  N N   . SER A 1 107 ? -3.497  -1.490  -9.962  1.00 33.42 ? 107 SER B N   1 
ATOM   867  C CA  . SER A 1 107 ? -3.533  -0.047  -9.773  1.00 37.13 ? 107 SER B CA  1 
ATOM   868  C C   . SER A 1 107 ? -2.420  0.612   -10.584 1.00 41.85 ? 107 SER B C   1 
ATOM   869  O O   . SER A 1 107 ? -1.316  0.078   -10.690 1.00 38.51 ? 107 SER B O   1 
ATOM   870  C CB  . SER A 1 107 ? -3.365  0.329   -8.297  1.00 36.31 ? 107 SER B CB  1 
ATOM   871  O OG  . SER A 1 107 ? -4.520  0.076   -7.512  1.00 34.79 ? 107 SER B OG  1 
ATOM   872  N N   . LEU A 1 108 ? -2.719  1.780   -11.142 1.00 40.89 ? 108 LEU B N   1 
ATOM   873  C CA  . LEU A 1 108 ? -1.721  2.570   -11.839 1.00 38.79 ? 108 LEU B CA  1 
ATOM   874  C C   . LEU A 1 108 ? -1.337  3.766   -10.995 1.00 40.51 ? 108 LEU B C   1 
ATOM   875  O O   . LEU A 1 108 ? -2.154  4.659   -10.744 1.00 39.65 ? 108 LEU B O   1 
ATOM   876  C CB  . LEU A 1 108 ? -2.241  3.033   -13.199 1.00 44.49 ? 108 LEU B CB  1 
ATOM   877  C CG  . LEU A 1 108 ? -1.231  3.886   -13.967 1.00 44.05 ? 108 LEU B CG  1 
ATOM   878  C CD1 . LEU A 1 108 ? -0.071  3.024   -14.447 1.00 35.49 ? 108 LEU B CD1 1 
ATOM   879  C CD2 . LEU A 1 108 ? -1.916  4.592   -15.132 1.00 46.81 ? 108 LEU B CD2 1 
ATOM   880  N N   . ILE A 1 109 ? -0.086  3.782   -10.553 1.00 39.43 ? 109 ILE B N   1 
ATOM   881  C CA  . ILE A 1 109 ? 0.394   4.841   -9.686  1.00 38.86 ? 109 ILE B CA  1 
ATOM   882  C C   . ILE A 1 109 ? 1.248   5.819   -10.481 1.00 42.88 ? 109 ILE B C   1 
ATOM   883  O O   . ILE A 1 109 ? 2.246   5.431   -11.084 1.00 40.12 ? 109 ILE B O   1 
ATOM   884  C CB  . ILE A 1 109 ? 1.222   4.288   -8.526  1.00 40.58 ? 109 ILE B CB  1 
ATOM   885  C CG1 . ILE A 1 109 ? 0.545   3.050   -7.923  1.00 40.40 ? 109 ILE B CG1 1 
ATOM   886  C CG2 . ILE A 1 109 ? 1.452   5.369   -7.489  1.00 35.51 ? 109 ILE B CG2 1 
ATOM   887  C CD1 . ILE A 1 109 ? 1.282   2.508   -6.709  1.00 37.50 ? 109 ILE B CD1 1 
ATOM   888  N N   . GLU A 1 110 ? 0.855   7.086   -10.473 1.00 45.29 ? 110 GLU B N   1 
ATOM   889  C CA  . GLU A 1 110 ? 1.585   8.095   -11.222 1.00 45.76 ? 110 GLU B CA  1 
ATOM   890  C C   . GLU A 1 110 ? 2.288   9.051   -10.268 1.00 47.89 ? 110 GLU B C   1 
ATOM   891  O O   . GLU A 1 110 ? 1.768   9.354   -9.191  1.00 46.62 ? 110 GLU B O   1 
ATOM   892  C CB  . GLU A 1 110 ? 0.640   8.859   -12.151 1.00 48.73 ? 110 GLU B CB  1 
ATOM   893  C CG  . GLU A 1 110 ? -0.177  7.963   -13.083 1.00 48.85 ? 110 GLU B CG  1 
ATOM   894  C CD  . GLU A 1 110 ? -0.893  8.748   -14.170 1.00 60.56 ? 110 GLU B CD  1 
ATOM   895  O OE1 . GLU A 1 110 ? -1.772  9.582   -13.839 1.00 59.93 ? 110 GLU B OE1 1 
ATOM   896  O OE2 . GLU A 1 110 ? -0.569  8.533   -15.360 1.00 58.88 ? 110 GLU B OE2 1 
ATOM   897  N N   . ALA A 1 111 ? 3.473   9.511   -10.665 1.00 49.89 ? 111 ALA B N   1 
ATOM   898  C CA  . ALA A 1 111 ? 4.218   10.509  -9.902  1.00 52.97 ? 111 ALA B CA  1 
ATOM   899  C C   . ALA A 1 111 ? 3.753   11.920  -10.266 1.00 54.15 ? 111 ALA B C   1 
ATOM   900  O O   . ALA A 1 111 ? 3.322   12.167  -11.391 1.00 55.42 ? 111 ALA B O   1 
ATOM   901  C CB  . ALA A 1 111 ? 5.707   10.362  -10.153 1.00 50.25 ? 111 ALA B CB  1 
ATOM   902  N N   . ALA A 1 112 ? 3.846   12.847  -9.319  1.00 56.12 ? 112 ALA B N   1 
ATOM   903  C CA  . ALA A 1 112 ? 3.417   14.220  -9.576  1.00 59.95 ? 112 ALA B CA  1 
ATOM   904  C C   . ALA A 1 112 ? 4.611   15.147  -9.805  1.00 59.99 ? 112 ALA B C   1 
ATOM   905  O O   . ALA A 1 112 ? 5.759   14.696  -9.899  1.00 60.70 ? 112 ALA B O   1 
ATOM   906  C CB  . ALA A 1 112 ? 2.554   14.732  -8.425  1.00 57.53 ? 112 ALA B CB  1 
ATOM   907  N N   . SER A 1 115 ? 5.960   17.993  -9.818  1.00 60.36 ? 115 SER B N   1 
ATOM   908  C CA  . SER A 1 115 ? 7.082   18.449  -9.000  1.00 66.63 ? 115 SER B CA  1 
ATOM   909  C C   . SER A 1 115 ? 8.316   17.553  -9.182  1.00 63.21 ? 115 SER B C   1 
ATOM   910  O O   . SER A 1 115 ? 8.212   16.448  -9.726  1.00 64.01 ? 115 SER B O   1 
ATOM   911  C CB  . SER A 1 115 ? 6.671   18.509  -7.522  1.00 61.51 ? 115 SER B CB  1 
ATOM   912  O OG  . SER A 1 115 ? 6.365   17.225  -7.004  1.00 61.00 ? 115 SER B OG  1 
ATOM   913  N N   . GLN A 1 116 ? 9.481   18.029  -8.741  1.00 61.51 ? 116 GLN B N   1 
ATOM   914  C CA  . GLN A 1 116 ? 10.720  17.271  -8.930  1.00 55.49 ? 116 GLN B CA  1 
ATOM   915  C C   . GLN A 1 116 ? 11.151  16.509  -7.679  1.00 54.15 ? 116 GLN B C   1 
ATOM   916  O O   . GLN A 1 116 ? 10.939  16.946  -6.547  1.00 55.98 ? 116 GLN B O   1 
ATOM   917  C CB  . GLN A 1 116 ? 11.858  18.189  -9.377  1.00 57.79 ? 116 GLN B CB  1 
ATOM   918  C CG  . GLN A 1 116 ? 11.592  18.918  -10.675 1.00 68.80 ? 116 GLN B CG  1 
ATOM   919  C CD  . GLN A 1 116 ? 11.170  20.356  -10.446 1.00 70.62 ? 116 GLN B CD  1 
ATOM   920  O OE1 . GLN A 1 116 ? 11.135  20.832  -9.308  1.00 67.17 ? 116 GLN B OE1 1 
ATOM   921  N NE2 . GLN A 1 116 ? 10.848  21.060  -11.528 1.00 69.94 ? 116 GLN B NE2 1 
ATOM   922  N N   . MET A 1 117 ? 11.780  15.366  -7.900  1.00 50.48 ? 117 MET B N   1 
ATOM   923  C CA  . MET A 1 117 ? 12.096  14.461  -6.810  1.00 48.80 ? 117 MET B CA  1 
ATOM   924  C C   . MET A 1 117 ? 13.518  14.678  -6.289  1.00 38.83 ? 117 MET B C   1 
ATOM   925  O O   . MET A 1 117 ? 14.455  14.874  -7.070  1.00 41.39 ? 117 MET B O   1 
ATOM   926  C CB  . MET A 1 117 ? 11.913  13.013  -7.275  1.00 47.53 ? 117 MET B CB  1 
ATOM   927  C CG  . MET A 1 117 ? 11.325  12.084  -6.224  1.00 46.83 ? 117 MET B CG  1 
ATOM   928  S SD  . MET A 1 117 ? 9.604   11.639  -6.551  1.00 60.29 ? 117 MET B SD  1 
ATOM   929  C CE  . MET A 1 117 ? 9.754   10.872  -8.167  1.00 51.25 ? 117 MET B CE  1 
ATOM   930  N N   . MET A 1 118 ? 13.672  14.660  -4.969  1.00 38.81 ? 118 MET B N   1 
ATOM   931  C CA  . MET A 1 118 ? 15.007  14.592  -4.361  1.00 33.22 ? 118 MET B CA  1 
ATOM   932  C C   . MET A 1 118 ? 15.713  13.335  -4.850  1.00 28.83 ? 118 MET B C   1 
ATOM   933  O O   . MET A 1 118 ? 15.057  12.373  -5.262  1.00 28.70 ? 118 MET B O   1 
ATOM   934  C CB  . MET A 1 118 ? 14.912  14.584  -2.834  1.00 31.97 ? 118 MET B CB  1 
ATOM   935  C CG  . MET A 1 118 ? 14.747  15.964  -2.196  1.00 32.95 ? 118 MET B CG  1 
ATOM   936  S SD  . MET A 1 118 ? 14.434  15.898  -0.415  1.00 31.18 ? 118 MET B SD  1 
ATOM   937  C CE  . MET A 1 118 ? 12.678  15.497  -0.406  1.00 31.04 ? 118 MET B CE  1 
ATOM   938  N N   . PRO A 1 119 ? 17.054  13.331  -4.801  1.00 31.98 ? 119 PRO B N   1 
ATOM   939  C CA  . PRO A 1 119 ? 17.889  12.179  -5.166  1.00 30.19 ? 119 PRO B CA  1 
ATOM   940  C C   . PRO A 1 119 ? 17.626  10.976  -4.277  1.00 22.41 ? 119 PRO B C   1 
ATOM   941  O O   . PRO A 1 119 ? 17.304  11.175  -3.117  1.00 22.73 ? 119 PRO B O   1 
ATOM   942  C CB  . PRO A 1 119 ? 19.321  12.689  -4.925  1.00 28.82 ? 119 PRO B CB  1 
ATOM   943  C CG  . PRO A 1 119 ? 19.211  14.159  -4.953  1.00 32.11 ? 119 PRO B CG  1 
ATOM   944  C CD  . PRO A 1 119 ? 17.872  14.484  -4.385  1.00 28.32 ? 119 PRO B CD  1 
ATOM   945  N N   . ALA A 1 120 ? 17.800  9.768   -4.801  1.00 25.01 ? 120 ALA B N   1 
ATOM   946  C CA  . ALA A 1 120 ? 17.688  8.546   -4.011  1.00 26.09 ? 120 ALA B CA  1 
ATOM   947  C C   . ALA A 1 120 ? 18.537  8.578   -2.738  1.00 25.53 ? 120 ALA B C   1 
ATOM   948  O O   . ALA A 1 120 ? 18.083  8.125   -1.682  1.00 23.04 ? 120 ALA B O   1 
ATOM   949  C CB  . ALA A 1 120 ? 18.082  7.339   -4.854  1.00 25.41 ? 120 ALA B CB  1 
ATOM   950  N N   . SER A 1 121 ? 19.770  9.079   -2.839  1.00 22.22 ? 121 SER B N   1 
ATOM   951  C CA  . SER A 1 121 ? 20.690  9.052   -1.697  1.00 22.56 ? 121 SER B CA  1 
ATOM   952  C C   . SER A 1 121 ? 20.196  9.902   -0.520  1.00 23.55 ? 121 SER B C   1 
ATOM   953  O O   . SER A 1 121 ? 20.496  9.615   0.652   1.00 23.33 ? 121 SER B O   1 
ATOM   954  C CB  . SER A 1 121 ? 22.096  9.501   -2.122  1.00 27.35 ? 121 SER B CB  1 
ATOM   955  O OG  . SER A 1 121 ? 22.108  10.826  -2.630  1.00 27.00 ? 121 SER B OG  1 
ATOM   956  N N   . VAL A 1 122 ? 19.439  10.949  -0.827  1.00 23.34 ? 122 VAL B N   1 
ATOM   957  C CA  . VAL A 1 122 ? 18.824  11.784  0.203   1.00 22.26 ? 122 VAL B CA  1 
ATOM   958  C C   . VAL A 1 122 ? 17.605  11.097  0.813   1.00 21.51 ? 122 VAL B C   1 
ATOM   959  O O   . VAL A 1 122 ? 17.407  11.105  2.033   1.00 21.78 ? 122 VAL B O   1 
ATOM   960  C CB  . VAL A 1 122 ? 18.410  13.154  -0.380  1.00 24.35 ? 122 VAL B CB  1 
ATOM   961  C CG1 . VAL A 1 122 ? 17.554  13.927  0.610   1.00 22.98 ? 122 VAL B CG1 1 
ATOM   962  C CG2 . VAL A 1 122 ? 19.657  13.964  -0.765  1.00 27.16 ? 122 VAL B CG2 1 
ATOM   963  N N   . LEU A 1 123 ? 16.776  10.513  -0.053  1.00 22.32 ? 123 LEU B N   1 
ATOM   964  C CA  . LEU A 1 123 ? 15.527  9.877   0.350   1.00 23.78 ? 123 LEU B CA  1 
ATOM   965  C C   . LEU A 1 123 ? 15.712  8.605   1.166   1.00 24.41 ? 123 LEU B C   1 
ATOM   966  O O   . LEU A 1 123 ? 14.900  8.305   2.044   1.00 24.88 ? 123 LEU B O   1 
ATOM   967  C CB  . LEU A 1 123 ? 14.694  9.543   -0.894  1.00 23.49 ? 123 LEU B CB  1 
ATOM   968  C CG  . LEU A 1 123 ? 14.229  10.727  -1.741  1.00 23.53 ? 123 LEU B CG  1 
ATOM   969  C CD1 . LEU A 1 123 ? 13.605  10.241  -3.043  1.00 27.45 ? 123 LEU B CD1 1 
ATOM   970  C CD2 . LEU A 1 123 ? 13.253  11.585  -0.931  1.00 23.28 ? 123 LEU B CD2 1 
ATOM   971  N N   . THR A 1 124 ? 16.770  7.847   0.880   1.00 24.69 ? 124 THR B N   1 
ATOM   972  C CA  . THR A 1 124 ? 16.814  6.452   1.340   1.00 25.47 ? 124 THR B CA  1 
ATOM   973  C C   . THR A 1 124 ? 16.823  6.329   2.868   1.00 24.84 ? 124 THR B C   1 
ATOM   974  O O   . THR A 1 124 ? 17.598  6.990   3.579   1.00 22.01 ? 124 THR B O   1 
ATOM   975  C CB  . THR A 1 124 ? 18.029  5.688   0.730   1.00 23.36 ? 124 THR B CB  1 
ATOM   976  O OG1 . THR A 1 124 ? 17.906  4.282   1.025   1.00 23.22 ? 124 THR B OG1 1 
ATOM   977  C CG2 . THR A 1 124 ? 19.357  6.228   1.271   1.00 20.89 ? 124 THR B CG2 1 
ATOM   978  N N   . GLY A 1 125 ? 15.922  5.500   3.384   1.00 23.28 ? 125 GLY B N   1 
ATOM   979  C CA  . GLY A 1 125 ? 15.778  5.363   4.824   1.00 24.27 ? 125 GLY B CA  1 
ATOM   980  C C   . GLY A 1 125 ? 15.007  6.499   5.480   1.00 24.40 ? 125 GLY B C   1 
ATOM   981  O O   . GLY A 1 125 ? 14.661  6.408   6.665   1.00 23.97 ? 125 GLY B O   1 
ATOM   982  N N   . ASN A 1 126 ? 14.741  7.568   4.730   1.00 23.16 ? 126 ASN B N   1 
ATOM   983  C CA  . ASN A 1 126 ? 14.014  8.712   5.278   1.00 24.95 ? 126 ASN B CA  1 
ATOM   984  C C   . ASN A 1 126 ? 12.580  8.768   4.783   1.00 27.25 ? 126 ASN B C   1 
ATOM   985  O O   . ASN A 1 126 ? 11.841  9.685   5.141   1.00 25.70 ? 126 ASN B O   1 
ATOM   986  C CB  . ASN A 1 126 ? 14.724  10.026  4.924   1.00 22.86 ? 126 ASN B CB  1 
ATOM   987  C CG  . ASN A 1 126 ? 16.057  10.173  5.620   1.00 25.32 ? 126 ASN B CG  1 
ATOM   988  O OD1 . ASN A 1 126 ? 16.165  9.983   6.838   1.00 23.05 ? 126 ASN B OD1 1 
ATOM   989  N ND2 . ASN A 1 126 ? 17.086  10.518  4.854   1.00 24.98 ? 126 ASN B ND2 1 
ATOM   990  N N   . VAL A 1 127 ? 12.204  7.814   3.939   1.00 24.67 ? 127 VAL B N   1 
ATOM   991  C CA  . VAL A 1 127 ? 10.842  7.760   3.393   1.00 25.15 ? 127 VAL B CA  1 
ATOM   992  C C   . VAL A 1 127 ? 10.021  6.661   4.084   1.00 28.73 ? 127 VAL B C   1 
ATOM   993  O O   . VAL A 1 127 ? 10.481  5.510   4.202   1.00 22.35 ? 127 VAL B O   1 
ATOM   994  C CB  . VAL A 1 127 ? 10.848  7.509   1.867   1.00 24.26 ? 127 VAL B CB  1 
ATOM   995  C CG1 . VAL A 1 127 ? 9.428   7.207   1.348   1.00 29.34 ? 127 VAL B CG1 1 
ATOM   996  C CG2 . VAL A 1 127 ? 11.464  8.687   1.107   1.00 25.09 ? 127 VAL B CG2 1 
ATOM   997  N N   . ILE A 1 128 ? 8.823   7.037   4.545   1.00 25.73 ? 128 ILE B N   1 
ATOM   998  C CA  . ILE A 1 128 ? 7.841   6.110   5.106   1.00 23.51 ? 128 ILE B CA  1 
ATOM   999  C C   . ILE A 1 128 ? 6.574   6.182   4.248   1.00 27.53 ? 128 ILE B C   1 
ATOM   1000 O O   . ILE A 1 128 ? 6.082   7.275   3.956   1.00 26.53 ? 128 ILE B O   1 
ATOM   1001 C CB  . ILE A 1 128 ? 7.492   6.444   6.588   1.00 22.97 ? 128 ILE B CB  1 
ATOM   1002 C CG1 . ILE A 1 128 ? 8.685   6.209   7.505   1.00 32.47 ? 128 ILE B CG1 1 
ATOM   1003 C CG2 . ILE A 1 128 ? 6.309   5.609   7.083   1.00 30.36 ? 128 ILE B CG2 1 
ATOM   1004 C CD1 . ILE A 1 128 ? 8.913   4.761   7.805   1.00 34.72 ? 128 ILE B CD1 1 
ATOM   1005 N N   . ILE A 1 129 ? 6.076   5.035   3.800   1.00 25.18 ? 129 ILE B N   1 
ATOM   1006 C CA  . ILE A 1 129 ? 4.773   4.976   3.134   1.00 25.67 ? 129 ILE B CA  1 
ATOM   1007 C C   . ILE A 1 129 ? 3.741   4.543   4.145   1.00 28.61 ? 129 ILE B C   1 
ATOM   1008 O O   . ILE A 1 129 ? 3.833   3.438   4.703   1.00 27.09 ? 129 ILE B O   1 
ATOM   1009 C CB  . ILE A 1 129 ? 4.746   3.987   1.974   1.00 28.49 ? 129 ILE B CB  1 
ATOM   1010 C CG1 . ILE A 1 129 ? 5.920   4.223   1.029   1.00 28.31 ? 129 ILE B CG1 1 
ATOM   1011 C CG2 . ILE A 1 129 ? 3.390   4.071   1.227   1.00 28.97 ? 129 ILE B CG2 1 
ATOM   1012 C CD1 . ILE A 1 129 ? 5.840   5.538   0.307   1.00 27.57 ? 129 ILE B CD1 1 
ATOM   1013 N N   . GLU A 1 130 ? 2.776   5.411   4.406   1.00 25.19 ? 130 GLU B N   1 
ATOM   1014 C CA  . GLU A 1 130 ? 1.720   5.104   5.355   1.00 29.30 ? 130 GLU B CA  1 
ATOM   1015 C C   . GLU A 1 130 ? 0.449   4.745   4.577   1.00 30.90 ? 130 GLU B C   1 
ATOM   1016 O O   . GLU A 1 130 ? 0.016   5.490   3.699   1.00 29.45 ? 130 GLU B O   1 
ATOM   1017 C CB  . GLU A 1 130 ? 1.476   6.288   6.298   1.00 27.59 ? 130 GLU B CB  1 
ATOM   1018 C CG  . GLU A 1 130 ? 0.354   6.043   7.292   1.00 33.43 ? 130 GLU B CG  1 
ATOM   1019 C CD  . GLU A 1 130 ? -0.231  7.335   7.869   1.00 40.03 ? 130 GLU B CD  1 
ATOM   1020 O OE1 . GLU A 1 130 ? -1.000  8.037   7.166   1.00 39.76 ? 130 GLU B OE1 1 
ATOM   1021 O OE2 . GLU A 1 130 ? 0.073   7.640   9.037   1.00 43.54 ? 130 GLU B OE2 1 
ATOM   1022 N N   . THR A 1 131 ? -0.129  3.591   4.881   1.00 26.96 ? 131 THR B N   1 
ATOM   1023 C CA  . THR A 1 131 ? -1.316  3.123   4.180   1.00 27.60 ? 131 THR B CA  1 
ATOM   1024 C C   . THR A 1 131 ? -2.454  3.037   5.175   1.00 28.92 ? 131 THR B C   1 
ATOM   1025 O O   . THR A 1 131 ? -2.315  2.407   6.222   1.00 26.05 ? 131 THR B O   1 
ATOM   1026 C CB  . THR A 1 131 ? -1.101  1.744   3.525   1.00 26.02 ? 131 THR B CB  1 
ATOM   1027 O OG1 . THR A 1 131 ? -0.102  1.839   2.500   1.00 25.70 ? 131 THR B OG1 1 
ATOM   1028 C CG2 . THR A 1 131 ? -2.400  1.227   2.908   1.00 24.01 ? 131 THR B CG2 1 
ATOM   1029 N N   . LYS A 1 132 ? -3.568  3.689   4.865   1.00 26.01 ? 132 LYS B N   1 
ATOM   1030 C CA  . LYS A 1 132 ? -4.779  3.541   5.670   1.00 27.07 ? 132 LYS B CA  1 
ATOM   1031 C C   . LYS A 1 132 ? -5.810  2.683   4.923   1.00 28.89 ? 132 LYS B C   1 
ATOM   1032 O O   . LYS A 1 132 ? -6.151  2.953   3.774   1.00 27.83 ? 132 LYS B O   1 
ATOM   1033 C CB  . LYS A 1 132 ? -5.367  4.907   6.038   1.00 27.88 ? 132 LYS B CB  1 
ATOM   1034 C CG  . LYS A 1 132 ? -4.636  5.580   7.189   1.00 33.49 ? 132 LYS B CG  1 
ATOM   1035 C CD  . LYS A 1 132 ? -5.243  6.935   7.540   1.00 38.67 ? 132 LYS B CD  1 
ATOM   1036 C CE  . LYS A 1 132 ? -4.412  7.662   8.600   1.00 42.00 ? 132 LYS B CE  1 
ATOM   1037 N NZ  . LYS A 1 132 ? -4.323  6.914   9.900   1.00 42.08 ? 132 LYS B NZ  1 
ATOM   1038 N N   . PHE A 1 133 ? -6.270  1.637   5.610   1.00 27.90 ? 133 PHE B N   1 
ATOM   1039 C CA  . PHE A 1 133 ? -7.176  0.597   5.117   1.00 27.23 ? 133 PHE B CA  1 
ATOM   1040 C C   . PHE A 1 133 ? -8.595  0.987   5.555   1.00 27.10 ? 133 PHE B C   1 
ATOM   1041 O O   . PHE A 1 133 ? -8.889  1.054   6.760   1.00 24.52 ? 133 PHE B O   1 
ATOM   1042 C CB  . PHE A 1 133 ? -6.683  -0.760  5.692   1.00 26.68 ? 133 PHE B CB  1 
ATOM   1043 C CG  . PHE A 1 133 ? -7.569  -1.968  5.442   1.00 28.61 ? 133 PHE B CG  1 
ATOM   1044 C CD1 . PHE A 1 133 ? -8.789  -1.898  4.773   1.00 24.67 ? 133 PHE B CD1 1 
ATOM   1045 C CD2 . PHE A 1 133 ? -7.146  -3.210  5.917   1.00 28.57 ? 133 PHE B CD2 1 
ATOM   1046 C CE1 . PHE A 1 133 ? -9.573  -3.050  4.596   1.00 30.16 ? 133 PHE B CE1 1 
ATOM   1047 C CE2 . PHE A 1 133 ? -7.917  -4.360  5.740   1.00 30.80 ? 133 PHE B CE2 1 
ATOM   1048 C CZ  . PHE A 1 133 ? -9.127  -4.282  5.076   1.00 28.86 ? 133 PHE B CZ  1 
ATOM   1049 N N   . PHE A 1 134 ? -9.458  1.286   4.578   1.00 29.69 ? 134 PHE B N   1 
ATOM   1050 C CA  . PHE A 1 134 ? -10.846 1.694   4.832   1.00 26.29 ? 134 PHE B CA  1 
ATOM   1051 C C   . PHE A 1 134 ? -11.865 0.723   4.246   1.00 26.75 ? 134 PHE B C   1 
ATOM   1052 O O   . PHE A 1 134 ? -11.658 0.156   3.169   1.00 23.43 ? 134 PHE B O   1 
ATOM   1053 C CB  . PHE A 1 134 ? -11.146 3.073   4.222   1.00 27.82 ? 134 PHE B CB  1 
ATOM   1054 C CG  . PHE A 1 134 ? -10.535 4.221   4.955   1.00 28.24 ? 134 PHE B CG  1 
ATOM   1055 C CD1 . PHE A 1 134 ? -11.177 4.779   6.044   1.00 28.77 ? 134 PHE B CD1 1 
ATOM   1056 C CD2 . PHE A 1 134 ? -9.328  4.772   4.528   1.00 30.05 ? 134 PHE B CD2 1 
ATOM   1057 C CE1 . PHE A 1 134 ? -10.621 5.859   6.721   1.00 33.69 ? 134 PHE B CE1 1 
ATOM   1058 C CE2 . PHE A 1 134 ? -8.771  5.849   5.197   1.00 28.94 ? 134 PHE B CE2 1 
ATOM   1059 C CZ  . PHE A 1 134 ? -9.417  6.395   6.289   1.00 29.57 ? 134 PHE B CZ  1 
ATOM   1060 N N   . ASP A 1 135 ? -12.977 0.550   4.945   1.00 26.03 ? 135 ASP B N   1 
ATOM   1061 C CA  . ASP A 1 135 ? -14.194 0.081   4.292   1.00 31.48 ? 135 ASP B CA  1 
ATOM   1062 C C   . ASP A 1 135 ? -15.144 1.278   4.269   1.00 29.48 ? 135 ASP B C   1 
ATOM   1063 O O   . ASP A 1 135 ? -15.692 1.652   5.304   1.00 28.34 ? 135 ASP B O   1 
ATOM   1064 C CB  . ASP A 1 135 ? -14.815 -1.109  5.025   1.00 32.24 ? 135 ASP B CB  1 
ATOM   1065 C CG  . ASP A 1 135 ? -16.053 -1.657  4.313   1.00 32.47 ? 135 ASP B CG  1 
ATOM   1066 O OD1 . ASP A 1 135 ? -16.514 -1.041  3.330   1.00 32.03 ? 135 ASP B OD1 1 
ATOM   1067 O OD2 . ASP A 1 135 ? -16.565 -2.707  4.737   1.00 37.20 ? 135 ASP B OD2 1 
ATOM   1068 N N   . ASP A 1 136 ? -15.313 1.887   3.096   1.00 31.77 ? 136 ASP B N   1 
ATOM   1069 C CA  . ASP A 1 136 ? -16.041 3.155   2.994   1.00 33.51 ? 136 ASP B CA  1 
ATOM   1070 C C   . ASP A 1 136 ? -15.349 4.187   3.888   1.00 33.12 ? 136 ASP B C   1 
ATOM   1071 O O   . ASP A 1 136 ? -14.191 4.554   3.648   1.00 32.10 ? 136 ASP B O   1 
ATOM   1072 C CB  . ASP A 1 136 ? -17.514 2.978   3.389   1.00 37.38 ? 136 ASP B CB  1 
ATOM   1073 C CG  . ASP A 1 136 ? -18.378 4.195   3.019   1.00 46.58 ? 136 ASP B CG  1 
ATOM   1074 O OD1 . ASP A 1 136 ? -18.251 4.708   1.883   1.00 43.96 ? 136 ASP B OD1 1 
ATOM   1075 O OD2 . ASP A 1 136 ? -19.190 4.632   3.869   1.00 51.80 ? 136 ASP B OD2 1 
ATOM   1076 N N   . ASP A 1 137 ? -16.027 4.623   4.944   1.00 33.66 ? 137 ASP B N   1 
ATOM   1077 C CA  . ASP A 1 137 ? -15.439 5.602   5.860   1.00 35.88 ? 137 ASP B CA  1 
ATOM   1078 C C   . ASP A 1 137 ? -14.945 5.003   7.195   1.00 35.06 ? 137 ASP B C   1 
ATOM   1079 O O   . ASP A 1 137 ? -14.501 5.732   8.073   1.00 33.03 ? 137 ASP B O   1 
ATOM   1080 C CB  . ASP A 1 137 ? -16.442 6.726   6.138   1.00 39.71 ? 137 ASP B CB  1 
ATOM   1081 C CG  . ASP A 1 137 ? -16.453 7.793   5.039   1.00 48.57 ? 137 ASP B CG  1 
ATOM   1082 O OD1 . ASP A 1 137 ? -15.731 7.629   4.026   1.00 49.79 ? 137 ASP B OD1 1 
ATOM   1083 O OD2 . ASP A 1 137 ? -17.192 8.791   5.176   1.00 55.36 ? 137 ASP B OD2 1 
ATOM   1084 N N   . LEU A 1 138 ? -15.009 3.682   7.341   1.00 33.07 ? 138 LEU B N   1 
ATOM   1085 C CA  . LEU A 1 138 ? -14.528 3.016   8.558   1.00 32.95 ? 138 LEU B CA  1 
ATOM   1086 C C   . LEU A 1 138 ? -13.040 2.675   8.445   1.00 27.80 ? 138 LEU B C   1 
ATOM   1087 O O   . LEU A 1 138 ? -12.644 1.935   7.544   1.00 27.67 ? 138 LEU B O   1 
ATOM   1088 C CB  . LEU A 1 138 ? -15.341 1.740   8.821   1.00 31.35 ? 138 LEU B CB  1 
ATOM   1089 C CG  . LEU A 1 138 ? -14.913 0.850   9.991   1.00 28.04 ? 138 LEU B CG  1 
ATOM   1090 C CD1 . LEU A 1 138 ? -15.238 1.526   11.318  1.00 34.16 ? 138 LEU B CD1 1 
ATOM   1091 C CD2 . LEU A 1 138 ? -15.554 -0.538  9.908   1.00 28.66 ? 138 LEU B CD2 1 
ATOM   1092 N N   . LEU A 1 139 ? -12.217 3.204   9.344   1.00 29.26 ? 139 LEU B N   1 
ATOM   1093 C CA  . LEU A 1 139 ? -10.776 2.912   9.304   1.00 26.82 ? 139 LEU B CA  1 
ATOM   1094 C C   . LEU A 1 139 ? -10.479 1.562   9.960   1.00 27.42 ? 139 LEU B C   1 
ATOM   1095 O O   . LEU A 1 139 ? -10.716 1.370   11.154  1.00 29.55 ? 139 LEU B O   1 
ATOM   1096 C CB  . LEU A 1 139 ? -9.981  4.019   9.987   1.00 28.55 ? 139 LEU B CB  1 
ATOM   1097 C CG  . LEU A 1 139 ? -8.464  3.817   10.041  1.00 29.85 ? 139 LEU B CG  1 
ATOM   1098 C CD1 . LEU A 1 139 ? -7.876  3.905   8.649   1.00 30.83 ? 139 LEU B CD1 1 
ATOM   1099 C CD2 . LEU A 1 139 ? -7.808  4.827   10.977  1.00 31.84 ? 139 LEU B CD2 1 
ATOM   1100 N N   . VAL A 1 140 ? -9.993  0.613   9.167   1.00 22.86 ? 140 VAL B N   1 
ATOM   1101 C CA  . VAL A 1 140 ? -9.743  -0.736  9.674   1.00 25.99 ? 140 VAL B CA  1 
ATOM   1102 C C   . VAL A 1 140 ? -8.330  -0.869  10.261  1.00 31.99 ? 140 VAL B C   1 
ATOM   1103 O O   . VAL A 1 140 ? -8.121  -1.557  11.274  1.00 23.78 ? 140 VAL B O   1 
ATOM   1104 C CB  . VAL A 1 140 ? -9.945  -1.784  8.561   1.00 24.89 ? 140 VAL B CB  1 
ATOM   1105 C CG1 . VAL A 1 140 ? -9.632  -3.177  9.074   1.00 27.74 ? 140 VAL B CG1 1 
ATOM   1106 C CG2 . VAL A 1 140 ? -11.387 -1.715  8.028   1.00 26.67 ? 140 VAL B CG2 1 
ATOM   1107 N N   . SER A 1 141 ? -7.360  -0.216  9.630   1.00 27.01 ? 141 SER B N   1 
ATOM   1108 C CA  . SER A 1 141 ? -5.991  -0.239  10.160  1.00 27.88 ? 141 SER B CA  1 
ATOM   1109 C C   . SER A 1 141 ? -5.086  0.766   9.472   1.00 30.76 ? 141 SER B C   1 
ATOM   1110 O O   . SER A 1 141 ? -5.419  1.307   8.421   1.00 25.77 ? 141 SER B O   1 
ATOM   1111 C CB  . SER A 1 141 ? -5.366  -1.632  10.016  1.00 29.81 ? 141 SER B CB  1 
ATOM   1112 O OG  . SER A 1 141 ? -4.986  -1.888  8.668   1.00 29.38 ? 141 SER B OG  1 
ATOM   1113 N N   . THR A 1 142 ? -3.927  0.985   10.084  1.00 30.08 ? 142 THR B N   1 
ATOM   1114 C CA  . THR A 1 142 ? -2.882  1.832   9.539   1.00 30.34 ? 142 THR B CA  1 
ATOM   1115 C C   . THR A 1 142 ? -1.613  1.026   9.555   1.00 28.90 ? 142 THR B C   1 
ATOM   1116 O O   . THR A 1 142 ? -1.271  0.447   10.588  1.00 26.97 ? 142 THR B O   1 
ATOM   1117 C CB  . THR A 1 142 ? -2.685  3.115   10.372  1.00 33.77 ? 142 THR B CB  1 
ATOM   1118 O OG1 . THR A 1 142 ? -3.916  3.839   10.439  1.00 33.42 ? 142 THR B OG1 1 
ATOM   1119 C CG2 . THR A 1 142 ? -1.609  4.003   9.758   1.00 35.36 ? 142 THR B CG2 1 
ATOM   1120 N N   . SER A 1 143 ? -0.914  0.955   8.428   1.00 24.31 ? 143 SER B N   1 
ATOM   1121 C CA  . SER A 1 143 ? 0.389   0.288   8.431   1.00 28.51 ? 143 SER B CA  1 
ATOM   1122 C C   . SER A 1 143 ? 1.477   1.138   7.758   1.00 29.90 ? 143 SER B C   1 
ATOM   1123 O O   . SER A 1 143 ? 1.167   2.083   7.023   1.00 27.51 ? 143 SER B O   1 
ATOM   1124 C CB  . SER A 1 143 ? 0.284   -1.068  7.750   1.00 26.22 ? 143 SER B CB  1 
ATOM   1125 O OG  . SER A 1 143 ? -0.339  -0.935  6.491   1.00 28.95 ? 143 SER B OG  1 
ATOM   1126 N N   . ARG A 1 144 ? 2.740   0.788   8.006   1.00 27.27 ? 144 ARG B N   1 
ATOM   1127 C CA  . ARG A 1 144 ? 3.883   1.574   7.533   1.00 24.33 ? 144 ARG B CA  1 
ATOM   1128 C C   . ARG A 1 144 ? 5.001   0.732   6.947   1.00 28.87 ? 144 ARG B C   1 
ATOM   1129 O O   . ARG A 1 144 ? 5.354   -0.319  7.499   1.00 26.15 ? 144 ARG B O   1 
ATOM   1130 C CB  . ARG A 1 144 ? 4.444   2.423   8.682   1.00 27.61 ? 144 ARG B CB  1 
ATOM   1131 C CG  . ARG A 1 144 ? 3.517   3.549   9.109   1.00 35.28 ? 144 ARG B CG  1 
ATOM   1132 C CD  . ARG A 1 144 ? 3.995   4.231   10.384  1.00 40.01 ? 144 ARG B CD  1 
ATOM   1133 N NE  . ARG A 1 144 ? 3.069   5.297   10.771  1.00 45.85 ? 144 ARG B NE  1 
ATOM   1134 C CZ  . ARG A 1 144 ? 1.895   5.082   11.360  1.00 44.84 ? 144 ARG B CZ  1 
ATOM   1135 N NH1 . ARG A 1 144 ? 1.506   3.840   11.632  1.00 42.37 ? 144 ARG B NH1 1 
ATOM   1136 N NH2 . ARG A 1 144 ? 1.110   6.101   11.679  1.00 41.06 ? 144 ARG B NH2 1 
ATOM   1137 N N   . VAL A 1 145 ? 5.561   1.213   5.838   1.00 22.82 ? 145 VAL B N   1 
ATOM   1138 C CA  . VAL A 1 145 ? 6.751   0.644   5.230   1.00 27.49 ? 145 VAL B CA  1 
ATOM   1139 C C   . VAL A 1 145 ? 7.856   1.698   5.088   1.00 28.49 ? 145 VAL B C   1 
ATOM   1140 O O   . VAL A 1 145 ? 7.632   2.738   4.479   1.00 26.62 ? 145 VAL B O   1 
ATOM   1141 C CB  . VAL A 1 145 ? 6.464   0.066   3.840   1.00 25.21 ? 145 VAL B CB  1 
ATOM   1142 C CG1 . VAL A 1 145 ? 7.723   -0.543  3.277   1.00 25.75 ? 145 VAL B CG1 1 
ATOM   1143 C CG2 . VAL A 1 145 ? 5.361   -0.987  3.908   1.00 29.15 ? 145 VAL B CG2 1 
ATOM   1144 N N   . ARG A 1 146 ? 9.038   1.429   5.638   1.00 22.24 ? 146 ARG B N   1 
ATOM   1145 C CA  . ARG A 1 146 ? 10.191  2.322   5.446   1.00 24.38 ? 146 ARG B CA  1 
ATOM   1146 C C   . ARG A 1 146 ? 10.929  1.905   4.189   1.00 25.52 ? 146 ARG B C   1 
ATOM   1147 O O   . ARG A 1 146 ? 11.217  0.715   3.996   1.00 25.72 ? 146 ARG B O   1 
ATOM   1148 C CB  . ARG A 1 146 ? 11.131  2.279   6.665   1.00 27.44 ? 146 ARG B CB  1 
ATOM   1149 C CG  . ARG A 1 146 ? 12.405  3.147   6.569   1.00 26.95 ? 146 ARG B CG  1 
ATOM   1150 C CD  . ARG A 1 146 ? 13.211  3.113   7.903   1.00 28.42 ? 146 ARG B CD  1 
ATOM   1151 N NE  . ARG A 1 146 ? 14.448  3.912   7.823   1.00 33.50 ? 146 ARG B NE  1 
ATOM   1152 C CZ  . ARG A 1 146 ? 15.539  3.732   8.579   1.00 42.67 ? 146 ARG B CZ  1 
ATOM   1153 N NH1 . ARG A 1 146 ? 15.584  2.759   9.490   1.00 39.85 ? 146 ARG B NH1 1 
ATOM   1154 N NH2 . ARG A 1 146 ? 16.606  4.517   8.415   1.00 36.36 ? 146 ARG B NH2 1 
ATOM   1155 N N   . LEU A 1 147 ? 11.225  2.874   3.325   1.00 23.07 ? 147 LEU B N   1 
ATOM   1156 C CA  . LEU A 1 147 ? 11.833  2.579   2.027   1.00 23.46 ? 147 LEU B CA  1 
ATOM   1157 C C   . LEU A 1 147 ? 13.342  2.851   1.974   1.00 27.66 ? 147 LEU B C   1 
ATOM   1158 O O   . LEU A 1 147 ? 13.825  3.885   2.455   1.00 24.24 ? 147 LEU B O   1 
ATOM   1159 C CB  . LEU A 1 147 ? 11.135  3.387   0.933   1.00 24.46 ? 147 LEU B CB  1 
ATOM   1160 C CG  . LEU A 1 147 ? 10.087  2.654   0.087   1.00 34.42 ? 147 LEU B CG  1 
ATOM   1161 C CD1 . LEU A 1 147 ? 9.212   1.737   0.932   1.00 30.84 ? 147 LEU B CD1 1 
ATOM   1162 C CD2 . LEU A 1 147 ? 9.235   3.654   -0.684  1.00 28.37 ? 147 LEU B CD2 1 
ATOM   1163 N N   . PHE A 1 148 ? 14.075  1.911   1.387   1.00 25.79 ? 148 PHE B N   1 
ATOM   1164 C CA  . PHE A 1 148 ? 15.473  2.126   1.031   1.00 26.64 ? 148 PHE B CA  1 
ATOM   1165 C C   . PHE A 1 148 ? 15.610  2.000   -0.476  1.00 29.15 ? 148 PHE B C   1 
ATOM   1166 O O   . PHE A 1 148 ? 14.993  1.133   -1.095  1.00 29.33 ? 148 PHE B O   1 
ATOM   1167 C CB  . PHE A 1 148 ? 16.384  1.130   1.731   1.00 22.66 ? 148 PHE B CB  1 
ATOM   1168 C CG  . PHE A 1 148 ? 16.172  1.073   3.207   1.00 25.10 ? 148 PHE B CG  1 
ATOM   1169 C CD1 . PHE A 1 148 ? 16.813  1.969   4.045   1.00 25.60 ? 148 PHE B CD1 1 
ATOM   1170 C CD2 . PHE A 1 148 ? 15.315  0.139   3.757   1.00 25.95 ? 148 PHE B CD2 1 
ATOM   1171 C CE1 . PHE A 1 148 ? 16.615  1.929   5.414   1.00 27.96 ? 148 PHE B CE1 1 
ATOM   1172 C CE2 . PHE A 1 148 ? 15.106  0.093   5.126   1.00 28.69 ? 148 PHE B CE2 1 
ATOM   1173 C CZ  . PHE A 1 148 ? 15.762  0.986   5.955   1.00 27.66 ? 148 PHE B CZ  1 
ATOM   1174 N N   . TYR A 1 149 ? 16.384  2.896   -1.074  1.00 24.09 ? 149 TYR B N   1 
ATOM   1175 C CA  . TYR A 1 149 ? 16.578  2.871   -2.517  1.00 30.46 ? 149 TYR B CA  1 
ATOM   1176 C C   . TYR A 1 149 ? 17.993  2.365   -2.802  1.00 32.92 ? 149 TYR B C   1 
ATOM   1177 O O   . TYR A 1 149 ? 18.978  2.940   -2.322  1.00 28.65 ? 149 TYR B O   1 
ATOM   1178 C CB  . TYR A 1 149 ? 16.340  4.262   -3.111  1.00 27.90 ? 149 TYR B CB  1 
ATOM   1179 C CG  . TYR A 1 149 ? 14.976  4.847   -2.778  1.00 30.43 ? 149 TYR B CG  1 
ATOM   1180 C CD1 . TYR A 1 149 ? 14.775  5.578   -1.604  1.00 29.47 ? 149 TYR B CD1 1 
ATOM   1181 C CD2 . TYR A 1 149 ? 13.886  4.658   -3.631  1.00 32.06 ? 149 TYR B CD2 1 
ATOM   1182 C CE1 . TYR A 1 149 ? 13.513  6.116   -1.288  1.00 30.06 ? 149 TYR B CE1 1 
ATOM   1183 C CE2 . TYR A 1 149 ? 12.618  5.194   -3.326  1.00 29.91 ? 149 TYR B CE2 1 
ATOM   1184 C CZ  . TYR A 1 149 ? 12.448  5.922   -2.155  1.00 29.39 ? 149 TYR B CZ  1 
ATOM   1185 O OH  . TYR A 1 149 ? 11.217  6.465   -1.848  1.00 31.91 ? 149 TYR B OH  1 
ATOM   1186 N N   . VAL A 1 150 ? 18.091  1.281   -3.564  1.00 31.71 ? 150 VAL B N   1 
ATOM   1187 C CA  . VAL A 1 150 ? 19.345  0.539   -3.676  1.00 33.80 ? 150 VAL B CA  1 
ATOM   1188 C C   . VAL A 1 150 ? 19.826  0.428   -5.123  1.00 41.08 ? 150 VAL B C   1 
ATOM   1189 O O   . VAL A 1 150 ? 19.022  0.489   -6.059  1.00 43.84 ? 150 VAL B O   1 
ATOM   1190 C CB  . VAL A 1 150 ? 19.197  -0.877  -3.092  1.00 36.34 ? 150 VAL B CB  1 
ATOM   1191 C CG1 . VAL A 1 150 ? 18.792  -0.801  -1.634  1.00 33.97 ? 150 VAL B CG1 1 
ATOM   1192 C CG2 . VAL A 1 150 ? 18.163  -1.664  -3.893  1.00 39.11 ? 150 VAL B CG2 1 
HETATM 1193 C C10 . 8SL B 2 .   ? 3.888   4.001   -3.060  1.00 43.25 ? 201 8SL B C10 1 
HETATM 1194 C C13 . 8SL B 2 .   ? 5.581   -1.658  -0.587  1.00 39.76 ? 201 8SL B C13 1 
HETATM 1195 C C15 . 8SL B 2 .   ? 7.592   -1.765  -1.859  1.00 36.74 ? 201 8SL B C15 1 
HETATM 1196 C C17 . 8SL B 2 .   ? 6.463   0.284   -1.511  1.00 43.91 ? 201 8SL B C17 1 
HETATM 1197 C C20 . 8SL B 2 .   ? -1.193  -3.207  0.483   1.00 38.21 ? 201 8SL B C20 1 
HETATM 1198 C C21 . 8SL B 2 .   ? -2.553  -3.337  0.737   1.00 39.55 ? 201 8SL B C21 1 
HETATM 1199 C C22 . 8SL B 2 .   ? -3.040  -2.948  1.923   1.00 36.74 ? 201 8SL B C22 1 
HETATM 1200 C C24 . 8SL B 2 .   ? -0.827  -2.286  2.640   1.00 36.96 ? 201 8SL B C24 1 
HETATM 1201 C C26 . 8SL B 2 .   ? -4.892  -2.967  3.462   1.00 35.70 ? 201 8SL B C26 1 
HETATM 1202 N N01 . 8SL B 2 .   ? 1.155   -0.499  -1.354  1.00 43.32 ? 201 8SL B N01 1 
HETATM 1203 N N02 . 8SL B 2 .   ? 1.550   0.185   -2.386  1.00 40.14 ? 201 8SL B N02 1 
HETATM 1204 C C03 . 8SL B 2 .   ? 2.734   0.616   -2.142  1.00 41.98 ? 201 8SL B C03 1 
HETATM 1205 N N04 . 8SL B 2 .   ? 3.097   0.189   -0.914  1.00 41.64 ? 201 8SL B N04 1 
HETATM 1206 C C05 . 8SL B 2 .   ? 2.100   -0.480  -0.451  1.00 46.38 ? 201 8SL B C05 1 
HETATM 1207 S S06 . 8SL B 2 .   ? 2.078   -1.180  1.076   1.00 61.75 ? 201 8SL B S06 1 
HETATM 1208 C C07 . 8SL B 2 .   ? 3.559   1.455   -3.137  1.00 41.30 ? 201 8SL B C07 1 
HETATM 1209 C C08 . 8SL B 2 .   ? 2.966   2.886   -3.457  1.00 44.10 ? 201 8SL B C08 1 
HETATM 1210 C C09 . 8SL B 2 .   ? 1.644   3.152   -2.871  1.00 37.60 ? 201 8SL B C09 1 
HETATM 1211 C C11 . 8SL B 2 .   ? 4.305   0.407   -0.166  1.00 42.88 ? 201 8SL B C11 1 
HETATM 1212 C C12 . 8SL B 2 .   ? 5.485   -0.371  -0.773  1.00 41.40 ? 201 8SL B C12 1 
HETATM 1213 C C14 . 8SL B 2 .   ? 6.646   -2.390  -1.150  1.00 39.96 ? 201 8SL B C14 1 
HETATM 1214 C C16 . 8SL B 2 .   ? 7.503   -0.425  -2.052  1.00 40.33 ? 201 8SL B C16 1 
HETATM 1215 C C18 . 8SL B 2 .   ? 1.110   -2.661  1.056   1.00 42.26 ? 201 8SL B C18 1 
HETATM 1216 C C19 . 8SL B 2 .   ? -0.331  -2.674  1.406   1.00 38.91 ? 201 8SL B C19 1 
HETATM 1217 C C23 . 8SL B 2 .   ? -2.153  -2.414  2.904   1.00 34.85 ? 201 8SL B C23 1 
HETATM 1218 O O25 . 8SL B 2 .   ? -4.476  -3.110  2.116   1.00 37.33 ? 201 8SL B O25 1 
HETATM 1219 O O   . HOH C 3 .   ? 7.018   -6.377  -16.532 1.00 55.30 ? 301 HOH B O   1 
HETATM 1220 O O   . HOH C 3 .   ? 1.454   -10.610 -11.426 1.00 46.53 ? 302 HOH B O   1 
HETATM 1221 O O   . HOH C 3 .   ? 18.133  -5.718  5.100   1.00 40.39 ? 303 HOH B O   1 
HETATM 1222 O O   . HOH C 3 .   ? 2.529   -4.566  -11.276 1.00 41.80 ? 304 HOH B O   1 
HETATM 1223 O O   . HOH C 3 .   ? -1.042  -11.503 7.430   1.00 35.57 ? 305 HOH B O   1 
HETATM 1224 O O   . HOH C 3 .   ? -20.636 -5.573  4.627   1.00 47.10 ? 306 HOH B O   1 
HETATM 1225 O O   . HOH C 3 .   ? -8.079  9.864   6.059   1.00 45.69 ? 307 HOH B O   1 
HETATM 1226 O O   . HOH C 3 .   ? 2.837   -1.434  9.898   1.00 24.14 ? 308 HOH B O   1 
HETATM 1227 O O   . HOH C 3 .   ? 0.543   -4.855  -13.392 1.00 51.39 ? 309 HOH B O   1 
HETATM 1228 O O   . HOH C 3 .   ? 5.581   -8.488  0.464   1.00 49.34 ? 310 HOH B O   1 
HETATM 1229 O O   . HOH C 3 .   ? 7.426   15.304  -11.872 1.00 54.82 ? 311 HOH B O   1 
HETATM 1230 O O   . HOH C 3 .   ? 13.470  3.992   -14.329 1.00 40.38 ? 312 HOH B O   1 
HETATM 1231 O O   . HOH C 3 .   ? 2.107   -14.515 1.705   1.00 40.42 ? 313 HOH B O   1 
HETATM 1232 O O   . HOH C 3 .   ? 0.486   0.525   12.512  1.00 34.15 ? 314 HOH B O   1 
HETATM 1233 O O   . HOH C 3 .   ? 9.320   10.048  -11.850 1.00 41.40 ? 315 HOH B O   1 
HETATM 1234 O O   . HOH C 3 .   ? -18.248 3.852   6.196   1.00 40.67 ? 316 HOH B O   1 
HETATM 1235 O O   . HOH C 3 .   ? -9.158  -2.727  13.394  1.00 33.16 ? 317 HOH B O   1 
HETATM 1236 O O   . HOH C 3 .   ? -4.977  -9.656  10.108  1.00 29.69 ? 318 HOH B O   1 
HETATM 1237 O O   . HOH C 3 .   ? -12.470 -6.448  19.667  1.00 53.40 ? 319 HOH B O   1 
HETATM 1238 O O   . HOH C 3 .   ? -3.880  -4.151  7.585   1.00 32.69 ? 320 HOH B O   1 
HETATM 1239 O O   . HOH C 3 .   ? 9.775   -5.838  6.672   1.00 38.57 ? 321 HOH B O   1 
HETATM 1240 O O   . HOH C 3 .   ? -9.021  -1.682  17.747  1.00 49.03 ? 322 HOH B O   1 
HETATM 1241 O O   . HOH C 3 .   ? 1.475   -12.840 3.073   1.00 35.89 ? 323 HOH B O   1 
HETATM 1242 O O   . HOH C 3 .   ? 7.521   4.073   11.695  1.00 46.60 ? 324 HOH B O   1 
HETATM 1243 O O   . HOH C 3 .   ? -7.873  -1.001  -11.682 1.00 48.40 ? 325 HOH B O   1 
HETATM 1244 O O   . HOH C 3 .   ? -17.441 -14.884 6.028   1.00 29.80 ? 326 HOH B O   1 
HETATM 1245 O O   . HOH C 3 .   ? -11.847 -14.155 -6.889  1.00 48.22 ? 327 HOH B O   1 
HETATM 1246 O O   . HOH C 3 .   ? 1.872   -1.003  4.841   1.00 29.96 ? 328 HOH B O   1 
HETATM 1247 O O   . HOH C 3 .   ? 20.609  5.667   -2.681  1.00 34.00 ? 329 HOH B O   1 
HETATM 1248 O O   . HOH C 3 .   ? 13.854  -5.719  -6.959  1.00 51.07 ? 330 HOH B O   1 
HETATM 1249 O O   . HOH C 3 .   ? 13.358  11.231  -10.058 1.00 43.48 ? 331 HOH B O   1 
HETATM 1250 O O   . HOH C 3 .   ? -3.044  -0.570  6.308   1.00 31.13 ? 332 HOH B O   1 
HETATM 1251 O O   . HOH C 3 .   ? 22.578  7.917   1.184   1.00 22.58 ? 333 HOH B O   1 
HETATM 1252 O O   . HOH C 3 .   ? -3.229  -9.548  8.089   1.00 35.17 ? 334 HOH B O   1 
HETATM 1253 O O   . HOH C 3 .   ? -11.186 9.360   4.807   1.00 43.13 ? 335 HOH B O   1 
HETATM 1254 O O   . HOH C 3 .   ? -4.676  9.238   4.794   1.00 36.70 ? 336 HOH B O   1 
HETATM 1255 O O   . HOH C 3 .   ? 2.347   1.206   3.574   1.00 24.92 ? 337 HOH B O   1 
HETATM 1256 O O   . HOH C 3 .   ? 9.444   5.958   -3.888  1.00 44.50 ? 338 HOH B O   1 
HETATM 1257 O O   . HOH C 3 .   ? -9.265  5.985   -1.053  1.00 28.31 ? 339 HOH B O   1 
HETATM 1258 O O   . HOH C 3 .   ? 17.002  7.377   -9.260  1.00 38.15 ? 340 HOH B O   1 
HETATM 1259 O O   . HOH C 3 .   ? -10.483 -17.193 -0.735  1.00 39.77 ? 341 HOH B O   1 
HETATM 1260 O O   . HOH C 3 .   ? 10.171  -6.553  2.459   1.00 45.93 ? 342 HOH B O   1 
HETATM 1261 O O   . HOH C 3 .   ? 22.250  6.538   -4.787  1.00 41.29 ? 343 HOH B O   1 
HETATM 1262 O O   . HOH C 3 .   ? -14.627 -10.240 -4.291  1.00 32.07 ? 344 HOH B O   1 
HETATM 1263 O O   . HOH C 3 .   ? -12.123 2.597   13.243  1.00 44.59 ? 345 HOH B O   1 
HETATM 1264 O O   . HOH C 3 .   ? -17.494 -13.980 8.966   1.00 30.09 ? 346 HOH B O   1 
HETATM 1265 O O   . HOH C 3 .   ? 19.962  -5.373  -1.568  1.00 37.20 ? 347 HOH B O   1 
HETATM 1266 O O   . HOH C 3 .   ? 4.693   -11.330 -8.202  1.00 54.66 ? 348 HOH B O   1 
HETATM 1267 O O   . HOH C 3 .   ? -3.474  -6.960  7.846   1.00 34.95 ? 349 HOH B O   1 
HETATM 1268 O O   . HOH C 3 .   ? -10.923 -9.245  15.872  1.00 30.10 ? 350 HOH B O   1 
HETATM 1269 O O   . HOH C 3 .   ? -18.686 -10.371 6.644   1.00 28.29 ? 351 HOH B O   1 
HETATM 1270 O O   . HOH C 3 .   ? -3.157  -2.664  -6.812  1.00 33.61 ? 352 HOH B O   1 
HETATM 1271 O O   . HOH C 3 .   ? 10.486  16.885  6.582   1.00 27.14 ? 353 HOH B O   1 
HETATM 1272 O O   . HOH C 3 .   ? 11.554  5.230   10.484  1.00 39.88 ? 354 HOH B O   1 
HETATM 1273 O O   . HOH C 3 .   ? -11.819 -9.841  6.427   1.00 26.35 ? 355 HOH B O   1 
HETATM 1274 O O   . HOH C 3 .   ? 18.465  10.464  8.515   1.00 42.55 ? 356 HOH B O   1 
HETATM 1275 O O   . HOH C 3 .   ? 8.585   4.865   -17.250 1.00 46.16 ? 357 HOH B O   1 
HETATM 1276 O O   . HOH C 3 .   ? -6.946  1.290   -8.508  1.00 24.83 ? 358 HOH B O   1 
HETATM 1277 O O   . HOH C 3 .   ? 9.784   -8.185  -15.927 1.00 52.09 ? 359 HOH B O   1 
HETATM 1278 O O   . HOH C 3 .   ? 17.532  14.751  9.581   1.00 31.10 ? 360 HOH B O   1 
HETATM 1279 O O   . HOH C 3 .   ? -15.707 6.509   1.009   1.00 42.29 ? 361 HOH B O   1 
HETATM 1280 O O   . HOH C 3 .   ? 9.028   -11.555 0.282   1.00 41.31 ? 362 HOH B O   1 
HETATM 1281 O O   . HOH C 3 .   ? -18.376 -11.407 11.275  1.00 35.45 ? 363 HOH B O   1 
HETATM 1282 O O   . HOH C 3 .   ? -8.109  -14.270 4.784   1.00 33.49 ? 364 HOH B O   1 
HETATM 1283 O O   . HOH C 3 .   ? 15.234  11.046  -7.848  1.00 37.91 ? 365 HOH B O   1 
HETATM 1284 O O   . HOH C 3 .   ? -4.752  -16.227 2.558   1.00 42.72 ? 366 HOH B O   1 
HETATM 1285 O O   . HOH C 3 .   ? 14.374  9.974   9.153   1.00 34.00 ? 367 HOH B O   1 
HETATM 1286 O O   . HOH C 3 .   ? -14.785 -17.759 7.285   1.00 32.40 ? 368 HOH B O   1 
HETATM 1287 O O   . HOH C 3 .   ? -20.755 4.956   0.376   1.00 48.77 ? 369 HOH B O   1 
HETATM 1288 O O   . HOH C 3 .   ? -1.861  8.292   11.145  1.00 45.86 ? 370 HOH B O   1 
HETATM 1289 O O   . HOH C 3 .   ? -5.468  2.643   12.632  1.00 33.30 ? 371 HOH B O   1 
HETATM 1290 O O   . HOH C 3 .   ? -15.069 -4.820  -6.592  1.00 30.54 ? 372 HOH B O   1 
HETATM 1291 O O   . HOH C 3 .   ? 3.036   1.377   12.149  1.00 43.53 ? 373 HOH B O   1 
HETATM 1292 O O   . HOH C 3 .   ? -2.563  7.572   4.642   1.00 35.20 ? 374 HOH B O   1 
HETATM 1293 O O   . HOH C 3 .   ? -16.667 -16.891 -1.414  1.00 37.74 ? 375 HOH B O   1 
HETATM 1294 O O   . HOH C 3 .   ? -9.373  -11.170 -8.837  1.00 39.89 ? 376 HOH B O   1 
HETATM 1295 O O   . HOH C 3 .   ? -12.990 -12.334 11.081  1.00 32.93 ? 377 HOH B O   1 
HETATM 1296 O O   . HOH C 3 .   ? -5.333  3.163   -10.582 1.00 39.27 ? 378 HOH B O   1 
HETATM 1297 O O   . HOH C 3 .   ? -7.908  -15.041 11.208  1.00 28.76 ? 379 HOH B O   1 
HETATM 1298 O O   . HOH C 3 .   ? 17.832  9.537   -7.818  1.00 33.93 ? 380 HOH B O   1 
HETATM 1299 O O   . HOH C 3 .   ? 1.341   -5.497  16.060  1.00 38.67 ? 381 HOH B O   1 
HETATM 1300 O O   . HOH C 3 .   ? 18.219  7.005   7.770   1.00 36.34 ? 382 HOH B O   1 
HETATM 1301 O O   . HOH C 3 .   ? 12.468  6.256   8.782   1.00 34.24 ? 383 HOH B O   1 
HETATM 1302 O O   . HOH C 3 .   ? -0.300  11.899  -6.486  1.00 47.21 ? 384 HOH B O   1 
HETATM 1303 O O   . HOH C 3 .   ? -4.123  0.070   13.021  1.00 26.60 ? 385 HOH B O   1 
HETATM 1304 O O   . HOH C 3 .   ? -4.830  9.434   -6.261  1.00 28.71 ? 386 HOH B O   1 
HETATM 1305 O O   . HOH C 3 .   ? -1.701  -0.545  -14.394 1.00 42.48 ? 387 HOH B O   1 
HETATM 1306 O O   . HOH C 3 .   ? -8.080  -4.986  -10.899 1.00 32.55 ? 388 HOH B O   1 
HETATM 1307 O O   . HOH C 3 .   ? 2.727   16.550  7.121   1.00 30.88 ? 389 HOH B O   1 
HETATM 1308 O O   . HOH C 3 .   ? -13.302 5.154   11.508  1.00 33.61 ? 390 HOH B O   1 
HETATM 1309 O O   . HOH C 3 .   ? -2.077  7.627   -9.541  1.00 40.02 ? 391 HOH B O   1 
HETATM 1310 O O   . HOH C 3 .   ? 12.618  -5.802  0.060   1.00 23.03 ? 392 HOH B O   1 
HETATM 1311 O O   . HOH C 3 .   ? -15.703 -8.472  -6.067  1.00 40.24 ? 393 HOH B O   1 
HETATM 1312 O O   . HOH C 3 .   ? 21.249  9.214   -5.608  1.00 27.20 ? 394 HOH B O   1 
HETATM 1313 O O   . HOH C 3 .   ? 8.860   16.173  11.504  1.00 50.05 ? 395 HOH B O   1 
HETATM 1314 O O   . HOH C 3 .   ? -18.407 0.491   6.420   1.00 43.05 ? 396 HOH B O   1 
HETATM 1315 O O   . HOH C 3 .   ? 8.760   -1.604  14.648  1.00 40.74 ? 397 HOH B O   1 
HETATM 1316 O O   . HOH C 3 .   ? -2.138  -16.411 -6.342  1.00 42.57 ? 398 HOH B O   1 
HETATM 1317 O O   . HOH C 3 .   ? -8.837  3.351   -7.992  1.00 29.27 ? 399 HOH B O   1 
HETATM 1318 O O   . HOH C 3 .   ? 9.204   9.784   7.372   1.00 27.88 ? 400 HOH B O   1 
HETATM 1319 O O   . HOH C 3 .   ? 8.734   -8.258  1.565   1.00 51.59 ? 401 HOH B O   1 
HETATM 1320 O O   . HOH C 3 .   ? -18.081 4.490   9.212   1.00 44.97 ? 402 HOH B O   1 
HETATM 1321 O O   . HOH C 3 .   ? 15.972  7.457   10.102  1.00 45.98 ? 403 HOH B O   1 
HETATM 1322 O O   . HOH C 3 .   ? 2.979   -13.100 5.737   1.00 35.77 ? 404 HOH B O   1 
HETATM 1323 O O   . HOH C 3 .   ? -15.607 -19.195 -0.539  1.00 51.40 ? 405 HOH B O   1 
HETATM 1324 O O   . HOH C 3 .   ? -11.251 2.968   -9.101  1.00 43.20 ? 406 HOH B O   1 
HETATM 1325 O O   . HOH C 3 .   ? -9.646  0.072   -9.681  1.00 50.79 ? 407 HOH B O   1 
HETATM 1326 O O   . HOH C 3 .   ? -14.386 -12.629 -6.213  1.00 45.17 ? 408 HOH B O   1 
HETATM 1327 O O   . HOH C 3 .   ? 8.473   8.171   -3.412  1.00 41.46 ? 409 HOH B O   1 
HETATM 1328 O O   . HOH C 3 .   ? 11.709  9.238   8.736   1.00 25.78 ? 410 HOH B O   1 
HETATM 1329 O O   . HOH C 3 .   ? -5.823  1.941   -13.070 1.00 59.29 ? 411 HOH B O   1 
HETATM 1330 O O   . HOH C 3 .   ? -21.004 -9.814  10.183  1.00 33.66 ? 412 HOH B O   1 
HETATM 1331 O O   . HOH C 3 .   ? -4.609  -1.045  -13.808 1.00 54.13 ? 413 HOH B O   1 
HETATM 1332 O O   . HOH C 3 .   ? -1.585  -2.108  15.875  1.00 38.36 ? 414 HOH B O   1 
HETATM 1333 O O   . HOH C 3 .   ? -6.577  -2.220  -14.032 1.00 50.01 ? 415 HOH B O   1 
HETATM 1334 O O   . HOH C 3 .   ? -21.916 -7.500  6.085   1.00 30.73 ? 416 HOH B O   1 
HETATM 1335 O O   . HOH C 3 .   ? 7.034   6.389   11.274  1.00 38.47 ? 417 HOH B O   1 
HETATM 1336 O O   . HOH C 3 .   ? 7.079   9.237   9.531   1.00 37.12 ? 418 HOH B O   1 
HETATM 1337 O O   . HOH C 3 .   ? -15.100 -20.571 6.688   1.00 49.37 ? 419 HOH B O   1 
HETATM 1338 O O   . HOH C 3 .   ? -8.107  9.004   8.899   1.00 47.70 ? 420 HOH B O   1 
HETATM 1339 O O   . HOH C 3 .   ? -7.486  -3.089  15.465  1.00 35.61 ? 421 HOH B O   1 
HETATM 1340 O O   . HOH C 3 .   ? 8.032   5.566   -5.004  1.00 37.45 ? 422 HOH B O   1 
HETATM 1341 O O   . HOH C 3 .   ? 17.207  18.278  -4.280  1.00 36.46 ? 423 HOH B O   1 
HETATM 1342 O O   . HOH C 3 .   ? 5.951   6.509   -7.226  1.00 48.31 ? 424 HOH B O   1 
HETATM 1343 O O   . HOH C 3 .   ? 6.796   3.498   -5.720  1.00 52.68 ? 425 HOH B O   1 
# 
